data_5KIN
#
_entry.id   5KIN
#
_cell.length_a   67.697
_cell.length_b   71.160
_cell.length_c   138.682
_cell.angle_alpha   90.000
_cell.angle_beta   101.690
_cell.angle_gamma   90.000
#
_symmetry.space_group_name_H-M   'P 1 21 1'
#
loop_
_entity.id
_entity.type
_entity.pdbx_description
1 polymer 'Tryptophan synthase alpha chain'
2 polymer 'Tryptophan synthase beta chain'
3 non-polymer GLYCEROL
4 water water
#
loop_
_entity_poly.entity_id
_entity_poly.type
_entity_poly.pdbx_seq_one_letter_code
_entity_poly.pdbx_strand_id
1 'polypeptide(L)'
;MPKTLTEKLNAIKAAGKGIFVPYIMAGDHEKGLDGLAETIHFLEDLGVSAIEVGIPFSDPVADGPVIEEAGLRSLAHGTS
TQALVETLKTIETEIPLVIMTYFNPLFQYGVENFVKDLADTAVKGLIIPDLPHEHANFVEPFLANTDIALIPLVSLTTGI
ERQKELIEGAEGFIYAVAINGVTGKSGNYRADLDKHLAQLHQVADIPVLTGFGVSSQADLERFNAVSDGVIVGSKIVKAL
HQGEPIQDFIRQAVAYQK
;
A,C
2 'polypeptide(L)'
;SNAQEPNKDGFYGKFGGRFVPETLMTAVLELEKAYRESQADPSFQEELNQLLRQYVGRETPLYYAKNLTQHIGGAKIYLK
REDLNHTGAH(LLP)INNALGQVWLAKRMGKKKIIAETGAGQHGVATATAAALFNMECTIYMGEEDVKRQALNVFRMELL
GAKVEAVTDGSRVLKDAVNAALRSWVANIDDTHYILGSALGPHPFPEIVRDFQSVIGREAKQQYRDLTGRDLPDALVACV
GGGSNAIGLFHPFVEDESVAMYGTEAAGLGVDTEHHAATLTKGRPGVLHGSLMDVLQDAHGQILEAFSISAGLDYPGIGP
EHSHYHDIKRASYVPVTDEEALEGFQLLSRVEGIIPALESSHAIAFAVKLAKELGPEKSMIVCLSGRGDKDVVQVKDRLE
ADAAKKGEAHA
;
B,D
#
loop_
_chem_comp.id
_chem_comp.type
_chem_comp.name
_chem_comp.formula
GOL non-polymer GLYCEROL 'C3 H8 O3'
#
# COMPACT_ATOMS: atom_id res chain seq x y z
N PRO A 2 -47.87 -44.89 -1.16
CA PRO A 2 -48.94 -43.97 -0.78
C PRO A 2 -48.83 -43.51 0.67
N LYS A 3 -48.27 -42.32 0.88
CA LYS A 3 -48.01 -41.81 2.22
C LYS A 3 -49.20 -40.99 2.72
N THR A 4 -49.16 -40.68 4.02
CA THR A 4 -50.27 -39.99 4.67
C THR A 4 -50.39 -38.56 4.17
N LEU A 5 -49.28 -37.84 4.07
CA LEU A 5 -49.34 -36.42 3.69
C LEU A 5 -49.91 -36.24 2.29
N THR A 6 -49.60 -37.18 1.38
CA THR A 6 -50.12 -37.09 0.03
C THR A 6 -51.64 -37.23 0.02
N GLU A 7 -52.16 -38.22 0.75
CA GLU A 7 -53.59 -38.48 0.72
C GLU A 7 -54.36 -37.44 1.53
N LYS A 8 -53.79 -36.98 2.64
CA LYS A 8 -54.46 -35.95 3.45
C LYS A 8 -54.66 -34.68 2.65
N LEU A 9 -53.68 -34.29 1.85
CA LEU A 9 -53.79 -33.06 1.08
C LEU A 9 -54.60 -33.24 -0.20
N ASN A 10 -54.55 -34.43 -0.80
CA ASN A 10 -55.40 -34.70 -1.96
C ASN A 10 -56.88 -34.67 -1.59
N ALA A 11 -57.20 -34.97 -0.34
CA ALA A 11 -58.60 -34.89 0.10
C ALA A 11 -59.05 -33.45 0.26
N ILE A 12 -58.16 -32.59 0.76
CA ILE A 12 -58.48 -31.16 0.88
C ILE A 12 -58.75 -30.56 -0.49
N LYS A 13 -57.99 -31.00 -1.51
CA LYS A 13 -58.19 -30.50 -2.85
C LYS A 13 -59.48 -31.06 -3.47
N ALA A 14 -59.81 -32.31 -3.17
CA ALA A 14 -61.00 -32.92 -3.73
C ALA A 14 -62.27 -32.38 -3.09
N ALA A 15 -62.19 -31.91 -1.84
CA ALA A 15 -63.35 -31.38 -1.13
C ALA A 15 -63.67 -29.94 -1.52
N GLY A 16 -62.97 -29.36 -2.49
CA GLY A 16 -63.23 -28.00 -2.91
C GLY A 16 -62.59 -26.92 -2.05
N LYS A 17 -61.89 -27.29 -0.99
CA LYS A 17 -61.26 -26.31 -0.11
C LYS A 17 -59.83 -26.04 -0.55
N GLY A 18 -59.29 -24.91 -0.08
CA GLY A 18 -57.93 -24.53 -0.36
C GLY A 18 -57.00 -25.00 0.75
N ILE A 19 -55.87 -25.60 0.34
CA ILE A 19 -54.90 -26.11 1.30
C ILE A 19 -54.24 -24.94 2.02
N PHE A 20 -54.16 -25.04 3.34
CA PHE A 20 -53.61 -23.96 4.17
C PHE A 20 -52.57 -24.58 5.11
N VAL A 21 -51.31 -24.19 4.94
CA VAL A 21 -50.20 -24.74 5.70
C VAL A 21 -49.49 -23.59 6.41
N PRO A 22 -49.74 -23.39 7.70
CA PRO A 22 -48.96 -22.41 8.46
C PRO A 22 -47.54 -22.88 8.68
N TYR A 23 -46.63 -21.90 8.75
CA TYR A 23 -45.21 -22.14 8.97
C TYR A 23 -44.80 -21.49 10.29
N ILE A 24 -44.55 -22.32 11.30
CA ILE A 24 -44.07 -21.86 12.59
C ILE A 24 -42.60 -22.24 12.73
N MET A 25 -41.95 -21.67 13.75
CA MET A 25 -40.57 -21.97 14.09
C MET A 25 -40.56 -22.67 15.44
N ALA A 26 -39.96 -23.86 15.49
CA ALA A 26 -39.92 -24.61 16.75
C ALA A 26 -39.09 -23.87 17.78
N GLY A 27 -39.61 -23.81 19.01
CA GLY A 27 -38.94 -23.11 20.09
C GLY A 27 -39.24 -21.64 20.20
N ASP A 28 -39.90 -21.05 19.20
CA ASP A 28 -40.25 -19.63 19.21
C ASP A 28 -41.51 -19.46 20.05
N HIS A 29 -41.30 -19.36 21.37
CA HIS A 29 -42.39 -19.25 22.32
C HIS A 29 -41.82 -18.71 23.62
N GLU A 30 -42.71 -18.27 24.51
CA GLU A 30 -42.26 -17.83 25.83
C GLU A 30 -41.67 -18.98 26.63
N LYS A 31 -42.30 -20.15 26.57
CA LYS A 31 -41.81 -21.34 27.26
C LYS A 31 -40.83 -22.14 26.43
N GLY A 32 -40.51 -21.69 25.22
CA GLY A 32 -39.62 -22.44 24.35
C GLY A 32 -40.30 -23.61 23.68
N LEU A 33 -39.62 -24.77 23.65
CA LEU A 33 -40.21 -25.96 23.05
C LEU A 33 -41.36 -26.53 23.87
N ASP A 34 -41.53 -26.08 25.12
CA ASP A 34 -42.65 -26.58 25.92
C ASP A 34 -43.98 -26.00 25.44
N GLY A 35 -43.94 -24.84 24.79
CA GLY A 35 -45.11 -24.23 24.19
C GLY A 35 -45.42 -24.71 22.79
N LEU A 36 -44.66 -25.68 22.27
CA LEU A 36 -44.91 -26.19 20.92
C LEU A 36 -46.23 -26.93 20.86
N ALA A 37 -46.53 -27.74 21.88
CA ALA A 37 -47.81 -28.44 21.93
C ALA A 37 -48.96 -27.45 21.97
N GLU A 38 -48.81 -26.37 22.73
CA GLU A 38 -49.84 -25.33 22.76
C GLU A 38 -50.02 -24.67 21.41
N THR A 39 -48.92 -24.46 20.67
CA THR A 39 -49.00 -23.80 19.38
C THR A 39 -49.63 -24.70 18.33
N ILE A 40 -49.26 -25.98 18.31
CA ILE A 40 -49.81 -26.90 17.32
C ILE A 40 -51.29 -27.16 17.58
N HIS A 41 -51.67 -27.29 18.85
CA HIS A 41 -53.08 -27.52 19.17
C HIS A 41 -53.93 -26.28 18.93
N PHE A 42 -53.33 -25.09 19.03
CA PHE A 42 -54.05 -23.87 18.70
C PHE A 42 -54.42 -23.84 17.23
N LEU A 43 -53.47 -24.16 16.35
CA LEU A 43 -53.74 -24.17 14.92
C LEU A 43 -54.60 -25.36 14.49
N GLU A 44 -54.69 -26.40 15.32
CA GLU A 44 -55.49 -27.56 14.96
C GLU A 44 -56.98 -27.25 15.07
N ASP A 45 -57.38 -26.49 16.10
CA ASP A 45 -58.78 -26.09 16.25
C ASP A 45 -59.26 -25.19 15.11
N LEU A 46 -58.36 -24.63 14.32
CA LEU A 46 -58.72 -23.82 13.16
C LEU A 46 -58.83 -24.63 11.88
N GLY A 47 -58.48 -25.91 11.91
CA GLY A 47 -58.69 -26.78 10.78
C GLY A 47 -57.66 -26.67 9.68
N VAL A 48 -56.40 -26.40 10.01
CA VAL A 48 -55.37 -26.23 9.00
C VAL A 48 -55.07 -27.58 8.35
N SER A 49 -54.59 -27.53 7.10
CA SER A 49 -54.31 -28.75 6.35
C SER A 49 -53.08 -29.46 6.90
N ALA A 50 -52.01 -28.71 7.15
CA ALA A 50 -50.79 -29.25 7.74
C ALA A 50 -50.13 -28.14 8.55
N ILE A 51 -48.98 -28.46 9.13
CA ILE A 51 -48.21 -27.50 9.92
C ILE A 51 -46.74 -27.65 9.56
N GLU A 52 -46.13 -26.60 9.03
CA GLU A 52 -44.70 -26.57 8.78
C GLU A 52 -43.99 -26.07 10.03
N VAL A 53 -43.06 -26.87 10.53
CA VAL A 53 -42.31 -26.57 11.75
C VAL A 53 -40.84 -26.46 11.38
N GLY A 54 -40.26 -25.28 11.64
CA GLY A 54 -38.87 -25.04 11.28
C GLY A 54 -37.92 -25.36 12.42
N ILE A 55 -36.75 -25.86 12.06
CA ILE A 55 -35.64 -26.06 12.99
C ILE A 55 -34.69 -24.88 12.84
N PRO A 56 -34.44 -24.10 13.90
CA PRO A 56 -33.62 -22.91 13.75
C PRO A 56 -32.17 -23.25 13.41
N PHE A 57 -31.63 -22.54 12.41
CA PHE A 57 -30.27 -22.74 11.95
C PHE A 57 -29.52 -21.42 12.03
N SER A 58 -28.22 -21.50 12.34
CA SER A 58 -27.42 -20.29 12.57
C SER A 58 -27.18 -19.52 11.28
N ASP A 59 -27.18 -20.20 10.13
CA ASP A 59 -26.89 -19.56 8.84
C ASP A 59 -27.97 -19.92 7.84
N PRO A 60 -29.18 -19.40 8.02
CA PRO A 60 -30.25 -19.68 7.05
C PRO A 60 -29.98 -19.00 5.72
N VAL A 61 -30.48 -19.62 4.65
CA VAL A 61 -30.29 -19.08 3.31
C VAL A 61 -31.60 -18.81 2.58
N ALA A 62 -32.69 -19.47 2.93
CA ALA A 62 -33.97 -19.33 2.24
C ALA A 62 -35.08 -18.92 3.18
N ASP A 63 -34.77 -18.02 4.13
CA ASP A 63 -35.74 -17.53 5.09
C ASP A 63 -35.83 -16.02 5.02
N GLY A 64 -37.03 -15.49 5.20
CA GLY A 64 -37.24 -14.06 5.22
C GLY A 64 -36.80 -13.44 6.53
N PRO A 65 -36.85 -12.12 6.59
CA PRO A 65 -36.41 -11.41 7.81
C PRO A 65 -37.29 -11.72 9.02
N VAL A 66 -38.57 -12.00 8.82
CA VAL A 66 -39.44 -12.34 9.94
C VAL A 66 -39.13 -13.75 10.45
N ILE A 67 -38.86 -14.67 9.54
CA ILE A 67 -38.55 -16.05 9.94
C ILE A 67 -37.17 -16.12 10.58
N GLU A 68 -36.18 -15.46 9.99
CA GLU A 68 -34.84 -15.42 10.58
C GLU A 68 -34.87 -14.79 11.96
N GLU A 69 -35.73 -13.78 12.16
CA GLU A 69 -35.85 -13.18 13.48
C GLU A 69 -36.48 -14.13 14.48
N ALA A 70 -37.33 -15.05 14.01
CA ALA A 70 -37.90 -16.07 14.89
C ALA A 70 -36.90 -17.17 15.20
N GLY A 71 -36.02 -17.50 14.25
CA GLY A 71 -35.02 -18.53 14.52
C GLY A 71 -34.03 -18.10 15.59
N LEU A 72 -33.60 -16.84 15.56
CA LEU A 72 -32.72 -16.33 16.61
C LEU A 72 -33.45 -16.26 17.94
N ARG A 73 -34.74 -15.91 17.92
CA ARG A 73 -35.53 -15.92 19.14
C ARG A 73 -35.64 -17.32 19.70
N SER A 74 -35.57 -18.34 18.85
CA SER A 74 -35.69 -19.72 19.29
C SER A 74 -34.36 -20.29 19.76
N LEU A 75 -33.24 -19.78 19.23
CA LEU A 75 -31.94 -20.30 19.62
C LEU A 75 -31.58 -19.91 21.05
N ALA A 76 -32.15 -18.81 21.56
CA ALA A 76 -31.87 -18.39 22.92
C ALA A 76 -32.35 -19.41 23.94
N HIS A 77 -33.53 -19.99 23.71
CA HIS A 77 -34.07 -21.00 24.62
C HIS A 77 -33.35 -22.33 24.53
N GLY A 78 -32.42 -22.49 23.60
CA GLY A 78 -31.68 -23.73 23.47
C GLY A 78 -32.32 -24.76 22.57
N THR A 79 -33.10 -24.33 21.58
CA THR A 79 -33.75 -25.27 20.68
C THR A 79 -32.72 -25.95 19.78
N SER A 80 -32.76 -27.27 19.75
CA SER A 80 -31.88 -28.06 18.90
C SER A 80 -32.70 -29.17 18.26
N THR A 81 -32.11 -29.83 17.26
CA THR A 81 -32.77 -30.95 16.62
C THR A 81 -33.09 -32.05 17.63
N GLN A 82 -32.11 -32.40 18.48
CA GLN A 82 -32.35 -33.40 19.51
C GLN A 82 -33.45 -32.96 20.47
N ALA A 83 -33.48 -31.67 20.80
CA ALA A 83 -34.49 -31.17 21.72
C ALA A 83 -35.88 -31.14 21.09
N LEU A 84 -35.95 -30.97 19.77
CA LEU A 84 -37.25 -30.98 19.10
C LEU A 84 -37.78 -32.40 18.92
N VAL A 85 -36.90 -33.35 18.59
CA VAL A 85 -37.33 -34.74 18.45
C VAL A 85 -37.87 -35.26 19.77
N GLU A 86 -37.24 -34.87 20.88
CA GLU A 86 -37.73 -35.28 22.20
C GLU A 86 -39.10 -34.69 22.48
N THR A 87 -39.34 -33.44 22.06
CA THR A 87 -40.63 -32.82 22.28
C THR A 87 -41.71 -33.44 21.38
N LEU A 88 -41.36 -33.76 20.14
CA LEU A 88 -42.33 -34.34 19.22
C LEU A 88 -42.80 -35.72 19.65
N LYS A 89 -42.04 -36.41 20.50
CA LYS A 89 -42.48 -37.69 21.02
C LYS A 89 -43.65 -37.56 21.99
N THR A 90 -43.85 -36.36 22.55
CA THR A 90 -44.99 -36.10 23.42
C THR A 90 -46.12 -35.36 22.71
N ILE A 91 -45.91 -34.94 21.47
CA ILE A 91 -46.94 -34.24 20.70
C ILE A 91 -47.93 -35.26 20.16
N GLU A 92 -49.20 -35.10 20.52
CA GLU A 92 -50.28 -35.89 19.95
C GLU A 92 -51.22 -34.96 19.20
N THR A 93 -51.40 -35.21 17.91
CA THR A 93 -52.22 -34.35 17.07
C THR A 93 -52.65 -35.12 15.84
N GLU A 94 -53.74 -34.66 15.24
CA GLU A 94 -54.23 -35.22 13.98
C GLU A 94 -53.71 -34.48 12.76
N ILE A 95 -53.11 -33.31 12.96
CA ILE A 95 -52.56 -32.54 11.84
C ILE A 95 -51.21 -33.12 11.46
N PRO A 96 -50.96 -33.39 10.17
CA PRO A 96 -49.62 -33.81 9.76
C PRO A 96 -48.62 -32.67 9.91
N LEU A 97 -47.42 -33.02 10.37
CA LEU A 97 -46.36 -32.04 10.60
C LEU A 97 -45.31 -32.17 9.52
N VAL A 98 -44.91 -31.03 8.94
CA VAL A 98 -43.86 -30.97 7.93
C VAL A 98 -42.66 -30.28 8.56
N ILE A 99 -41.63 -31.05 8.87
CA ILE A 99 -40.44 -30.49 9.53
C ILE A 99 -39.58 -29.80 8.48
N MET A 100 -39.33 -28.51 8.69
CA MET A 100 -38.40 -27.74 7.88
C MET A 100 -37.08 -27.61 8.64
N THR A 101 -35.98 -27.99 7.98
CA THR A 101 -34.67 -27.83 8.58
C THR A 101 -33.63 -27.69 7.48
N TYR A 102 -32.61 -26.88 7.75
CA TYR A 102 -31.44 -26.88 6.88
C TYR A 102 -30.63 -28.14 7.14
N PHE A 103 -29.86 -28.54 6.13
CA PHE A 103 -29.34 -29.90 6.10
C PHE A 103 -28.30 -30.15 7.20
N ASN A 104 -27.59 -29.12 7.66
CA ASN A 104 -26.51 -29.38 8.61
C ASN A 104 -27.03 -29.82 9.97
N PRO A 105 -28.00 -29.14 10.60
CA PRO A 105 -28.58 -29.72 11.83
C PRO A 105 -29.11 -31.13 11.63
N LEU A 106 -29.60 -31.45 10.42
CA LEU A 106 -30.04 -32.80 10.12
C LEU A 106 -28.85 -33.72 9.88
N PHE A 107 -27.81 -33.22 9.20
CA PHE A 107 -26.65 -34.05 8.90
C PHE A 107 -25.92 -34.45 10.18
N GLN A 108 -25.79 -33.53 11.13
CA GLN A 108 -25.11 -33.84 12.39
C GLN A 108 -25.89 -34.85 13.21
N TYR A 109 -27.21 -34.65 13.33
CA TYR A 109 -28.04 -35.55 14.12
C TYR A 109 -28.07 -36.95 13.51
N GLY A 110 -27.86 -37.05 12.19
CA GLY A 110 -28.00 -38.32 11.50
C GLY A 110 -29.34 -38.43 10.82
N VAL A 111 -29.33 -38.62 9.49
CA VAL A 111 -30.58 -38.69 8.75
C VAL A 111 -31.39 -39.90 9.19
N GLU A 112 -30.75 -41.06 9.29
CA GLU A 112 -31.46 -42.26 9.71
C GLU A 112 -31.98 -42.15 11.14
N ASN A 113 -31.15 -41.63 12.04
CA ASN A 113 -31.61 -41.41 13.42
C ASN A 113 -32.80 -40.45 13.46
N PHE A 114 -32.80 -39.46 12.57
CA PHE A 114 -33.90 -38.49 12.54
C PHE A 114 -35.20 -39.16 12.11
N VAL A 115 -35.13 -40.09 11.16
CA VAL A 115 -36.33 -40.77 10.68
C VAL A 115 -36.82 -41.80 11.69
N LYS A 116 -35.91 -42.64 12.19
CA LYS A 116 -36.30 -43.71 13.10
C LYS A 116 -36.90 -43.15 14.39
N ASP A 117 -36.39 -42.02 14.87
CA ASP A 117 -36.86 -41.43 16.12
C ASP A 117 -38.13 -40.62 15.95
N LEU A 118 -38.66 -40.50 14.74
CA LEU A 118 -39.91 -39.76 14.49
C LEU A 118 -40.99 -40.65 13.89
N ALA A 119 -40.83 -41.97 13.93
CA ALA A 119 -41.75 -42.86 13.23
C ALA A 119 -43.15 -42.79 13.83
N ASP A 120 -43.25 -42.84 15.16
CA ASP A 120 -44.54 -42.82 15.84
C ASP A 120 -45.06 -41.42 16.11
N THR A 121 -44.48 -40.40 15.49
CA THR A 121 -44.90 -39.03 15.68
C THR A 121 -45.82 -38.59 14.53
N ALA A 122 -46.21 -37.32 14.55
CA ALA A 122 -47.04 -36.74 13.51
C ALA A 122 -46.22 -36.11 12.39
N VAL A 123 -44.94 -36.48 12.27
CA VAL A 123 -44.08 -35.96 11.21
C VAL A 123 -44.36 -36.74 9.94
N LYS A 124 -44.92 -36.06 8.94
CA LYS A 124 -45.28 -36.69 7.67
C LYS A 124 -44.54 -36.11 6.47
N GLY A 125 -43.93 -34.94 6.61
CA GLY A 125 -43.22 -34.33 5.50
C GLY A 125 -41.92 -33.70 5.97
N LEU A 126 -41.02 -33.50 5.01
CA LEU A 126 -39.70 -32.95 5.31
C LEU A 126 -39.29 -31.99 4.21
N ILE A 127 -38.89 -30.78 4.61
CA ILE A 127 -38.41 -29.76 3.69
C ILE A 127 -36.98 -29.41 4.06
N ILE A 128 -36.07 -29.54 3.11
CA ILE A 128 -34.67 -29.17 3.31
C ILE A 128 -34.27 -28.19 2.22
N PRO A 129 -34.34 -26.88 2.45
CA PRO A 129 -34.15 -25.91 1.35
C PRO A 129 -32.79 -25.98 0.70
N ASP A 130 -31.72 -26.27 1.45
CA ASP A 130 -30.38 -26.28 0.89
C ASP A 130 -29.92 -27.67 0.48
N LEU A 131 -30.84 -28.62 0.31
CA LEU A 131 -30.53 -29.95 -0.20
C LEU A 131 -31.16 -30.11 -1.57
N PRO A 132 -30.42 -29.87 -2.65
CA PRO A 132 -31.00 -29.94 -4.00
C PRO A 132 -31.29 -31.38 -4.40
N HIS A 133 -31.97 -31.49 -5.55
CA HIS A 133 -32.30 -32.80 -6.11
C HIS A 133 -31.05 -33.61 -6.42
N GLU A 134 -29.93 -32.93 -6.72
CA GLU A 134 -28.69 -33.61 -7.05
C GLU A 134 -28.06 -34.33 -5.86
N HIS A 135 -28.52 -34.07 -4.64
CA HIS A 135 -28.01 -34.72 -3.45
C HIS A 135 -29.14 -35.39 -2.66
N ALA A 136 -30.14 -35.91 -3.38
CA ALA A 136 -31.25 -36.59 -2.71
C ALA A 136 -30.81 -37.90 -2.09
N ASN A 137 -29.72 -38.49 -2.59
CA ASN A 137 -29.22 -39.74 -2.04
C ASN A 137 -28.81 -39.63 -0.58
N PHE A 138 -28.59 -38.41 -0.09
CA PHE A 138 -28.29 -38.21 1.33
C PHE A 138 -29.52 -38.38 2.21
N VAL A 139 -30.72 -38.45 1.65
CA VAL A 139 -31.94 -38.47 2.45
C VAL A 139 -32.94 -39.48 1.91
N GLU A 140 -33.19 -39.45 0.60
CA GLU A 140 -34.23 -40.30 0.01
C GLU A 140 -34.09 -41.79 0.32
N PRO A 141 -32.91 -42.42 0.27
CA PRO A 141 -32.84 -43.84 0.66
C PRO A 141 -33.31 -44.11 2.07
N PHE A 142 -33.21 -43.13 2.96
CA PHE A 142 -33.64 -43.31 4.35
C PHE A 142 -35.14 -43.12 4.54
N LEU A 143 -35.86 -42.65 3.53
CA LEU A 143 -37.29 -42.41 3.63
C LEU A 143 -38.13 -43.53 3.03
N ALA A 144 -37.49 -44.55 2.45
CA ALA A 144 -38.23 -45.70 1.98
C ALA A 144 -38.83 -46.47 3.17
N ASN A 145 -40.01 -47.06 2.93
CA ASN A 145 -40.75 -47.79 3.97
C ASN A 145 -41.02 -46.93 5.20
N THR A 146 -41.21 -45.63 5.00
CA THR A 146 -41.58 -44.71 6.06
C THR A 146 -42.77 -43.87 5.61
N ASP A 147 -43.38 -43.17 6.57
CA ASP A 147 -44.52 -42.30 6.30
C ASP A 147 -44.13 -40.84 6.21
N ILE A 148 -42.87 -40.56 5.85
CA ILE A 148 -42.36 -39.19 5.74
C ILE A 148 -42.05 -38.93 4.28
N ALA A 149 -42.66 -37.89 3.73
CA ALA A 149 -42.49 -37.51 2.33
C ALA A 149 -41.48 -36.38 2.22
N LEU A 150 -40.55 -36.51 1.26
CA LEU A 150 -39.57 -35.47 1.00
C LEU A 150 -40.18 -34.45 0.04
N ILE A 151 -40.44 -33.26 0.54
CA ILE A 151 -41.10 -32.21 -0.24
C ILE A 151 -40.11 -31.61 -1.23
N PRO A 152 -40.40 -31.66 -2.53
CA PRO A 152 -39.52 -31.01 -3.50
C PRO A 152 -39.86 -29.54 -3.68
N LEU A 153 -38.83 -28.72 -3.83
CA LEU A 153 -38.97 -27.30 -4.10
C LEU A 153 -38.63 -27.03 -5.56
N VAL A 154 -39.47 -26.26 -6.24
CA VAL A 154 -39.34 -26.01 -7.67
C VAL A 154 -39.41 -24.50 -7.91
N SER A 155 -38.46 -23.98 -8.66
CA SER A 155 -38.44 -22.57 -9.05
C SER A 155 -39.26 -22.39 -10.31
N LEU A 156 -40.28 -21.54 -10.25
CA LEU A 156 -41.23 -21.40 -11.35
C LEU A 156 -40.55 -20.87 -12.62
N THR A 157 -39.48 -20.11 -12.47
CA THR A 157 -38.82 -19.48 -13.61
C THR A 157 -37.87 -20.41 -14.35
N THR A 158 -37.74 -21.65 -13.92
CA THR A 158 -36.84 -22.59 -14.60
C THR A 158 -37.57 -23.29 -15.74
N GLY A 159 -36.81 -24.05 -16.52
CA GLY A 159 -37.39 -24.78 -17.64
C GLY A 159 -38.37 -25.84 -17.19
N ILE A 160 -39.30 -26.18 -18.06
CA ILE A 160 -40.33 -27.16 -17.71
C ILE A 160 -39.73 -28.55 -17.63
N GLU A 161 -38.68 -28.83 -18.41
CA GLU A 161 -38.00 -30.11 -18.30
C GLU A 161 -37.29 -30.24 -16.96
N ARG A 162 -36.76 -29.13 -16.43
CA ARG A 162 -36.16 -29.14 -15.12
C ARG A 162 -37.21 -29.38 -14.03
N GLN A 163 -38.41 -28.84 -14.22
CA GLN A 163 -39.47 -29.01 -13.23
C GLN A 163 -39.97 -30.44 -13.21
N LYS A 164 -40.28 -31.00 -14.38
CA LYS A 164 -40.72 -32.38 -14.47
C LYS A 164 -39.67 -33.35 -13.95
N GLU A 165 -38.40 -32.95 -13.94
CA GLU A 165 -37.35 -33.80 -13.40
C GLU A 165 -37.43 -33.87 -11.88
N LEU A 166 -37.76 -32.75 -11.23
CA LEU A 166 -37.85 -32.71 -9.77
C LEU A 166 -39.16 -33.26 -9.23
N ILE A 167 -40.22 -33.28 -10.06
CA ILE A 167 -41.52 -33.75 -9.61
C ILE A 167 -41.68 -35.26 -9.74
N GLU A 168 -40.87 -35.91 -10.59
CA GLU A 168 -40.96 -37.34 -10.82
C GLU A 168 -40.95 -38.13 -9.51
N GLY A 169 -42.07 -38.80 -9.22
CA GLY A 169 -42.19 -39.63 -8.03
C GLY A 169 -42.37 -38.88 -6.73
N ALA A 170 -42.62 -37.58 -6.78
CA ALA A 170 -42.73 -36.79 -5.56
C ALA A 170 -44.00 -37.14 -4.79
N GLU A 171 -43.90 -37.07 -3.46
CA GLU A 171 -45.02 -37.32 -2.57
C GLU A 171 -45.21 -36.13 -1.64
N GLY A 172 -46.34 -36.13 -0.94
CA GLY A 172 -46.68 -35.02 -0.07
C GLY A 172 -47.29 -33.87 -0.84
N PHE A 173 -46.45 -32.93 -1.27
CA PHE A 173 -46.89 -31.82 -2.10
C PHE A 173 -45.66 -31.22 -2.80
N ILE A 174 -45.90 -30.21 -3.62
CA ILE A 174 -44.84 -29.49 -4.33
C ILE A 174 -44.83 -28.07 -3.83
N TYR A 175 -43.62 -27.56 -3.54
CA TYR A 175 -43.43 -26.22 -3.01
C TYR A 175 -42.97 -25.31 -4.14
N ALA A 176 -43.79 -24.32 -4.47
CA ALA A 176 -43.49 -23.39 -5.55
C ALA A 176 -42.79 -22.16 -4.99
N VAL A 177 -41.59 -21.87 -5.50
CA VAL A 177 -40.82 -20.72 -5.07
C VAL A 177 -40.53 -19.85 -6.29
N ALA A 178 -40.28 -18.58 -6.03
CA ALA A 178 -39.99 -17.61 -7.09
C ALA A 178 -38.89 -16.67 -6.64
N ILE A 179 -37.98 -16.36 -7.55
CA ILE A 179 -36.84 -15.49 -7.26
C ILE A 179 -37.32 -14.09 -6.90
N ARG A 190 -45.98 -9.53 -11.43
CA ARG A 190 -46.63 -10.53 -10.59
C ARG A 190 -47.50 -11.46 -11.43
N ALA A 191 -47.97 -10.96 -12.57
CA ALA A 191 -48.81 -11.75 -13.46
C ALA A 191 -48.01 -12.74 -14.29
N ASP A 192 -46.68 -12.58 -14.38
CA ASP A 192 -45.86 -13.53 -15.12
C ASP A 192 -45.72 -14.86 -14.39
N LEU A 193 -45.92 -14.88 -13.06
CA LEU A 193 -45.80 -16.12 -12.32
C LEU A 193 -47.00 -17.03 -12.54
N ASP A 194 -48.18 -16.46 -12.78
CA ASP A 194 -49.39 -17.27 -12.91
C ASP A 194 -49.29 -18.24 -14.08
N LYS A 195 -48.62 -17.83 -15.15
CA LYS A 195 -48.42 -18.75 -16.28
C LYS A 195 -47.47 -19.88 -15.91
N HIS A 196 -46.43 -19.59 -15.14
CA HIS A 196 -45.49 -20.63 -14.73
C HIS A 196 -46.10 -21.59 -13.73
N LEU A 197 -46.90 -21.08 -12.79
CA LEU A 197 -47.47 -21.92 -11.75
C LEU A 197 -48.62 -22.78 -12.28
N ALA A 198 -49.31 -22.31 -13.32
CA ALA A 198 -50.40 -23.11 -13.89
C ALA A 198 -49.86 -24.22 -14.77
N GLN A 199 -48.78 -23.94 -15.52
CA GLN A 199 -48.11 -24.98 -16.28
C GLN A 199 -47.55 -26.06 -15.38
N LEU A 200 -47.11 -25.69 -14.17
CA LEU A 200 -46.62 -26.67 -13.21
C LEU A 200 -47.77 -27.51 -12.64
N HIS A 201 -48.90 -26.87 -12.32
CA HIS A 201 -50.06 -27.61 -11.87
C HIS A 201 -50.59 -28.55 -12.95
N GLN A 202 -50.31 -28.27 -14.21
CA GLN A 202 -50.78 -29.12 -15.30
C GLN A 202 -50.05 -30.47 -15.31
N VAL A 203 -48.73 -30.46 -15.10
CA VAL A 203 -47.92 -31.67 -15.16
C VAL A 203 -47.67 -32.27 -13.77
N ALA A 204 -48.36 -31.78 -12.75
CA ALA A 204 -48.17 -32.25 -11.39
C ALA A 204 -49.25 -33.27 -11.04
N ASP A 205 -48.83 -34.40 -10.46
CA ASP A 205 -49.77 -35.43 -10.02
C ASP A 205 -50.22 -35.23 -8.58
N ILE A 206 -49.36 -34.67 -7.73
CA ILE A 206 -49.71 -34.39 -6.34
C ILE A 206 -50.07 -32.91 -6.24
N PRO A 207 -50.61 -32.43 -5.13
CA PRO A 207 -50.92 -31.00 -5.03
C PRO A 207 -49.67 -30.14 -5.09
N VAL A 208 -49.84 -28.91 -5.57
CA VAL A 208 -48.79 -27.90 -5.58
C VAL A 208 -49.16 -26.81 -4.60
N LEU A 209 -48.17 -26.31 -3.87
CA LEU A 209 -48.37 -25.28 -2.87
C LEU A 209 -47.50 -24.08 -3.17
N THR A 210 -47.97 -22.90 -2.78
CA THR A 210 -47.29 -21.63 -3.03
C THR A 210 -46.81 -21.08 -1.69
N GLY A 211 -45.50 -20.86 -1.58
CA GLY A 211 -44.92 -20.32 -0.37
C GLY A 211 -44.45 -18.89 -0.52
N PHE A 212 -45.34 -18.00 -0.94
CA PHE A 212 -45.00 -16.59 -1.12
C PHE A 212 -45.40 -15.82 0.14
N GLY A 213 -45.29 -14.51 0.10
CA GLY A 213 -45.60 -13.69 1.25
C GLY A 213 -47.04 -13.20 1.28
N VAL A 214 -47.99 -14.13 1.34
CA VAL A 214 -49.40 -13.77 1.37
C VAL A 214 -49.69 -13.02 2.66
N SER A 215 -50.23 -11.81 2.52
CA SER A 215 -50.54 -10.97 3.68
C SER A 215 -52.03 -10.72 3.88
N SER A 216 -52.84 -10.82 2.83
CA SER A 216 -54.27 -10.60 2.92
C SER A 216 -55.00 -11.77 2.28
N GLN A 217 -56.33 -11.73 2.34
CA GLN A 217 -57.14 -12.79 1.75
C GLN A 217 -57.06 -12.78 0.23
N ALA A 218 -56.83 -11.61 -0.38
CA ALA A 218 -56.73 -11.54 -1.83
C ALA A 218 -55.52 -12.28 -2.36
N ASP A 219 -54.42 -12.29 -1.59
CA ASP A 219 -53.23 -13.01 -2.03
C ASP A 219 -53.45 -14.52 -1.99
N LEU A 220 -54.16 -15.00 -0.97
CA LEU A 220 -54.45 -16.42 -0.88
C LEU A 220 -55.35 -16.87 -2.03
N GLU A 221 -56.29 -16.02 -2.44
CA GLU A 221 -57.21 -16.37 -3.52
C GLU A 221 -56.54 -16.23 -4.89
N ARG A 222 -55.56 -15.34 -5.02
CA ARG A 222 -54.92 -15.12 -6.31
C ARG A 222 -54.18 -16.35 -6.79
N PHE A 223 -53.70 -17.19 -5.86
CA PHE A 223 -52.98 -18.40 -6.21
C PHE A 223 -53.84 -19.65 -6.14
N ASN A 224 -55.04 -19.57 -5.56
CA ASN A 224 -55.94 -20.72 -5.57
C ASN A 224 -56.53 -20.98 -6.95
N ALA A 225 -56.45 -20.01 -7.86
CA ALA A 225 -56.91 -20.21 -9.23
C ALA A 225 -55.90 -20.95 -10.09
N VAL A 226 -54.72 -21.27 -9.54
CA VAL A 226 -53.61 -21.76 -10.36
C VAL A 226 -52.83 -22.82 -9.60
N SER A 227 -52.74 -22.69 -8.28
CA SER A 227 -52.09 -23.67 -7.43
C SER A 227 -53.16 -24.51 -6.72
N ASP A 228 -52.78 -25.16 -5.62
CA ASP A 228 -53.71 -25.95 -4.81
C ASP A 228 -53.74 -25.49 -3.36
N GLY A 229 -53.00 -24.44 -3.02
CA GLY A 229 -52.95 -23.97 -1.65
C GLY A 229 -51.73 -23.12 -1.40
N VAL A 230 -51.73 -22.45 -0.26
CA VAL A 230 -50.70 -21.50 0.11
C VAL A 230 -50.04 -21.94 1.42
N ILE A 231 -48.85 -21.40 1.65
CA ILE A 231 -48.12 -21.59 2.90
C ILE A 231 -47.86 -20.21 3.49
N VAL A 232 -48.30 -20.01 4.73
CA VAL A 232 -48.17 -18.73 5.42
C VAL A 232 -47.20 -18.90 6.57
N GLY A 233 -46.28 -17.96 6.72
CA GLY A 233 -45.30 -18.01 7.79
C GLY A 233 -45.09 -16.67 8.48
N SER A 234 -44.57 -15.70 7.72
CA SER A 234 -44.20 -14.41 8.29
C SER A 234 -45.38 -13.75 8.98
N LYS A 235 -46.53 -13.71 8.31
CA LYS A 235 -47.71 -13.03 8.87
C LYS A 235 -48.15 -13.69 10.17
N ILE A 236 -48.09 -15.02 10.23
CA ILE A 236 -48.55 -15.72 11.43
C ILE A 236 -47.50 -15.70 12.52
N VAL A 237 -46.22 -15.87 12.16
CA VAL A 237 -45.16 -15.83 13.15
C VAL A 237 -45.08 -14.45 13.79
N LYS A 238 -45.17 -13.39 12.98
CA LYS A 238 -45.11 -12.04 13.51
C LYS A 238 -46.32 -11.71 14.37
N ALA A 239 -47.48 -12.29 14.05
CA ALA A 239 -48.69 -11.99 14.82
C ALA A 239 -48.66 -12.68 16.19
N LEU A 240 -48.15 -13.92 16.24
CA LEU A 240 -48.09 -14.63 17.50
C LEU A 240 -47.02 -14.04 18.43
N HIS A 241 -45.99 -13.42 17.85
CA HIS A 241 -44.94 -12.80 18.67
C HIS A 241 -45.42 -11.47 19.25
N GLN A 242 -45.97 -10.60 18.41
CA GLN A 242 -46.41 -9.27 18.84
C GLN A 242 -47.76 -9.29 19.54
N GLY A 243 -48.38 -10.45 19.73
CA GLY A 243 -49.68 -10.53 20.37
C GLY A 243 -50.76 -9.79 19.60
N GLU A 244 -50.92 -10.12 18.33
CA GLU A 244 -51.84 -9.47 17.43
C GLU A 244 -52.89 -10.48 16.95
N PRO A 245 -54.04 -10.00 16.44
CA PRO A 245 -55.07 -10.93 15.98
C PRO A 245 -54.64 -11.68 14.73
N ILE A 246 -54.73 -13.01 14.80
CA ILE A 246 -54.41 -13.88 13.68
C ILE A 246 -55.46 -14.98 13.61
N GLN A 247 -56.17 -15.19 14.72
CA GLN A 247 -57.07 -16.34 14.84
C GLN A 247 -58.24 -16.23 13.86
N ASP A 248 -58.72 -15.01 13.60
CA ASP A 248 -59.80 -14.83 12.64
C ASP A 248 -59.31 -14.90 11.21
N PHE A 249 -58.06 -14.50 10.95
CA PHE A 249 -57.51 -14.59 9.60
C PHE A 249 -57.36 -16.03 9.14
N ILE A 250 -57.06 -16.94 10.07
CA ILE A 250 -56.87 -18.33 9.69
C ILE A 250 -58.20 -19.03 9.45
N ARG A 251 -59.27 -18.61 10.16
CA ARG A 251 -60.57 -19.21 9.95
C ARG A 251 -61.08 -18.95 8.53
N GLN A 252 -61.05 -17.68 8.10
CA GLN A 252 -61.55 -17.33 6.79
C GLN A 252 -60.76 -18.00 5.68
N ALA A 253 -59.47 -18.24 5.90
CA ALA A 253 -58.65 -18.88 4.88
C ALA A 253 -59.00 -20.35 4.71
N VAL A 254 -59.28 -21.04 5.82
CA VAL A 254 -59.65 -22.45 5.74
C VAL A 254 -61.00 -22.62 5.06
N ALA A 255 -61.99 -21.82 5.46
CA ALA A 255 -63.35 -21.96 4.96
C ALA A 255 -63.52 -21.45 3.54
N TYR A 256 -62.47 -20.97 2.88
CA TYR A 256 -62.60 -20.46 1.52
C TYR A 256 -62.96 -21.58 0.56
N GLN A 257 -64.03 -21.37 -0.21
CA GLN A 257 -64.51 -22.35 -1.16
C GLN A 257 -63.99 -22.03 -2.56
N LYS A 258 -63.67 -23.07 -3.31
CA LYS A 258 -63.14 -22.89 -4.67
C LYS A 258 -64.13 -23.40 -5.71
N GLN B 4 -13.05 -38.68 -10.88
CA GLN B 4 -12.14 -37.55 -11.02
C GLN B 4 -12.00 -36.77 -9.72
N GLU B 5 -11.36 -35.61 -9.80
CA GLU B 5 -11.17 -34.73 -8.65
C GLU B 5 -11.32 -33.29 -9.11
N PRO B 6 -12.52 -32.70 -8.98
CA PRO B 6 -13.71 -33.36 -8.42
C PRO B 6 -14.44 -34.18 -9.46
N ASN B 7 -15.36 -35.04 -9.02
CA ASN B 7 -16.14 -35.84 -9.97
C ASN B 7 -17.26 -35.00 -10.56
N LYS B 8 -18.26 -35.65 -11.15
CA LYS B 8 -19.34 -34.92 -11.79
C LYS B 8 -20.24 -34.22 -10.78
N ASP B 9 -20.32 -34.75 -9.56
CA ASP B 9 -21.15 -34.18 -8.50
C ASP B 9 -20.45 -33.08 -7.71
N GLY B 10 -19.19 -32.77 -8.04
CA GLY B 10 -18.47 -31.75 -7.32
C GLY B 10 -17.89 -32.19 -6.00
N PHE B 11 -17.35 -33.41 -5.93
CA PHE B 11 -16.82 -33.97 -4.70
C PHE B 11 -15.33 -34.26 -4.87
N TYR B 12 -14.55 -33.79 -3.90
CA TYR B 12 -13.13 -34.14 -3.79
C TYR B 12 -13.05 -35.22 -2.71
N GLY B 13 -13.08 -36.48 -3.13
CA GLY B 13 -13.21 -37.56 -2.18
C GLY B 13 -14.58 -37.56 -1.52
N LYS B 14 -14.64 -37.12 -0.27
CA LYS B 14 -15.87 -37.11 0.50
C LYS B 14 -16.47 -35.72 0.67
N PHE B 15 -15.80 -34.69 0.16
CA PHE B 15 -16.16 -33.31 0.47
C PHE B 15 -16.48 -32.52 -0.80
N GLY B 16 -17.34 -31.52 -0.64
CA GLY B 16 -17.75 -30.69 -1.75
C GLY B 16 -19.25 -30.63 -1.95
N GLY B 17 -19.70 -30.81 -3.18
CA GLY B 17 -21.11 -30.81 -3.49
C GLY B 17 -21.65 -29.44 -3.83
N ARG B 18 -22.94 -29.44 -4.19
CA ARG B 18 -23.64 -28.22 -4.57
C ARG B 18 -24.86 -28.00 -3.67
N PHE B 19 -24.63 -27.95 -2.36
CA PHE B 19 -25.73 -27.93 -1.38
C PHE B 19 -26.38 -26.54 -1.32
N VAL B 20 -27.04 -26.19 -2.42
CA VAL B 20 -27.70 -24.88 -2.53
C VAL B 20 -29.15 -25.13 -2.91
N PRO B 21 -30.03 -24.18 -2.61
CA PRO B 21 -31.44 -24.31 -3.00
C PRO B 21 -31.60 -24.37 -4.51
N GLU B 22 -32.76 -24.89 -4.94
CA GLU B 22 -33.03 -25.07 -6.36
C GLU B 22 -33.03 -23.75 -7.11
N THR B 23 -33.44 -22.66 -6.45
CA THR B 23 -33.39 -21.34 -7.06
C THR B 23 -31.96 -20.97 -7.46
N LEU B 24 -30.97 -21.48 -6.73
CA LEU B 24 -29.56 -21.20 -7.01
C LEU B 24 -28.91 -22.24 -7.91
N MET B 25 -29.51 -23.43 -8.04
CA MET B 25 -28.89 -24.48 -8.83
C MET B 25 -28.75 -24.10 -10.29
N THR B 26 -29.69 -23.33 -10.84
CA THR B 26 -29.60 -22.94 -12.24
C THR B 26 -28.40 -22.04 -12.48
N ALA B 27 -28.11 -21.12 -11.56
CA ALA B 27 -26.95 -20.25 -11.71
C ALA B 27 -25.66 -21.06 -11.67
N VAL B 28 -25.61 -22.09 -10.81
CA VAL B 28 -24.40 -22.90 -10.69
C VAL B 28 -24.24 -23.82 -11.90
N LEU B 29 -25.36 -24.34 -12.42
CA LEU B 29 -25.28 -25.21 -13.59
C LEU B 29 -24.88 -24.44 -14.84
N GLU B 30 -25.38 -23.21 -14.99
CA GLU B 30 -24.93 -22.35 -16.08
C GLU B 30 -23.46 -22.01 -15.93
N LEU B 31 -23.01 -21.77 -14.69
CA LEU B 31 -21.62 -21.42 -14.46
C LEU B 31 -20.69 -22.55 -14.88
N GLU B 32 -21.01 -23.79 -14.48
CA GLU B 32 -20.15 -24.91 -14.84
C GLU B 32 -20.14 -25.14 -16.35
N LYS B 33 -21.30 -25.01 -17.00
CA LYS B 33 -21.36 -25.17 -18.44
C LYS B 33 -20.45 -24.17 -19.14
N ALA B 34 -20.60 -22.88 -18.81
CA ALA B 34 -19.77 -21.86 -19.46
C ALA B 34 -18.30 -22.03 -19.12
N TYR B 35 -17.99 -22.49 -17.90
CA TYR B 35 -16.59 -22.65 -17.52
C TYR B 35 -15.91 -23.73 -18.35
N ARG B 36 -16.64 -24.81 -18.67
CA ARG B 36 -16.07 -25.82 -19.56
C ARG B 36 -15.80 -25.26 -20.95
N GLU B 37 -16.63 -24.31 -21.40
CA GLU B 37 -16.40 -23.68 -22.69
C GLU B 37 -15.12 -22.86 -22.69
N SER B 38 -14.84 -22.18 -21.57
CA SER B 38 -13.62 -21.38 -21.51
C SER B 38 -12.37 -22.24 -21.46
N GLN B 39 -12.47 -23.46 -20.93
CA GLN B 39 -11.32 -24.35 -20.92
C GLN B 39 -11.06 -24.95 -22.30
N ALA B 40 -12.11 -25.07 -23.12
CA ALA B 40 -11.95 -25.61 -24.46
C ALA B 40 -11.46 -24.58 -25.47
N ASP B 41 -11.61 -23.29 -25.17
CA ASP B 41 -11.21 -22.23 -26.08
C ASP B 41 -9.80 -21.76 -25.74
N PRO B 42 -8.81 -21.98 -26.62
CA PRO B 42 -7.44 -21.58 -26.29
C PRO B 42 -7.28 -20.07 -26.15
N SER B 43 -8.07 -19.27 -26.84
CA SER B 43 -7.94 -17.82 -26.75
C SER B 43 -8.28 -17.30 -25.36
N PHE B 44 -9.05 -18.06 -24.57
CA PHE B 44 -9.42 -17.61 -23.24
C PHE B 44 -8.22 -17.57 -22.30
N GLN B 45 -7.32 -18.55 -22.41
CA GLN B 45 -6.11 -18.54 -21.60
C GLN B 45 -5.06 -17.59 -22.18
N GLU B 46 -4.92 -17.57 -23.50
CA GLU B 46 -3.95 -16.66 -24.12
C GLU B 46 -4.23 -15.21 -23.73
N GLU B 47 -5.51 -14.82 -23.73
CA GLU B 47 -5.86 -13.46 -23.32
C GLU B 47 -5.64 -13.27 -21.82
N LEU B 48 -6.08 -14.24 -21.01
CA LEU B 48 -5.92 -14.13 -19.56
C LEU B 48 -4.46 -14.13 -19.17
N ASN B 49 -3.62 -14.89 -19.89
CA ASN B 49 -2.20 -14.95 -19.57
C ASN B 49 -1.52 -13.61 -19.84
N GLN B 50 -1.95 -12.90 -20.89
CA GLN B 50 -1.31 -11.62 -21.22
C GLN B 50 -1.73 -10.54 -20.24
N LEU B 51 -3.01 -10.52 -19.84
CA LEU B 51 -3.47 -9.51 -18.89
C LEU B 51 -2.81 -9.69 -17.53
N LEU B 52 -2.73 -10.93 -17.05
CA LEU B 52 -2.01 -11.19 -15.80
C LEU B 52 -0.56 -10.72 -15.90
N ARG B 53 0.04 -10.86 -17.08
CA ARG B 53 1.40 -10.38 -17.29
C ARG B 53 1.45 -8.86 -17.34
N GLN B 54 0.65 -8.25 -18.22
CA GLN B 54 0.73 -6.81 -18.44
C GLN B 54 0.13 -6.02 -17.29
N TYR B 55 -1.01 -6.45 -16.77
CA TYR B 55 -1.77 -5.64 -15.82
C TYR B 55 -1.46 -6.00 -14.37
N VAL B 56 -1.44 -7.30 -14.04
CA VAL B 56 -1.21 -7.70 -12.66
C VAL B 56 0.28 -7.70 -12.33
N GLY B 57 1.12 -8.17 -13.27
CA GLY B 57 2.55 -8.13 -13.07
C GLY B 57 3.23 -9.49 -13.05
N ARG B 58 2.51 -10.51 -13.50
CA ARG B 58 3.05 -11.88 -13.50
C ARG B 58 4.08 -12.03 -14.62
N GLU B 59 5.03 -12.95 -14.43
CA GLU B 59 5.15 -13.82 -13.25
C GLU B 59 5.77 -13.11 -12.05
N THR B 60 5.19 -13.33 -10.88
CA THR B 60 5.81 -12.87 -9.65
C THR B 60 7.07 -13.69 -9.37
N PRO B 61 8.13 -13.07 -8.86
CA PRO B 61 9.36 -13.83 -8.62
C PRO B 61 9.22 -14.78 -7.45
N LEU B 62 10.00 -15.86 -7.51
CA LEU B 62 10.24 -16.72 -6.35
C LEU B 62 11.54 -16.24 -5.71
N TYR B 63 11.42 -15.59 -4.55
CA TYR B 63 12.52 -14.88 -3.93
C TYR B 63 13.20 -15.79 -2.89
N TYR B 64 14.49 -16.03 -3.08
CA TYR B 64 15.28 -16.74 -2.08
C TYR B 64 15.56 -15.78 -0.92
N ALA B 65 14.88 -16.00 0.20
CA ALA B 65 15.02 -15.14 1.38
C ALA B 65 16.33 -15.50 2.09
N LYS B 66 17.41 -14.88 1.59
CA LYS B 66 18.75 -15.22 2.07
C LYS B 66 18.92 -14.89 3.55
N ASN B 67 18.57 -13.67 3.95
CA ASN B 67 18.72 -13.27 5.34
C ASN B 67 17.88 -14.13 6.26
N LEU B 68 16.61 -14.36 5.91
CA LEU B 68 15.74 -15.17 6.75
C LEU B 68 16.24 -16.59 6.88
N THR B 69 16.82 -17.13 5.81
CA THR B 69 17.32 -18.50 5.84
C THR B 69 18.51 -18.63 6.78
N GLN B 70 19.47 -17.70 6.68
CA GLN B 70 20.64 -17.74 7.56
C GLN B 70 20.26 -17.38 9.00
N HIS B 71 19.25 -16.53 9.18
CA HIS B 71 18.81 -16.16 10.52
C HIS B 71 18.20 -17.36 11.25
N ILE B 72 17.43 -18.19 10.55
CA ILE B 72 16.85 -19.37 11.19
C ILE B 72 17.87 -20.50 11.28
N GLY B 73 18.78 -20.59 10.32
CA GLY B 73 19.84 -21.58 10.37
C GLY B 73 19.48 -22.94 9.84
N GLY B 74 18.29 -23.11 9.26
CA GLY B 74 17.90 -24.40 8.75
C GLY B 74 17.69 -24.43 7.24
N ALA B 75 16.51 -24.86 6.81
CA ALA B 75 16.24 -25.06 5.39
C ALA B 75 16.26 -23.73 4.64
N LYS B 76 16.53 -23.82 3.35
CA LYS B 76 16.47 -22.65 2.48
C LYS B 76 15.01 -22.26 2.26
N ILE B 77 14.72 -20.98 2.46
CA ILE B 77 13.35 -20.47 2.40
C ILE B 77 13.21 -19.64 1.13
N TYR B 78 12.29 -20.05 0.26
CA TYR B 78 11.97 -19.33 -0.96
C TYR B 78 10.56 -18.78 -0.83
N LEU B 79 10.40 -17.50 -1.12
CA LEU B 79 9.12 -16.80 -0.98
C LEU B 79 8.54 -16.53 -2.37
N LYS B 80 7.38 -17.12 -2.64
CA LYS B 80 6.62 -16.82 -3.84
C LYS B 80 5.90 -15.48 -3.62
N ARG B 81 6.32 -14.46 -4.34
CA ARG B 81 6.04 -13.07 -3.98
C ARG B 81 4.71 -12.59 -4.58
N GLU B 82 3.62 -13.15 -4.04
CA GLU B 82 2.30 -12.67 -4.42
C GLU B 82 2.01 -11.28 -3.89
N ASP B 83 2.82 -10.78 -2.95
CA ASP B 83 2.66 -9.41 -2.48
C ASP B 83 3.00 -8.39 -3.56
N LEU B 84 3.74 -8.80 -4.60
CA LEU B 84 4.11 -7.93 -5.69
C LEU B 84 3.04 -7.83 -6.77
N ASN B 85 1.96 -8.61 -6.67
CA ASN B 85 0.84 -8.45 -7.58
C ASN B 85 0.24 -7.06 -7.44
N HIS B 86 -0.30 -6.56 -8.56
CA HIS B 86 -1.20 -5.42 -8.47
C HIS B 86 -2.34 -5.75 -7.51
N THR B 87 -2.70 -4.77 -6.68
CA THR B 87 -3.61 -4.83 -5.54
C THR B 87 -2.94 -5.45 -4.32
N GLY B 88 -1.73 -6.00 -4.44
CA GLY B 88 -0.95 -6.42 -3.29
C GLY B 88 -1.30 -7.77 -2.71
N ALA B 89 -2.10 -8.58 -3.40
CA ALA B 89 -2.51 -9.87 -2.87
C ALA B 89 -2.77 -10.83 -4.03
N HIS B 90 -3.14 -12.06 -3.68
CA HIS B 90 -3.36 -13.11 -4.67
C HIS B 90 -4.79 -13.12 -5.22
N1 LLP B 91 -4.02 -14.05 2.45
C2 LLP B 91 -4.19 -12.74 2.11
C2' LLP B 91 -3.00 -11.83 2.00
C3 LLP B 91 -5.54 -12.20 1.84
O3 LLP B 91 -5.74 -10.90 1.50
C4 LLP B 91 -6.68 -13.14 1.96
C4' LLP B 91 -8.10 -12.69 1.69
C5 LLP B 91 -6.37 -14.54 2.33
C6 LLP B 91 -5.05 -14.91 2.56
C5' LLP B 91 -7.51 -15.52 2.45
OP4 LLP B 91 -6.99 -16.85 2.30
P LLP B 91 -7.50 -17.73 1.06
OP1 LLP B 91 -6.32 -17.73 0.11
OP2 LLP B 91 -7.82 -19.07 1.69
OP3 LLP B 91 -8.71 -16.99 0.55
N LLP B 91 -5.70 -12.47 -4.49
CA LLP B 91 -7.12 -12.48 -4.83
CB LLP B 91 -7.90 -11.56 -3.88
CG LLP B 91 -8.04 -12.18 -2.49
CD LLP B 91 -8.84 -11.24 -1.57
CE LLP B 91 -9.36 -11.97 -0.35
NZ LLP B 91 -8.32 -12.76 0.27
C LLP B 91 -7.37 -12.03 -6.24
O LLP B 91 -8.31 -12.55 -6.89
N ILE B 92 -6.55 -11.11 -6.74
CA ILE B 92 -6.74 -10.54 -8.07
C ILE B 92 -6.64 -11.61 -9.16
N ASN B 93 -5.85 -12.66 -8.91
CA ASN B 93 -5.77 -13.78 -9.84
C ASN B 93 -7.15 -14.37 -10.09
N ASN B 94 -7.94 -14.55 -9.02
CA ASN B 94 -9.25 -15.18 -9.14
C ASN B 94 -10.31 -14.19 -9.63
N ALA B 95 -10.27 -12.96 -9.13
CA ALA B 95 -11.24 -11.96 -9.56
C ALA B 95 -11.09 -11.66 -11.06
N LEU B 96 -9.84 -11.64 -11.54
CA LEU B 96 -9.62 -11.36 -12.96
C LEU B 96 -10.14 -12.49 -13.83
N GLY B 97 -9.83 -13.73 -13.47
CA GLY B 97 -10.30 -14.86 -14.26
C GLY B 97 -11.81 -14.98 -14.28
N GLN B 98 -12.46 -14.72 -13.14
CA GLN B 98 -13.91 -14.86 -13.08
C GLN B 98 -14.63 -13.73 -13.79
N VAL B 99 -14.08 -12.50 -13.75
CA VAL B 99 -14.68 -11.40 -14.50
C VAL B 99 -14.47 -11.61 -15.99
N TRP B 100 -13.27 -12.06 -16.39
CA TRP B 100 -13.03 -12.40 -17.78
C TRP B 100 -13.90 -13.58 -18.22
N LEU B 101 -14.20 -14.49 -17.31
CA LEU B 101 -15.18 -15.54 -17.60
C LEU B 101 -16.57 -14.95 -17.79
N ALA B 102 -16.93 -13.96 -16.96
CA ALA B 102 -18.23 -13.32 -17.11
C ALA B 102 -18.32 -12.51 -18.40
N LYS B 103 -17.19 -11.95 -18.85
CA LYS B 103 -17.18 -11.25 -20.14
C LYS B 103 -17.50 -12.21 -21.28
N ARG B 104 -16.94 -13.42 -21.21
CA ARG B 104 -17.23 -14.44 -22.22
C ARG B 104 -18.69 -14.87 -22.17
N MET B 105 -19.30 -14.90 -20.99
CA MET B 105 -20.68 -15.32 -20.83
C MET B 105 -21.69 -14.27 -21.27
N GLY B 106 -21.23 -13.10 -21.71
CA GLY B 106 -22.15 -12.03 -22.08
C GLY B 106 -22.74 -11.28 -20.90
N LYS B 107 -22.11 -11.37 -19.73
CA LYS B 107 -22.58 -10.63 -18.57
C LYS B 107 -22.08 -9.18 -18.62
N LYS B 108 -22.78 -8.31 -17.89
CA LYS B 108 -22.42 -6.90 -17.81
C LYS B 108 -22.19 -6.40 -16.40
N LYS B 109 -22.74 -7.10 -15.39
CA LYS B 109 -22.67 -6.66 -14.00
C LYS B 109 -21.90 -7.69 -13.18
N ILE B 110 -21.04 -7.20 -12.30
CA ILE B 110 -20.25 -8.05 -11.40
C ILE B 110 -20.66 -7.73 -9.97
N ILE B 111 -20.87 -8.77 -9.17
CA ILE B 111 -21.22 -8.60 -7.76
C ILE B 111 -20.41 -9.55 -6.90
N ALA B 112 -20.27 -9.18 -5.63
CA ALA B 112 -19.56 -9.98 -4.64
C ALA B 112 -19.86 -9.38 -3.27
N GLU B 113 -19.46 -10.11 -2.22
CA GLU B 113 -19.54 -9.62 -0.86
C GLU B 113 -18.16 -9.69 -0.22
N THR B 114 -17.98 -8.93 0.86
CA THR B 114 -16.70 -8.89 1.56
C THR B 114 -16.91 -8.42 2.99
N GLY B 115 -16.01 -8.86 3.86
CA GLY B 115 -16.04 -8.46 5.25
C GLY B 115 -14.93 -7.49 5.58
N ALA B 116 -13.68 -7.95 5.52
CA ALA B 116 -12.55 -7.05 5.72
C ALA B 116 -12.49 -6.00 4.61
N GLY B 117 -12.78 -6.40 3.38
CA GLY B 117 -12.75 -5.51 2.24
C GLY B 117 -11.77 -5.92 1.16
N GLN B 118 -10.94 -6.93 1.41
CA GLN B 118 -9.91 -7.31 0.45
C GLN B 118 -10.51 -7.89 -0.83
N HIS B 119 -11.43 -8.84 -0.69
CA HIS B 119 -12.08 -9.38 -1.89
C HIS B 119 -12.94 -8.33 -2.57
N GLY B 120 -13.54 -7.41 -1.80
CA GLY B 120 -14.27 -6.33 -2.42
C GLY B 120 -13.39 -5.45 -3.29
N VAL B 121 -12.19 -5.12 -2.79
CA VAL B 121 -11.27 -4.29 -3.57
C VAL B 121 -10.79 -5.03 -4.81
N ALA B 122 -10.44 -6.31 -4.66
CA ALA B 122 -9.95 -7.09 -5.79
C ALA B 122 -11.03 -7.21 -6.87
N THR B 123 -12.26 -7.50 -6.48
CA THR B 123 -13.34 -7.62 -7.45
C THR B 123 -13.61 -6.31 -8.16
N ALA B 124 -13.64 -5.20 -7.41
CA ALA B 124 -13.85 -3.89 -8.03
C ALA B 124 -12.71 -3.53 -8.97
N THR B 125 -11.48 -3.97 -8.67
CA THR B 125 -10.36 -3.73 -9.56
C THR B 125 -10.54 -4.48 -10.88
N ALA B 126 -10.93 -5.75 -10.81
CA ALA B 126 -11.11 -6.54 -12.02
C ALA B 126 -12.26 -6.01 -12.87
N ALA B 127 -13.37 -5.62 -12.24
CA ALA B 127 -14.50 -5.09 -12.98
C ALA B 127 -14.12 -3.82 -13.72
N ALA B 128 -13.35 -2.94 -13.08
CA ALA B 128 -12.92 -1.71 -13.74
C ALA B 128 -12.06 -2.01 -14.96
N LEU B 129 -11.25 -3.06 -14.89
CA LEU B 129 -10.37 -3.41 -16.01
C LEU B 129 -11.17 -3.74 -17.27
N PHE B 130 -12.29 -4.44 -17.11
CA PHE B 130 -13.10 -4.87 -18.24
C PHE B 130 -14.29 -3.96 -18.50
N ASN B 131 -14.33 -2.78 -17.88
N ASN B 131 -14.34 -2.79 -17.86
CA ASN B 131 -15.41 -1.80 -18.08
CA ASN B 131 -15.39 -1.80 -18.07
C ASN B 131 -16.78 -2.41 -17.81
C ASN B 131 -16.77 -2.40 -17.79
N MET B 132 -16.93 -2.97 -16.61
CA MET B 132 -18.17 -3.63 -16.22
C MET B 132 -18.69 -3.05 -14.91
N GLU B 133 -20.01 -2.97 -14.78
CA GLU B 133 -20.63 -2.49 -13.56
C GLU B 133 -20.31 -3.42 -12.40
N CYS B 134 -20.10 -2.84 -11.22
CA CYS B 134 -19.74 -3.63 -10.04
C CYS B 134 -20.50 -3.12 -8.83
N THR B 135 -21.08 -4.05 -8.09
CA THR B 135 -21.72 -3.77 -6.79
C THR B 135 -21.17 -4.75 -5.77
N ILE B 136 -20.62 -4.22 -4.68
CA ILE B 136 -20.05 -5.03 -3.61
C ILE B 136 -20.98 -4.92 -2.40
N TYR B 137 -21.50 -6.06 -1.96
CA TYR B 137 -22.41 -6.11 -0.82
C TYR B 137 -21.60 -6.25 0.46
N MET B 138 -21.87 -5.36 1.42
CA MET B 138 -21.08 -5.27 2.63
C MET B 138 -22.01 -5.00 3.80
N GLY B 139 -21.83 -5.76 4.89
CA GLY B 139 -22.67 -5.55 6.06
C GLY B 139 -22.48 -4.16 6.63
N GLU B 140 -23.58 -3.57 7.10
CA GLU B 140 -23.54 -2.20 7.59
C GLU B 140 -22.56 -2.03 8.74
N GLU B 141 -22.43 -3.05 9.60
CA GLU B 141 -21.45 -2.97 10.67
C GLU B 141 -20.03 -3.02 10.13
N ASP B 142 -19.82 -3.69 8.99
CA ASP B 142 -18.51 -3.64 8.34
C ASP B 142 -18.28 -2.33 7.62
N VAL B 143 -19.34 -1.72 7.07
CA VAL B 143 -19.19 -0.48 6.31
C VAL B 143 -18.76 0.66 7.23
N LYS B 144 -19.33 0.73 8.44
CA LYS B 144 -18.99 1.79 9.37
C LYS B 144 -17.60 1.63 9.97
N ARG B 145 -16.97 0.46 9.79
CA ARG B 145 -15.64 0.19 10.34
C ARG B 145 -14.56 0.13 9.27
N GLN B 146 -14.93 0.04 8.00
CA GLN B 146 -13.94 -0.01 6.92
C GLN B 146 -14.12 1.16 5.96
N ALA B 147 -14.08 2.38 6.48
CA ALA B 147 -14.34 3.55 5.66
C ALA B 147 -13.30 3.71 4.54
N LEU B 148 -12.06 3.24 4.77
CA LEU B 148 -11.02 3.40 3.77
C LEU B 148 -11.20 2.42 2.62
N ASN B 149 -11.52 1.15 2.92
CA ASN B 149 -11.75 0.19 1.85
C ASN B 149 -13.03 0.48 1.09
N VAL B 150 -14.05 1.03 1.77
CA VAL B 150 -15.26 1.44 1.08
C VAL B 150 -14.96 2.59 0.12
N PHE B 151 -14.12 3.52 0.53
CA PHE B 151 -13.70 4.60 -0.38
C PHE B 151 -12.83 4.05 -1.50
N ARG B 152 -11.98 3.06 -1.19
CA ARG B 152 -11.20 2.41 -2.22
C ARG B 152 -12.09 1.80 -3.29
N MET B 153 -13.09 1.02 -2.88
CA MET B 153 -13.99 0.38 -3.84
C MET B 153 -14.76 1.42 -4.65
N GLU B 154 -15.12 2.54 -4.03
CA GLU B 154 -15.80 3.60 -4.76
C GLU B 154 -14.84 4.32 -5.72
N LEU B 155 -13.58 4.47 -5.32
CA LEU B 155 -12.59 5.04 -6.23
C LEU B 155 -12.47 4.20 -7.50
N LEU B 156 -12.56 2.89 -7.37
CA LEU B 156 -12.47 1.98 -8.52
C LEU B 156 -13.77 1.86 -9.30
N GLY B 157 -14.76 2.70 -8.99
CA GLY B 157 -16.00 2.73 -9.74
C GLY B 157 -17.08 1.79 -9.26
N ALA B 158 -16.88 1.10 -8.15
CA ALA B 158 -17.84 0.13 -7.65
C ALA B 158 -18.83 0.78 -6.69
N LYS B 159 -20.06 0.26 -6.70
CA LYS B 159 -21.05 0.66 -5.72
C LYS B 159 -20.96 -0.26 -4.50
N VAL B 160 -20.94 0.34 -3.31
CA VAL B 160 -20.91 -0.40 -2.07
C VAL B 160 -22.33 -0.43 -1.52
N GLU B 161 -22.97 -1.59 -1.59
CA GLU B 161 -24.34 -1.77 -1.10
C GLU B 161 -24.27 -2.13 0.38
N ALA B 162 -24.67 -1.19 1.23
CA ALA B 162 -24.70 -1.44 2.67
C ALA B 162 -25.93 -2.28 2.99
N VAL B 163 -25.70 -3.53 3.41
CA VAL B 163 -26.78 -4.45 3.73
C VAL B 163 -27.29 -4.10 5.13
N THR B 164 -28.52 -3.61 5.20
CA THR B 164 -29.12 -3.20 6.46
C THR B 164 -29.97 -4.29 7.11
N ASP B 165 -30.30 -5.36 6.38
CA ASP B 165 -31.15 -6.40 6.91
C ASP B 165 -30.36 -7.34 7.83
N GLY B 166 -31.10 -8.05 8.68
CA GLY B 166 -30.50 -9.02 9.57
C GLY B 166 -29.55 -8.39 10.57
N SER B 167 -28.57 -9.19 11.00
CA SER B 167 -27.59 -8.75 11.98
C SER B 167 -26.51 -7.85 11.39
N ARG B 168 -26.55 -7.60 10.08
CA ARG B 168 -25.65 -6.66 9.40
C ARG B 168 -24.18 -7.07 9.60
N VAL B 169 -23.86 -8.26 9.11
CA VAL B 169 -22.52 -8.80 9.15
C VAL B 169 -22.23 -9.49 7.82
N LEU B 170 -21.07 -10.14 7.73
CA LEU B 170 -20.70 -10.85 6.51
C LEU B 170 -21.73 -11.92 6.16
N LYS B 171 -22.36 -12.53 7.16
CA LYS B 171 -23.36 -13.56 6.90
C LYS B 171 -24.54 -13.00 6.13
N ASP B 172 -24.96 -11.77 6.45
CA ASP B 172 -26.07 -11.16 5.73
C ASP B 172 -25.66 -10.73 4.33
N ALA B 173 -24.40 -10.32 4.14
CA ALA B 173 -23.95 -9.87 2.83
C ALA B 173 -23.93 -11.00 1.82
N VAL B 174 -23.62 -12.23 2.25
CA VAL B 174 -23.63 -13.37 1.33
C VAL B 174 -25.04 -13.59 0.80
N ASN B 175 -26.04 -13.56 1.68
CA ASN B 175 -27.42 -13.73 1.25
C ASN B 175 -27.84 -12.60 0.31
N ALA B 176 -27.50 -11.35 0.66
CA ALA B 176 -27.87 -10.23 -0.19
C ALA B 176 -27.23 -10.35 -1.56
N ALA B 177 -26.01 -10.88 -1.64
CA ALA B 177 -25.32 -11.02 -2.92
C ALA B 177 -25.86 -12.19 -3.72
N LEU B 178 -26.19 -13.30 -3.07
CA LEU B 178 -26.70 -14.47 -3.79
C LEU B 178 -28.11 -14.23 -4.32
N ARG B 179 -28.96 -13.56 -3.53
CA ARG B 179 -30.28 -13.20 -4.03
C ARG B 179 -30.18 -12.30 -5.25
N SER B 180 -29.21 -11.38 -5.25
CA SER B 180 -29.01 -10.51 -6.40
C SER B 180 -28.56 -11.30 -7.63
N TRP B 181 -27.78 -12.36 -7.41
CA TRP B 181 -27.24 -13.13 -8.53
C TRP B 181 -28.33 -13.88 -9.27
N VAL B 182 -29.26 -14.50 -8.54
CA VAL B 182 -30.31 -15.29 -9.18
C VAL B 182 -31.35 -14.39 -9.83
N ALA B 183 -31.68 -13.26 -9.18
CA ALA B 183 -32.69 -12.37 -9.72
C ALA B 183 -32.26 -11.74 -11.05
N ASN B 184 -30.96 -11.62 -11.27
CA ASN B 184 -30.42 -10.98 -12.46
C ASN B 184 -29.44 -11.91 -13.18
N ILE B 185 -29.74 -13.21 -13.17
CA ILE B 185 -28.83 -14.21 -13.72
C ILE B 185 -28.57 -14.01 -15.20
N ASP B 186 -29.43 -13.27 -15.90
CA ASP B 186 -29.22 -13.05 -17.32
C ASP B 186 -28.07 -12.09 -17.59
N ASP B 187 -27.72 -11.23 -16.63
CA ASP B 187 -26.71 -10.21 -16.86
C ASP B 187 -25.64 -10.10 -15.77
N THR B 188 -25.83 -10.76 -14.63
CA THR B 188 -24.94 -10.61 -13.49
C THR B 188 -24.16 -11.90 -13.23
N HIS B 189 -22.90 -11.75 -12.81
CA HIS B 189 -22.10 -12.86 -12.33
C HIS B 189 -21.61 -12.58 -10.92
N TYR B 190 -21.53 -13.63 -10.11
CA TYR B 190 -21.14 -13.54 -8.71
C TYR B 190 -19.73 -14.10 -8.54
N ILE B 191 -18.85 -13.32 -7.95
CA ILE B 191 -17.46 -13.71 -7.72
C ILE B 191 -17.34 -14.26 -6.31
N LEU B 192 -17.07 -15.56 -6.20
CA LEU B 192 -16.76 -16.13 -4.89
C LEU B 192 -15.30 -15.85 -4.57
N GLY B 193 -15.04 -15.39 -3.35
CA GLY B 193 -13.73 -14.90 -2.97
C GLY B 193 -12.66 -15.96 -2.75
N SER B 194 -13.03 -17.09 -2.17
CA SER B 194 -12.07 -18.13 -1.86
C SER B 194 -12.49 -19.45 -2.49
N ALA B 195 -11.75 -20.51 -2.18
CA ALA B 195 -12.01 -21.86 -2.66
C ALA B 195 -13.10 -22.57 -1.86
N LEU B 196 -14.02 -21.82 -1.27
CA LEU B 196 -15.04 -22.37 -0.40
C LEU B 196 -16.42 -22.02 -0.97
N GLY B 197 -17.19 -23.03 -1.35
CA GLY B 197 -18.49 -22.81 -1.90
C GLY B 197 -19.00 -24.00 -2.69
N PRO B 198 -20.14 -23.84 -3.35
CA PRO B 198 -20.68 -24.94 -4.16
C PRO B 198 -19.90 -25.13 -5.44
N HIS B 199 -19.79 -26.39 -5.86
CA HIS B 199 -19.25 -26.70 -7.17
C HIS B 199 -20.02 -25.92 -8.23
N PRO B 200 -19.35 -25.35 -9.25
CA PRO B 200 -17.93 -25.51 -9.59
C PRO B 200 -17.01 -24.42 -9.05
N PHE B 201 -17.42 -23.70 -8.01
CA PHE B 201 -16.60 -22.57 -7.54
C PHE B 201 -15.25 -23.02 -6.98
N PRO B 202 -15.15 -24.03 -6.09
CA PRO B 202 -13.81 -24.43 -5.63
C PRO B 202 -12.88 -24.86 -6.75
N GLU B 203 -13.40 -25.53 -7.79
CA GLU B 203 -12.55 -25.91 -8.91
C GLU B 203 -12.11 -24.69 -9.71
N ILE B 204 -13.02 -23.75 -9.95
CA ILE B 204 -12.70 -22.56 -10.72
C ILE B 204 -11.65 -21.72 -9.98
N VAL B 205 -11.84 -21.54 -8.68
CA VAL B 205 -10.91 -20.72 -7.90
C VAL B 205 -9.54 -21.38 -7.83
N ARG B 206 -9.50 -22.70 -7.68
CA ARG B 206 -8.23 -23.41 -7.66
C ARG B 206 -7.46 -23.22 -8.97
N ASP B 207 -8.16 -23.26 -10.10
CA ASP B 207 -7.48 -23.21 -11.39
C ASP B 207 -6.95 -21.82 -11.69
N PHE B 208 -7.71 -20.78 -11.33
CA PHE B 208 -7.22 -19.42 -11.52
C PHE B 208 -6.06 -19.11 -10.58
N GLN B 209 -6.05 -19.73 -9.40
CA GLN B 209 -4.98 -19.54 -8.43
C GLN B 209 -3.82 -20.51 -8.63
N SER B 210 -3.95 -21.46 -9.56
CA SER B 210 -2.85 -22.39 -9.79
C SER B 210 -1.66 -21.75 -10.48
N VAL B 211 -1.78 -20.50 -10.92
CA VAL B 211 -0.62 -19.80 -11.47
C VAL B 211 0.47 -19.66 -10.42
N ILE B 212 0.09 -19.65 -9.14
CA ILE B 212 1.07 -19.52 -8.07
C ILE B 212 1.98 -20.74 -8.03
N GLY B 213 1.40 -21.94 -7.89
CA GLY B 213 2.20 -23.14 -7.82
C GLY B 213 2.77 -23.57 -9.17
N ARG B 214 2.09 -23.22 -10.26
CA ARG B 214 2.60 -23.55 -11.58
C ARG B 214 3.86 -22.75 -11.89
N GLU B 215 3.85 -21.45 -11.57
CA GLU B 215 5.05 -20.64 -11.77
C GLU B 215 6.15 -21.05 -10.79
N ALA B 216 5.78 -21.36 -9.54
CA ALA B 216 6.78 -21.68 -8.54
C ALA B 216 7.52 -22.97 -8.86
N LYS B 217 6.84 -23.97 -9.43
CA LYS B 217 7.51 -25.22 -9.77
C LYS B 217 8.61 -25.00 -10.79
N GLN B 218 8.34 -24.24 -11.84
CA GLN B 218 9.35 -23.98 -12.85
C GLN B 218 10.40 -23.00 -12.36
N GLN B 219 9.98 -21.97 -11.60
CA GLN B 219 10.93 -20.99 -11.08
C GLN B 219 11.90 -21.62 -10.10
N TYR B 220 11.45 -22.60 -9.31
CA TYR B 220 12.38 -23.29 -8.42
C TYR B 220 13.45 -24.03 -9.21
N ARG B 221 13.06 -24.66 -10.32
CA ARG B 221 14.03 -25.39 -11.14
C ARG B 221 14.98 -24.43 -11.84
N ASP B 222 14.48 -23.29 -12.33
CA ASP B 222 15.34 -22.34 -13.01
C ASP B 222 16.33 -21.68 -12.05
N LEU B 223 15.91 -21.46 -10.79
CA LEU B 223 16.73 -20.70 -9.86
C LEU B 223 17.80 -21.57 -9.20
N THR B 224 17.48 -22.81 -8.85
CA THR B 224 18.35 -23.65 -8.05
C THR B 224 19.00 -24.78 -8.82
N GLY B 225 18.50 -25.12 -10.00
CA GLY B 225 18.95 -26.31 -10.70
C GLY B 225 18.44 -27.60 -10.13
N ARG B 226 17.79 -27.59 -8.97
CA ARG B 226 17.24 -28.80 -8.38
C ARG B 226 15.86 -29.09 -8.99
N ASP B 227 15.34 -30.26 -8.64
CA ASP B 227 14.11 -30.76 -9.25
C ASP B 227 12.85 -30.24 -8.55
N LEU B 228 12.74 -30.49 -7.26
CA LEU B 228 11.53 -30.16 -6.51
C LEU B 228 11.89 -29.64 -5.13
N PRO B 229 11.06 -28.77 -4.56
CA PRO B 229 11.25 -28.40 -3.16
C PRO B 229 10.82 -29.53 -2.24
N ASP B 230 11.29 -29.45 -1.00
CA ASP B 230 10.94 -30.50 -0.04
C ASP B 230 9.59 -30.25 0.62
N ALA B 231 9.18 -28.98 0.75
CA ALA B 231 7.93 -28.67 1.43
C ALA B 231 7.33 -27.40 0.83
N LEU B 232 6.00 -27.29 0.98
CA LEU B 232 5.25 -26.10 0.63
C LEU B 232 4.48 -25.62 1.83
N VAL B 233 4.54 -24.32 2.11
CA VAL B 233 3.85 -23.72 3.25
C VAL B 233 2.95 -22.61 2.74
N ALA B 234 1.73 -22.54 3.27
CA ALA B 234 0.80 -21.49 2.91
C ALA B 234 -0.24 -21.36 4.01
N CYS B 235 -0.74 -20.14 4.19
CA CYS B 235 -1.81 -19.92 5.15
C CYS B 235 -3.15 -20.26 4.51
N VAL B 236 -4.11 -20.67 5.34
CA VAL B 236 -5.44 -21.06 4.87
C VAL B 236 -6.49 -20.22 5.58
N GLY B 237 -7.33 -19.57 4.79
CA GLY B 237 -8.61 -19.06 5.22
C GLY B 237 -9.71 -19.93 4.65
N GLY B 238 -10.23 -19.57 3.48
CA GLY B 238 -11.04 -20.49 2.71
C GLY B 238 -10.25 -21.49 1.89
N GLY B 239 -9.00 -21.15 1.53
CA GLY B 239 -8.11 -22.11 0.92
C GLY B 239 -7.61 -21.78 -0.47
N SER B 240 -7.89 -20.57 -0.96
CA SER B 240 -7.61 -20.25 -2.36
C SER B 240 -6.11 -20.18 -2.63
N ASN B 241 -5.37 -19.40 -1.84
CA ASN B 241 -3.95 -19.25 -2.11
C ASN B 241 -3.17 -20.52 -1.81
N ALA B 242 -3.65 -21.32 -0.85
CA ALA B 242 -2.95 -22.56 -0.51
C ALA B 242 -3.15 -23.62 -1.59
N ILE B 243 -4.39 -23.80 -2.04
CA ILE B 243 -4.63 -24.82 -3.06
C ILE B 243 -4.01 -24.42 -4.39
N GLY B 244 -3.88 -23.12 -4.66
CA GLY B 244 -3.20 -22.67 -5.86
C GLY B 244 -1.72 -22.96 -5.82
N LEU B 245 -1.13 -22.97 -4.62
CA LEU B 245 0.27 -23.40 -4.48
C LEU B 245 0.38 -24.91 -4.47
N PHE B 246 -0.56 -25.59 -3.83
CA PHE B 246 -0.45 -27.04 -3.64
C PHE B 246 -0.74 -27.80 -4.93
N HIS B 247 -1.81 -27.43 -5.62
CA HIS B 247 -2.35 -28.30 -6.67
C HIS B 247 -1.34 -28.65 -7.77
N PRO B 248 -0.53 -27.74 -8.31
CA PRO B 248 0.45 -28.15 -9.33
C PRO B 248 1.50 -29.14 -8.83
N PHE B 249 1.64 -29.30 -7.51
CA PHE B 249 2.59 -30.25 -6.94
C PHE B 249 1.94 -31.52 -6.43
N VAL B 250 0.63 -31.70 -6.65
CA VAL B 250 -0.09 -32.76 -5.96
C VAL B 250 0.44 -34.13 -6.32
N GLU B 251 0.89 -34.32 -7.55
CA GLU B 251 1.36 -35.63 -8.01
C GLU B 251 2.81 -35.90 -7.66
N ASP B 252 3.49 -34.96 -7.01
CA ASP B 252 4.88 -35.14 -6.62
C ASP B 252 4.89 -35.55 -5.14
N GLU B 253 5.04 -36.86 -4.90
CA GLU B 253 4.94 -37.39 -3.55
C GLU B 253 6.01 -36.83 -2.64
N SER B 254 7.20 -36.54 -3.18
CA SER B 254 8.31 -36.08 -2.35
C SER B 254 8.12 -34.66 -1.83
N VAL B 255 7.07 -33.96 -2.24
CA VAL B 255 6.82 -32.59 -1.85
C VAL B 255 5.79 -32.59 -0.72
N ALA B 256 6.23 -32.20 0.47
CA ALA B 256 5.31 -32.09 1.60
C ALA B 256 4.53 -30.79 1.53
N MET B 257 3.33 -30.80 2.11
CA MET B 257 2.43 -29.66 2.06
C MET B 257 1.95 -29.31 3.45
N TYR B 258 2.02 -28.03 3.80
CA TYR B 258 1.61 -27.54 5.11
C TYR B 258 0.73 -26.31 4.95
N GLY B 259 -0.46 -26.36 5.54
CA GLY B 259 -1.36 -25.23 5.57
C GLY B 259 -1.56 -24.71 6.98
N THR B 260 -1.30 -23.42 7.20
CA THR B 260 -1.30 -22.84 8.54
C THR B 260 -2.66 -22.23 8.83
N GLU B 261 -3.30 -22.70 9.90
CA GLU B 261 -4.60 -22.22 10.33
C GLU B 261 -4.47 -21.15 11.40
N ALA B 262 -5.42 -20.23 11.42
CA ALA B 262 -5.45 -19.19 12.44
C ALA B 262 -5.92 -19.78 13.77
N ALA B 263 -5.04 -19.76 14.77
CA ALA B 263 -5.34 -20.33 16.07
C ALA B 263 -5.77 -19.28 17.10
N GLY B 264 -5.82 -18.01 16.71
CA GLY B 264 -6.34 -16.97 17.59
C GLY B 264 -5.57 -16.87 18.89
N LEU B 265 -6.32 -16.74 19.98
CA LEU B 265 -5.73 -16.74 21.33
C LEU B 265 -5.24 -18.11 21.75
N GLY B 266 -5.60 -19.15 21.02
CA GLY B 266 -5.25 -20.51 21.40
C GLY B 266 -6.26 -21.52 20.90
N VAL B 267 -5.78 -22.65 20.38
CA VAL B 267 -6.67 -23.67 19.85
C VAL B 267 -7.59 -24.21 20.93
N ASP B 268 -7.07 -24.36 22.15
CA ASP B 268 -7.88 -24.84 23.26
C ASP B 268 -8.74 -23.75 23.91
N THR B 269 -8.71 -22.54 23.38
CA THR B 269 -9.57 -21.47 23.87
C THR B 269 -10.86 -21.44 23.05
N GLU B 270 -11.67 -20.41 23.26
CA GLU B 270 -12.92 -20.25 22.54
C GLU B 270 -12.82 -19.26 21.38
N HIS B 271 -11.66 -18.63 21.21
CA HIS B 271 -11.44 -17.64 20.15
C HIS B 271 -10.32 -18.14 19.24
N HIS B 272 -10.70 -18.91 18.22
CA HIS B 272 -9.73 -19.39 17.23
C HIS B 272 -10.46 -19.64 15.93
N ALA B 273 -9.71 -20.09 14.91
CA ALA B 273 -10.28 -20.39 13.61
C ALA B 273 -9.66 -21.65 12.99
N ALA B 274 -9.12 -22.54 13.81
CA ALA B 274 -8.50 -23.78 13.32
C ALA B 274 -9.61 -24.73 12.93
N THR B 275 -9.96 -24.72 11.64
CA THR B 275 -11.08 -25.53 11.16
C THR B 275 -10.74 -27.02 11.20
N LEU B 276 -9.63 -27.40 10.56
CA LEU B 276 -9.30 -28.82 10.48
C LEU B 276 -8.80 -29.39 11.81
N THR B 277 -8.41 -28.54 12.76
CA THR B 277 -7.95 -29.01 14.05
C THR B 277 -9.09 -29.24 15.04
N LYS B 278 -10.09 -28.35 15.05
CA LYS B 278 -11.18 -28.43 16.02
C LYS B 278 -12.55 -28.51 15.36
N GLY B 279 -12.60 -28.86 14.07
CA GLY B 279 -13.87 -28.96 13.38
C GLY B 279 -14.13 -30.34 12.82
N ARG B 280 -15.38 -30.60 12.45
CA ARG B 280 -15.81 -31.87 11.88
C ARG B 280 -16.67 -31.58 10.66
N PRO B 281 -16.86 -32.57 9.78
CA PRO B 281 -17.56 -32.31 8.51
C PRO B 281 -18.99 -31.83 8.72
N GLY B 282 -19.33 -30.72 8.06
CA GLY B 282 -20.68 -30.19 8.03
C GLY B 282 -20.99 -29.60 6.67
N VAL B 283 -22.20 -29.06 6.55
CA VAL B 283 -22.69 -28.50 5.29
C VAL B 283 -22.95 -27.02 5.50
N LEU B 284 -22.14 -26.17 4.86
CA LEU B 284 -22.24 -24.73 4.99
C LEU B 284 -21.76 -24.08 3.71
N HIS B 285 -22.37 -22.94 3.37
CA HIS B 285 -22.04 -22.19 2.16
C HIS B 285 -22.18 -23.06 0.91
N GLY B 286 -23.15 -23.97 0.94
CA GLY B 286 -23.41 -24.82 -0.21
C GLY B 286 -22.38 -25.89 -0.48
N SER B 287 -21.63 -26.33 0.54
CA SER B 287 -20.59 -27.31 0.33
C SER B 287 -20.44 -28.18 1.57
N LEU B 288 -20.04 -29.43 1.35
CA LEU B 288 -19.77 -30.38 2.44
C LEU B 288 -18.28 -30.28 2.77
N MET B 289 -17.98 -29.76 3.96
CA MET B 289 -16.63 -29.41 4.34
C MET B 289 -16.47 -29.60 5.84
N ASP B 290 -15.22 -29.51 6.30
CA ASP B 290 -14.96 -29.37 7.72
C ASP B 290 -15.29 -27.93 8.15
N VAL B 291 -15.95 -27.80 9.29
CA VAL B 291 -16.42 -26.50 9.74
C VAL B 291 -16.51 -26.51 11.26
N LEU B 292 -16.22 -25.36 11.87
CA LEU B 292 -16.35 -25.20 13.30
C LEU B 292 -17.82 -25.12 13.68
N GLN B 293 -18.26 -26.07 14.50
CA GLN B 293 -19.68 -26.18 14.84
C GLN B 293 -19.83 -26.83 16.21
N ASP B 294 -20.95 -26.56 16.86
CA ASP B 294 -21.26 -27.21 18.12
C ASP B 294 -21.89 -28.58 17.87
N ALA B 295 -22.30 -29.24 18.94
CA ALA B 295 -22.84 -30.59 18.82
C ALA B 295 -24.18 -30.62 18.11
N HIS B 296 -24.87 -29.49 18.01
CA HIS B 296 -26.20 -29.43 17.40
C HIS B 296 -26.18 -28.88 15.98
N GLY B 297 -25.00 -28.72 15.38
CA GLY B 297 -24.90 -28.28 14.01
C GLY B 297 -24.86 -26.78 13.81
N GLN B 298 -24.95 -25.99 14.88
CA GLN B 298 -24.86 -24.53 14.73
C GLN B 298 -23.42 -24.13 14.45
N ILE B 299 -23.24 -23.27 13.45
CA ILE B 299 -21.90 -22.86 13.05
C ILE B 299 -21.34 -21.88 14.07
N LEU B 300 -20.15 -22.18 14.57
CA LEU B 300 -19.51 -21.31 15.54
C LEU B 300 -18.83 -20.12 14.85
N GLU B 301 -18.62 -19.06 15.62
CA GLU B 301 -17.92 -17.88 15.13
C GLU B 301 -16.42 -18.06 15.30
N ALA B 302 -15.67 -17.63 14.29
CA ALA B 302 -14.21 -17.75 14.30
C ALA B 302 -13.58 -16.41 14.64
N PHE B 303 -12.48 -16.47 15.38
CA PHE B 303 -11.72 -15.28 15.76
C PHE B 303 -10.26 -15.46 15.36
N SER B 304 -9.65 -14.36 14.94
CA SER B 304 -8.25 -14.34 14.53
C SER B 304 -7.78 -12.89 14.51
N ILE B 305 -6.49 -12.70 14.80
CA ILE B 305 -5.92 -11.36 14.69
C ILE B 305 -6.02 -10.88 13.25
N SER B 306 -5.93 -11.78 12.29
CA SER B 306 -6.08 -11.47 10.88
C SER B 306 -7.51 -11.80 10.47
N ALA B 307 -8.29 -10.76 10.15
CA ALA B 307 -9.67 -10.96 9.77
C ALA B 307 -9.81 -11.77 8.49
N GLY B 308 -8.79 -11.76 7.62
CA GLY B 308 -8.81 -12.56 6.42
C GLY B 308 -8.77 -14.05 6.63
N LEU B 309 -8.64 -14.52 7.88
CA LEU B 309 -8.55 -15.94 8.17
C LEU B 309 -9.63 -16.43 9.13
N ASP B 310 -10.56 -15.58 9.56
CA ASP B 310 -11.55 -15.99 10.56
C ASP B 310 -12.79 -16.62 9.92
N TYR B 311 -12.58 -17.55 9.00
CA TYR B 311 -13.73 -18.22 8.42
C TYR B 311 -13.98 -19.54 9.14
N PRO B 312 -15.24 -19.84 9.46
CA PRO B 312 -15.53 -21.06 10.24
C PRO B 312 -15.22 -22.34 9.48
N GLY B 313 -15.42 -22.38 8.17
CA GLY B 313 -15.15 -23.55 7.38
C GLY B 313 -13.83 -23.46 6.64
N ILE B 314 -13.65 -24.40 5.71
CA ILE B 314 -12.47 -24.44 4.85
C ILE B 314 -12.86 -25.13 3.56
N GLY B 315 -12.18 -24.75 2.47
CA GLY B 315 -12.46 -25.30 1.16
C GLY B 315 -12.45 -26.82 1.15
N PRO B 316 -13.40 -27.41 0.43
CA PRO B 316 -13.57 -28.88 0.51
C PRO B 316 -12.38 -29.66 0.01
N GLU B 317 -11.60 -29.11 -0.94
CA GLU B 317 -10.43 -29.84 -1.41
C GLU B 317 -9.36 -29.95 -0.33
N HIS B 318 -9.30 -28.97 0.57
CA HIS B 318 -8.39 -29.08 1.71
C HIS B 318 -8.86 -30.16 2.67
N SER B 319 -10.17 -30.26 2.91
CA SER B 319 -10.70 -31.36 3.69
C SER B 319 -10.34 -32.70 3.07
N HIS B 320 -10.31 -32.76 1.75
CA HIS B 320 -9.87 -33.98 1.06
C HIS B 320 -8.38 -34.21 1.25
N TYR B 321 -7.57 -33.18 0.99
CA TYR B 321 -6.13 -33.25 1.24
C TYR B 321 -5.84 -33.68 2.66
N HIS B 322 -6.60 -33.14 3.62
CA HIS B 322 -6.38 -33.48 5.02
C HIS B 322 -6.78 -34.92 5.32
N ASP B 323 -7.81 -35.42 4.63
CA ASP B 323 -8.34 -36.75 4.95
C ASP B 323 -7.44 -37.84 4.37
N ILE B 324 -6.90 -37.63 3.18
CA ILE B 324 -6.06 -38.62 2.53
C ILE B 324 -4.58 -38.42 2.89
N LYS B 325 -4.29 -37.58 3.90
CA LYS B 325 -2.95 -37.36 4.43
C LYS B 325 -2.03 -36.67 3.41
N ARG B 326 -2.59 -36.06 2.37
CA ARG B 326 -1.76 -35.39 1.37
C ARG B 326 -1.14 -34.12 1.92
N ALA B 327 -1.82 -33.45 2.85
CA ALA B 327 -1.32 -32.20 3.41
C ALA B 327 -1.55 -32.19 4.91
N SER B 328 -0.61 -31.57 5.62
CA SER B 328 -0.73 -31.36 7.06
C SER B 328 -1.23 -29.95 7.31
N TYR B 329 -2.09 -29.79 8.31
CA TYR B 329 -2.65 -28.50 8.64
C TYR B 329 -2.35 -28.18 10.10
N VAL B 330 -1.59 -27.12 10.31
CA VAL B 330 -1.00 -26.79 11.60
C VAL B 330 -1.52 -25.43 12.06
N PRO B 331 -1.88 -25.27 13.33
CA PRO B 331 -2.40 -23.98 13.79
C PRO B 331 -1.30 -23.05 14.23
N VAL B 332 -1.53 -21.75 13.98
CA VAL B 332 -0.58 -20.69 14.32
C VAL B 332 -1.35 -19.61 15.08
N THR B 333 -0.93 -19.36 16.32
CA THR B 333 -1.62 -18.38 17.16
C THR B 333 -1.39 -16.96 16.64
N ASP B 334 -2.21 -16.04 17.16
CA ASP B 334 -2.05 -14.63 16.82
C ASP B 334 -0.67 -14.12 17.22
N GLU B 335 -0.17 -14.57 18.37
CA GLU B 335 1.12 -14.08 18.86
C GLU B 335 2.25 -14.52 17.95
N GLU B 336 2.21 -15.76 17.47
CA GLU B 336 3.22 -16.24 16.54
C GLU B 336 3.18 -15.48 15.22
N ALA B 337 1.96 -15.17 14.74
CA ALA B 337 1.84 -14.42 13.49
C ALA B 337 2.31 -12.98 13.67
N LEU B 338 2.02 -12.39 14.83
CA LEU B 338 2.48 -11.03 15.10
C LEU B 338 4.00 -10.94 15.11
N GLU B 339 4.67 -11.99 15.57
CA GLU B 339 6.13 -12.02 15.52
C GLU B 339 6.64 -12.28 14.11
N GLY B 340 5.96 -13.15 13.36
CA GLY B 340 6.33 -13.36 11.97
C GLY B 340 6.19 -12.09 11.15
N PHE B 341 5.15 -11.29 11.44
CA PHE B 341 4.98 -10.00 10.78
C PHE B 341 6.19 -9.11 11.00
N GLN B 342 6.70 -9.04 12.24
CA GLN B 342 7.85 -8.20 12.53
C GLN B 342 9.15 -8.83 12.09
N LEU B 343 9.22 -10.17 12.06
CA LEU B 343 10.46 -10.84 11.69
C LEU B 343 10.79 -10.62 10.23
N LEU B 344 9.81 -10.81 9.34
CA LEU B 344 10.05 -10.63 7.91
C LEU B 344 10.32 -9.16 7.58
N SER B 345 9.64 -8.24 8.27
CA SER B 345 9.82 -6.82 8.01
C SER B 345 11.25 -6.38 8.29
N ARG B 346 11.84 -6.89 9.37
CA ARG B 346 13.16 -6.49 9.81
C ARG B 346 14.28 -7.29 9.13
N VAL B 347 14.06 -8.59 8.90
CA VAL B 347 15.12 -9.43 8.36
C VAL B 347 15.21 -9.31 6.85
N GLU B 348 14.07 -9.27 6.16
CA GLU B 348 14.06 -9.24 4.71
C GLU B 348 13.56 -7.92 4.13
N GLY B 349 13.11 -6.98 4.96
CA GLY B 349 12.59 -5.74 4.44
C GLY B 349 11.28 -5.89 3.69
N ILE B 350 10.54 -6.96 3.95
CA ILE B 350 9.23 -7.21 3.34
C ILE B 350 8.19 -7.20 4.45
N ILE B 351 7.25 -6.26 4.39
CA ILE B 351 6.16 -6.18 5.36
C ILE B 351 5.05 -7.12 4.89
N PRO B 352 4.83 -8.25 5.57
CA PRO B 352 3.84 -9.23 5.09
C PRO B 352 2.45 -8.94 5.60
N ALA B 353 1.47 -9.53 4.92
CA ALA B 353 0.10 -9.49 5.41
C ALA B 353 -0.03 -10.33 6.68
N LEU B 354 -0.95 -9.93 7.55
CA LEU B 354 -1.17 -10.70 8.78
C LEU B 354 -1.61 -12.11 8.49
N GLU B 355 -2.35 -12.32 7.40
CA GLU B 355 -2.65 -13.68 6.95
C GLU B 355 -1.37 -14.46 6.68
N SER B 356 -0.53 -13.94 5.79
CA SER B 356 0.70 -14.62 5.42
C SER B 356 1.68 -14.73 6.58
N SER B 357 1.56 -13.86 7.58
CA SER B 357 2.44 -13.95 8.74
C SER B 357 2.27 -15.28 9.47
N HIS B 358 1.10 -15.91 9.34
CA HIS B 358 0.93 -17.26 9.87
C HIS B 358 1.81 -18.25 9.12
N ALA B 359 1.96 -18.07 7.80
CA ALA B 359 2.83 -18.95 7.03
C ALA B 359 4.30 -18.71 7.38
N ILE B 360 4.69 -17.44 7.56
CA ILE B 360 6.06 -17.13 7.94
C ILE B 360 6.37 -17.74 9.31
N ALA B 361 5.43 -17.64 10.25
CA ALA B 361 5.66 -18.14 11.60
C ALA B 361 5.91 -19.64 11.59
N PHE B 362 5.13 -20.40 10.81
CA PHE B 362 5.34 -21.85 10.78
C PHE B 362 6.57 -22.21 9.97
N ALA B 363 6.85 -21.46 8.89
CA ALA B 363 8.03 -21.75 8.08
C ALA B 363 9.31 -21.63 8.90
N VAL B 364 9.33 -20.73 9.87
CA VAL B 364 10.49 -20.63 10.77
C VAL B 364 10.68 -21.92 11.55
N LYS B 365 9.58 -22.45 12.12
CA LYS B 365 9.66 -23.72 12.84
C LYS B 365 10.07 -24.85 11.92
N LEU B 366 9.44 -24.94 10.74
CA LEU B 366 9.69 -26.05 9.83
C LEU B 366 11.11 -25.99 9.26
N ALA B 367 11.62 -24.79 8.99
CA ALA B 367 12.97 -24.68 8.44
C ALA B 367 14.01 -25.20 9.42
N LYS B 368 13.80 -24.96 10.71
CA LYS B 368 14.72 -25.47 11.72
C LYS B 368 14.64 -26.99 11.81
N GLU B 369 13.45 -27.55 11.63
CA GLU B 369 13.27 -29.00 11.76
C GLU B 369 13.82 -29.76 10.56
N LEU B 370 13.64 -29.22 9.35
CA LEU B 370 14.09 -29.93 8.15
C LEU B 370 15.62 -29.93 8.05
N GLY B 371 16.26 -28.81 8.37
CA GLY B 371 17.70 -28.74 8.35
C GLY B 371 18.24 -28.03 7.12
N PRO B 372 19.53 -27.73 7.15
CA PRO B 372 20.12 -26.94 6.04
C PRO B 372 20.11 -27.64 4.70
N GLU B 373 19.91 -28.96 4.66
CA GLU B 373 19.96 -29.70 3.41
C GLU B 373 18.66 -29.67 2.63
N LYS B 374 17.61 -29.04 3.16
CA LYS B 374 16.29 -29.07 2.57
C LYS B 374 15.89 -27.67 2.08
N SER B 375 14.80 -27.64 1.32
CA SER B 375 14.29 -26.40 0.75
C SER B 375 12.76 -26.39 0.86
N MET B 376 12.20 -25.19 1.01
CA MET B 376 10.76 -25.02 1.08
C MET B 376 10.35 -23.79 0.28
N ILE B 377 9.12 -23.81 -0.22
CA ILE B 377 8.51 -22.67 -0.89
C ILE B 377 7.34 -22.22 -0.04
N VAL B 378 7.39 -20.96 0.41
CA VAL B 378 6.32 -20.34 1.18
C VAL B 378 5.61 -19.35 0.29
N CYS B 379 4.28 -19.39 0.30
CA CYS B 379 3.49 -18.42 -0.46
C CYS B 379 3.33 -17.17 0.39
N LEU B 380 3.93 -16.07 -0.07
CA LEU B 380 3.73 -14.76 0.55
C LEU B 380 2.48 -14.16 -0.09
N SER B 381 1.32 -14.51 0.47
CA SER B 381 0.05 -14.28 -0.22
C SER B 381 -0.23 -12.80 -0.43
N GLY B 382 0.23 -11.92 0.46
CA GLY B 382 -0.04 -10.51 0.29
C GLY B 382 0.90 -9.66 1.11
N ARG B 383 0.90 -8.36 0.80
CA ARG B 383 1.69 -7.39 1.55
C ARG B 383 0.87 -6.80 2.69
N GLY B 384 1.58 -6.29 3.69
CA GLY B 384 0.95 -5.91 4.95
C GLY B 384 0.77 -4.43 5.20
N ASP B 385 0.78 -3.61 4.15
CA ASP B 385 0.42 -2.21 4.31
C ASP B 385 -0.96 -2.07 4.92
N LYS B 386 -1.90 -2.91 4.49
CA LYS B 386 -3.26 -2.89 5.02
C LYS B 386 -3.31 -3.21 6.51
N ASP B 387 -2.25 -3.79 7.06
CA ASP B 387 -2.23 -4.22 8.46
C ASP B 387 -1.33 -3.37 9.34
N VAL B 388 -0.68 -2.35 8.79
CA VAL B 388 0.27 -1.56 9.57
C VAL B 388 -0.42 -0.86 10.73
N VAL B 389 -1.56 -0.21 10.45
CA VAL B 389 -2.28 0.53 11.49
C VAL B 389 -2.68 -0.40 12.63
N GLN B 390 -3.22 -1.57 12.29
CA GLN B 390 -3.66 -2.51 13.32
C GLN B 390 -2.48 -2.99 14.16
N VAL B 391 -1.38 -3.38 13.52
CA VAL B 391 -0.22 -3.89 14.25
C VAL B 391 0.36 -2.80 15.13
N LYS B 392 0.40 -1.57 14.65
CA LYS B 392 0.95 -0.47 15.43
C LYS B 392 0.18 -0.30 16.73
N ASP B 393 -1.16 -0.31 16.66
CA ASP B 393 -1.98 -0.16 17.86
C ASP B 393 -1.83 -1.38 18.77
N ARG B 394 -1.71 -2.57 18.19
CA ARG B 394 -1.56 -3.78 19.00
C ARG B 394 -0.23 -3.77 19.75
N LEU B 395 0.85 -3.40 19.07
CA LEU B 395 2.16 -3.37 19.72
C LEU B 395 2.22 -2.30 20.80
N GLU B 396 1.55 -1.17 20.59
CA GLU B 396 1.51 -0.12 21.61
C GLU B 396 0.63 -0.51 22.78
N ALA B 397 -0.41 -1.32 22.54
CA ALA B 397 -1.27 -1.77 23.62
C ALA B 397 -0.59 -2.86 24.44
N ASP B 398 0.19 -3.73 23.79
CA ASP B 398 0.89 -4.78 24.53
C ASP B 398 2.01 -4.22 25.39
N ALA B 399 2.65 -3.13 24.97
CA ALA B 399 3.72 -2.54 25.76
C ALA B 399 3.16 -1.82 26.99
N ALA B 400 1.98 -1.20 26.87
CA ALA B 400 1.40 -0.49 28.00
C ALA B 400 0.94 -1.47 29.08
N LYS B 401 0.25 -2.54 28.68
CA LYS B 401 -0.26 -3.51 29.65
C LYS B 401 0.88 -4.25 30.34
N LYS B 402 1.94 -4.56 29.60
CA LYS B 402 3.09 -5.27 30.17
C LYS B 402 4.37 -4.47 29.95
N MET C 1 50.18 44.66 -6.42
CA MET C 1 50.26 43.20 -6.53
C MET C 1 49.81 42.48 -5.26
N PRO C 2 50.35 42.82 -4.09
CA PRO C 2 49.93 42.12 -2.87
C PRO C 2 48.65 42.72 -2.30
N LYS C 3 47.78 41.85 -1.82
CA LYS C 3 46.51 42.29 -1.25
C LYS C 3 46.73 42.96 0.11
N THR C 4 45.88 43.93 0.41
CA THR C 4 46.01 44.67 1.66
C THR C 4 45.83 43.77 2.87
N LEU C 5 44.89 42.83 2.80
CA LEU C 5 44.54 42.02 3.96
C LEU C 5 45.72 41.18 4.43
N THR C 6 46.53 40.68 3.51
CA THR C 6 47.72 39.92 3.89
C THR C 6 48.66 40.76 4.76
N GLU C 7 48.89 42.01 4.35
CA GLU C 7 49.86 42.85 5.04
C GLU C 7 49.34 43.31 6.40
N LYS C 8 48.04 43.64 6.48
CA LYS C 8 47.48 44.10 7.75
C LYS C 8 47.54 43.00 8.81
N LEU C 9 47.25 41.76 8.41
CA LEU C 9 47.26 40.67 9.37
C LEU C 9 48.68 40.23 9.73
N ASN C 10 49.63 40.35 8.79
CA ASN C 10 51.02 40.10 9.12
C ASN C 10 51.53 41.09 10.18
N ALA C 11 51.02 42.32 10.17
CA ALA C 11 51.44 43.31 11.15
C ALA C 11 51.00 42.92 12.55
N ILE C 12 49.79 42.37 12.69
CA ILE C 12 49.33 41.89 14.00
C ILE C 12 50.20 40.73 14.46
N LYS C 13 50.48 39.79 13.55
CA LYS C 13 51.34 38.66 13.88
C LYS C 13 52.75 39.13 14.24
N ALA C 14 53.25 40.15 13.54
CA ALA C 14 54.60 40.63 13.80
C ALA C 14 54.74 41.23 15.18
N ALA C 15 53.72 41.94 15.66
CA ALA C 15 53.70 42.53 16.99
C ALA C 15 53.48 41.51 18.10
N GLY C 16 53.69 40.22 17.83
CA GLY C 16 53.47 39.21 18.86
C GLY C 16 52.04 39.12 19.34
N LYS C 17 51.08 39.54 18.52
CA LYS C 17 49.68 39.55 18.90
C LYS C 17 48.91 38.53 18.06
N GLY C 18 47.94 37.89 18.70
CA GLY C 18 47.07 37.00 17.98
C GLY C 18 46.07 37.78 17.14
N ILE C 19 45.77 37.25 15.96
CA ILE C 19 44.78 37.86 15.08
C ILE C 19 43.40 37.53 15.61
N PHE C 20 42.58 38.55 15.81
CA PHE C 20 41.23 38.38 16.33
C PHE C 20 40.23 38.96 15.32
N VAL C 21 39.36 38.10 14.80
CA VAL C 21 38.41 38.49 13.76
C VAL C 21 36.99 38.17 14.22
N PRO C 22 36.20 39.16 14.64
CA PRO C 22 34.79 38.88 14.93
C PRO C 22 34.01 38.58 13.67
N TYR C 23 32.96 37.78 13.83
CA TYR C 23 32.04 37.44 12.75
C TYR C 23 30.66 37.91 13.15
N ILE C 24 30.09 38.80 12.35
CA ILE C 24 28.73 39.29 12.56
C ILE C 24 27.93 39.05 11.30
N MET C 25 26.61 39.00 11.47
CA MET C 25 25.68 38.90 10.36
C MET C 25 25.14 40.29 10.05
N ALA C 26 25.41 40.78 8.85
CA ALA C 26 24.90 42.09 8.44
C ALA C 26 23.38 42.05 8.40
N GLY C 27 22.74 43.07 8.98
CA GLY C 27 21.31 43.13 9.09
C GLY C 27 20.74 42.52 10.36
N ASP C 28 21.56 41.80 11.13
CA ASP C 28 21.13 41.24 12.41
C ASP C 28 21.24 42.34 13.46
N HIS C 29 20.23 43.21 13.47
CA HIS C 29 20.23 44.40 14.31
C HIS C 29 18.80 44.88 14.42
N GLU C 30 18.53 45.64 15.49
CA GLU C 30 17.18 46.17 15.71
C GLU C 30 16.67 46.94 14.49
N LYS C 31 17.54 47.71 13.85
CA LYS C 31 17.19 48.49 12.66
C LYS C 31 17.91 47.98 11.41
N GLY C 32 18.18 46.67 11.37
CA GLY C 32 18.69 46.06 10.14
C GLY C 32 20.07 46.57 9.76
N LEU C 33 20.26 46.79 8.46
CA LEU C 33 21.54 47.28 7.95
C LEU C 33 21.88 48.67 8.47
N ASP C 34 20.90 49.40 9.00
CA ASP C 34 21.18 50.72 9.56
C ASP C 34 21.99 50.63 10.84
N GLY C 35 22.07 49.45 11.45
CA GLY C 35 22.91 49.23 12.60
C GLY C 35 24.28 48.67 12.28
N LEU C 36 24.63 48.54 11.01
CA LEU C 36 25.93 47.95 10.64
C LEU C 36 27.08 48.89 11.00
N ALA C 37 26.91 50.19 10.75
CA ALA C 37 27.96 51.15 11.11
C ALA C 37 28.23 51.12 12.61
N GLU C 38 27.18 51.09 13.43
CA GLU C 38 27.33 51.05 14.87
C GLU C 38 28.11 49.80 15.31
N THR C 39 27.75 48.64 14.78
CA THR C 39 28.40 47.41 15.19
C THR C 39 29.86 47.40 14.77
N ILE C 40 30.18 47.91 13.59
CA ILE C 40 31.56 47.91 13.12
C ILE C 40 32.42 48.83 13.97
N HIS C 41 31.97 50.06 14.20
CA HIS C 41 32.72 51.00 15.03
C HIS C 41 32.80 50.52 16.48
N PHE C 42 31.81 49.76 16.94
CA PHE C 42 31.90 49.14 18.26
C PHE C 42 33.05 48.15 18.31
N LEU C 43 33.21 47.35 17.26
CA LEU C 43 34.30 46.39 17.19
C LEU C 43 35.63 47.06 16.82
N GLU C 44 35.58 48.14 16.05
CA GLU C 44 36.80 48.86 15.70
C GLU C 44 37.45 49.47 16.94
N ASP C 45 36.64 50.08 17.81
CA ASP C 45 37.16 50.70 19.02
C ASP C 45 37.71 49.68 20.01
N LEU C 46 37.43 48.39 19.82
CA LEU C 46 38.04 47.34 20.61
C LEU C 46 39.35 46.84 20.01
N GLY C 47 39.73 47.34 18.84
CA GLY C 47 41.03 47.03 18.27
C GLY C 47 41.13 45.68 17.58
N VAL C 48 40.03 45.18 17.03
CA VAL C 48 40.07 43.87 16.39
C VAL C 48 40.84 43.94 15.07
N SER C 49 41.32 42.78 14.63
CA SER C 49 42.16 42.71 13.45
C SER C 49 41.36 42.95 12.18
N ALA C 50 40.34 42.12 11.94
CA ALA C 50 39.44 42.28 10.81
C ALA C 50 38.03 41.89 11.24
N ILE C 51 37.05 42.19 10.40
CA ILE C 51 35.65 41.91 10.69
C ILE C 51 35.08 41.08 9.56
N GLU C 52 34.63 39.86 9.90
CA GLU C 52 33.92 39.02 8.94
C GLU C 52 32.45 39.44 8.94
N VAL C 53 31.96 39.87 7.78
CA VAL C 53 30.61 40.41 7.63
C VAL C 53 29.81 39.46 6.75
N GLY C 54 28.73 38.92 7.29
CA GLY C 54 27.97 37.90 6.60
C GLY C 54 26.80 38.44 5.80
N ILE C 55 26.55 37.81 4.65
CA ILE C 55 25.36 38.07 3.85
C ILE C 55 24.36 36.95 4.12
N PRO C 56 23.18 37.24 4.66
CA PRO C 56 22.25 36.16 5.01
C PRO C 56 21.70 35.46 3.77
N PHE C 57 21.55 34.14 3.88
CA PHE C 57 21.05 33.30 2.80
C PHE C 57 20.03 32.33 3.37
N SER C 58 19.01 32.02 2.56
CA SER C 58 17.86 31.27 3.04
C SER C 58 18.18 29.81 3.35
N ASP C 59 19.26 29.27 2.79
CA ASP C 59 19.60 27.85 2.95
C ASP C 59 21.09 27.70 3.19
N PRO C 60 21.57 28.06 4.38
CA PRO C 60 22.99 27.88 4.69
C PRO C 60 23.32 26.42 4.92
N VAL C 61 24.59 26.08 4.70
CA VAL C 61 25.03 24.68 4.79
C VAL C 61 26.26 24.57 5.69
N ALA C 62 26.90 25.70 6.01
CA ALA C 62 28.16 25.68 6.75
C ALA C 62 28.14 26.48 8.04
N ASP C 63 27.00 27.05 8.42
CA ASP C 63 26.92 27.85 9.63
C ASP C 63 26.36 27.05 10.79
N GLY C 64 26.78 27.41 11.99
CA GLY C 64 26.22 26.85 13.20
C GLY C 64 24.86 27.43 13.49
N PRO C 65 24.15 26.82 14.45
CA PRO C 65 22.76 27.24 14.71
C PRO C 65 22.62 28.70 15.13
N VAL C 66 23.61 29.28 15.80
CA VAL C 66 23.53 30.69 16.18
C VAL C 66 23.58 31.57 14.94
N ILE C 67 24.50 31.26 14.02
CA ILE C 67 24.62 32.05 12.80
C ILE C 67 23.42 31.83 11.88
N GLU C 68 22.89 30.61 11.86
CA GLU C 68 21.69 30.34 11.08
C GLU C 68 20.52 31.20 11.54
N GLU C 69 20.35 31.35 12.86
CA GLU C 69 19.30 32.20 13.38
C GLU C 69 19.54 33.67 13.05
N ALA C 70 20.81 34.10 13.09
CA ALA C 70 21.12 35.47 12.74
C ALA C 70 20.76 35.77 11.28
N GLY C 71 20.97 34.79 10.40
CA GLY C 71 20.56 34.97 9.01
C GLY C 71 19.06 35.12 8.86
N LEU C 72 18.28 34.35 9.64
CA LEU C 72 16.84 34.47 9.59
C LEU C 72 16.39 35.84 10.10
N ARG C 73 16.95 36.29 11.22
CA ARG C 73 16.65 37.62 11.73
C ARG C 73 16.95 38.69 10.70
N SER C 74 18.06 38.54 9.98
CA SER C 74 18.47 39.57 9.03
C SER C 74 17.59 39.58 7.79
N LEU C 75 17.15 38.41 7.33
CA LEU C 75 16.30 38.35 6.14
C LEU C 75 14.94 38.97 6.38
N ALA C 76 14.48 38.98 7.64
CA ALA C 76 13.20 39.60 7.96
C ALA C 76 13.23 41.10 7.65
N HIS C 77 14.36 41.76 7.94
CA HIS C 77 14.54 43.16 7.56
C HIS C 77 14.65 43.35 6.05
N GLY C 78 14.72 42.26 5.28
CA GLY C 78 14.91 42.38 3.85
C GLY C 78 16.34 42.55 3.41
N THR C 79 17.30 42.14 4.24
CA THR C 79 18.71 42.30 3.92
C THR C 79 19.05 41.58 2.63
N SER C 80 19.68 42.30 1.71
CA SER C 80 20.11 41.75 0.44
C SER C 80 21.54 42.17 0.16
N THR C 81 22.18 41.45 -0.76
CA THR C 81 23.52 41.83 -1.20
C THR C 81 23.53 43.25 -1.74
N GLN C 82 22.52 43.60 -2.54
CA GLN C 82 22.43 44.94 -3.12
C GLN C 82 22.39 46.00 -2.04
N ALA C 83 21.56 45.79 -1.01
CA ALA C 83 21.43 46.79 0.06
C ALA C 83 22.69 46.85 0.92
N LEU C 84 23.37 45.71 1.12
CA LEU C 84 24.61 45.73 1.87
C LEU C 84 25.70 46.50 1.13
N VAL C 85 25.78 46.34 -0.19
CA VAL C 85 26.71 47.12 -1.00
C VAL C 85 26.47 48.61 -0.81
N GLU C 86 25.19 49.01 -0.87
CA GLU C 86 24.85 50.42 -0.66
C GLU C 86 25.24 50.89 0.73
N THR C 87 25.08 50.03 1.74
CA THR C 87 25.48 50.40 3.10
C THR C 87 27.00 50.47 3.23
N LEU C 88 27.71 49.52 2.64
CA LEU C 88 29.17 49.49 2.76
C LEU C 88 29.83 50.68 2.10
N LYS C 89 29.21 51.27 1.07
CA LYS C 89 29.78 52.43 0.43
C LYS C 89 29.76 53.66 1.33
N THR C 90 28.98 53.64 2.41
CA THR C 90 28.91 54.74 3.35
C THR C 90 29.64 54.43 4.66
N ILE C 91 30.33 53.31 4.74
CA ILE C 91 31.01 52.88 5.96
C ILE C 91 32.46 53.28 5.87
N GLU C 92 32.89 54.17 6.77
CA GLU C 92 34.29 54.53 6.92
C GLU C 92 34.88 53.79 8.11
N THR C 93 35.96 53.06 7.88
CA THR C 93 36.63 52.33 8.96
C THR C 93 38.03 51.96 8.51
N GLU C 94 38.95 51.91 9.47
CA GLU C 94 40.31 51.45 9.22
C GLU C 94 40.44 49.94 9.31
N ILE C 95 39.40 49.24 9.77
CA ILE C 95 39.44 47.79 9.89
C ILE C 95 39.12 47.17 8.54
N PRO C 96 39.89 46.17 8.09
CA PRO C 96 39.53 45.47 6.85
C PRO C 96 38.33 44.56 7.05
N LEU C 97 37.41 44.60 6.09
CA LEU C 97 36.19 43.81 6.14
C LEU C 97 36.30 42.62 5.21
N VAL C 98 35.74 41.48 5.65
CA VAL C 98 35.76 40.23 4.90
C VAL C 98 34.32 39.79 4.71
N ILE C 99 33.83 39.84 3.47
CA ILE C 99 32.47 39.44 3.18
C ILE C 99 32.35 37.93 3.26
N MET C 100 31.35 37.45 3.99
CA MET C 100 30.97 36.04 4.01
C MET C 100 29.61 35.93 3.33
N THR C 101 29.56 35.17 2.25
CA THR C 101 28.29 34.93 1.57
C THR C 101 28.32 33.55 0.93
N TYR C 102 27.18 32.88 0.98
CA TYR C 102 27.00 31.71 0.14
C TYR C 102 26.88 32.16 -1.31
N PHE C 103 27.19 31.24 -2.23
CA PHE C 103 27.48 31.67 -3.59
C PHE C 103 26.26 32.22 -4.32
N ASN C 104 25.06 31.73 -4.01
CA ASN C 104 23.90 32.11 -4.81
C ASN C 104 23.57 33.60 -4.76
N PRO C 105 23.46 34.26 -3.59
CA PRO C 105 23.21 35.71 -3.62
C PRO C 105 24.27 36.47 -4.39
N LEU C 106 25.54 36.08 -4.23
CA LEU C 106 26.61 36.65 -5.04
C LEU C 106 26.41 36.33 -6.52
N PHE C 107 26.05 35.08 -6.83
CA PHE C 107 25.85 34.66 -8.20
C PHE C 107 24.73 35.45 -8.87
N GLN C 108 23.64 35.72 -8.13
CA GLN C 108 22.54 36.49 -8.69
C GLN C 108 22.92 37.95 -8.89
N TYR C 109 23.62 38.52 -7.91
CA TYR C 109 24.09 39.91 -8.04
C TYR C 109 25.08 40.07 -9.19
N GLY C 110 25.83 39.01 -9.49
CA GLY C 110 26.92 39.11 -10.44
C GLY C 110 28.23 39.32 -9.72
N VAL C 111 29.17 38.40 -9.89
CA VAL C 111 30.45 38.49 -9.17
C VAL C 111 31.21 39.74 -9.58
N GLU C 112 31.25 40.02 -10.88
CA GLU C 112 31.95 41.21 -11.36
C GLU C 112 31.31 42.49 -10.83
N ASN C 113 29.97 42.56 -10.88
CA ASN C 113 29.27 43.71 -10.32
C ASN C 113 29.57 43.86 -8.83
N PHE C 114 29.62 42.74 -8.10
CA PHE C 114 29.92 42.77 -6.68
C PHE C 114 31.34 43.30 -6.44
N VAL C 115 32.31 42.80 -7.20
CA VAL C 115 33.69 43.20 -6.99
C VAL C 115 33.90 44.67 -7.35
N LYS C 116 33.31 45.11 -8.47
CA LYS C 116 33.54 46.48 -8.91
C LYS C 116 32.80 47.49 -8.04
N ASP C 117 31.61 47.13 -7.56
CA ASP C 117 30.88 48.04 -6.68
C ASP C 117 31.52 48.19 -5.31
N LEU C 118 32.38 47.25 -4.92
CA LEU C 118 33.08 47.30 -3.64
C LEU C 118 34.55 47.68 -3.79
N ALA C 119 34.87 48.45 -4.84
CA ALA C 119 36.26 48.73 -5.16
C ALA C 119 36.90 49.67 -4.15
N ASP C 120 36.15 50.68 -3.68
CA ASP C 120 36.67 51.70 -2.78
C ASP C 120 36.01 51.62 -1.40
N THR C 121 35.72 50.41 -0.94
CA THR C 121 35.19 50.16 0.38
C THR C 121 36.25 49.51 1.26
N ALA C 122 35.86 49.18 2.49
CA ALA C 122 36.74 48.47 3.41
C ALA C 122 36.75 46.97 3.16
N VAL C 123 36.06 46.49 2.12
CA VAL C 123 36.05 45.06 1.80
C VAL C 123 37.42 44.68 1.26
N LYS C 124 38.13 43.81 1.98
CA LYS C 124 39.44 43.34 1.58
C LYS C 124 39.50 41.84 1.35
N GLY C 125 38.50 41.08 1.78
CA GLY C 125 38.48 39.65 1.60
C GLY C 125 37.10 39.16 1.22
N LEU C 126 37.03 37.86 0.89
CA LEU C 126 35.77 37.25 0.48
C LEU C 126 35.80 35.78 0.86
N ILE C 127 34.80 35.35 1.62
CA ILE C 127 34.61 33.95 2.00
C ILE C 127 33.33 33.46 1.35
N ILE C 128 33.44 32.39 0.57
CA ILE C 128 32.27 31.76 -0.03
C ILE C 128 32.28 30.28 0.38
N PRO C 129 31.61 29.91 1.48
CA PRO C 129 31.76 28.56 2.00
C PRO C 129 31.37 27.44 1.04
N ASP C 130 30.39 27.66 0.18
CA ASP C 130 29.93 26.61 -0.72
C ASP C 130 30.48 26.76 -2.14
N LEU C 131 31.56 27.53 -2.31
CA LEU C 131 32.28 27.60 -3.58
C LEU C 131 33.62 26.92 -3.41
N PRO C 132 33.71 25.61 -3.63
CA PRO C 132 34.95 24.88 -3.35
C PRO C 132 36.04 25.24 -4.35
N HIS C 133 37.23 24.70 -4.09
CA HIS C 133 38.37 24.94 -4.96
C HIS C 133 38.08 24.55 -6.40
N GLU C 134 37.26 23.52 -6.60
CA GLU C 134 36.98 23.03 -7.95
C GLU C 134 36.12 24.00 -8.76
N HIS C 135 35.49 24.99 -8.11
CA HIS C 135 34.66 25.96 -8.82
C HIS C 135 35.18 27.39 -8.63
N ALA C 136 36.44 27.53 -8.22
CA ALA C 136 37.00 28.86 -7.98
C ALA C 136 37.07 29.71 -9.24
N ASN C 137 36.93 29.10 -10.43
CA ASN C 137 36.96 29.87 -11.66
C ASN C 137 35.73 30.76 -11.82
N PHE C 138 34.71 30.62 -10.97
CA PHE C 138 33.58 31.53 -11.00
C PHE C 138 33.90 32.89 -10.39
N VAL C 139 34.94 32.98 -9.56
CA VAL C 139 35.22 34.22 -8.84
C VAL C 139 36.68 34.65 -9.06
N GLU C 140 37.61 33.70 -8.99
CA GLU C 140 39.03 34.02 -9.05
C GLU C 140 39.43 34.92 -10.22
N PRO C 141 38.97 34.71 -11.46
CA PRO C 141 39.35 35.64 -12.53
C PRO C 141 38.93 37.08 -12.27
N PHE C 142 37.76 37.29 -11.68
CA PHE C 142 37.28 38.65 -11.44
C PHE C 142 38.02 39.34 -10.30
N LEU C 143 38.71 38.59 -9.45
CA LEU C 143 39.45 39.17 -8.34
C LEU C 143 40.85 39.62 -8.73
N ALA C 144 41.29 39.33 -9.96
CA ALA C 144 42.60 39.76 -10.41
C ALA C 144 42.65 41.28 -10.52
N ASN C 145 43.78 41.85 -10.10
CA ASN C 145 43.99 43.30 -10.13
C ASN C 145 42.95 44.06 -9.31
N THR C 146 42.51 43.44 -8.22
CA THR C 146 41.67 44.10 -7.22
C THR C 146 42.36 44.00 -5.86
N ASP C 147 41.70 44.52 -4.83
CA ASP C 147 42.19 44.45 -3.46
C ASP C 147 41.32 43.55 -2.59
N ILE C 148 40.72 42.54 -3.20
CA ILE C 148 39.82 41.61 -2.50
C ILE C 148 40.44 40.22 -2.61
N ALA C 149 40.79 39.64 -1.46
CA ALA C 149 41.42 38.33 -1.42
C ALA C 149 40.37 37.24 -1.23
N LEU C 150 40.46 36.19 -2.04
CA LEU C 150 39.59 35.03 -1.90
C LEU C 150 40.13 34.14 -0.80
N ILE C 151 39.42 34.07 0.32
CA ILE C 151 39.87 33.30 1.48
C ILE C 151 39.60 31.82 1.27
N PRO C 152 40.63 30.97 1.27
CA PRO C 152 40.41 29.53 1.12
C PRO C 152 40.10 28.85 2.46
N LEU C 153 39.23 27.86 2.40
CA LEU C 153 38.88 27.06 3.58
C LEU C 153 39.52 25.69 3.47
N VAL C 154 40.08 25.22 4.60
CA VAL C 154 40.85 23.99 4.65
C VAL C 154 40.29 23.11 5.75
N SER C 155 39.99 21.85 5.41
CA SER C 155 39.58 20.86 6.40
C SER C 155 40.80 20.16 6.95
N LEU C 156 40.97 20.20 8.27
CA LEU C 156 42.20 19.72 8.89
C LEU C 156 42.37 18.21 8.75
N THR C 157 41.27 17.47 8.63
CA THR C 157 41.36 16.02 8.54
C THR C 157 41.82 15.52 7.18
N THR C 158 41.82 16.36 6.16
CA THR C 158 42.24 15.93 4.83
C THR C 158 43.76 15.77 4.76
N GLY C 159 44.21 15.22 3.64
CA GLY C 159 45.63 15.01 3.46
C GLY C 159 46.38 16.30 3.20
N ILE C 160 47.66 16.30 3.56
CA ILE C 160 48.47 17.51 3.42
C ILE C 160 48.64 17.87 1.95
N GLU C 161 48.57 16.88 1.05
CA GLU C 161 48.63 17.17 -0.38
C GLU C 161 47.42 17.97 -0.83
N ARG C 162 46.23 17.57 -0.38
CA ARG C 162 45.02 18.30 -0.70
C ARG C 162 45.04 19.70 -0.12
N GLN C 163 45.52 19.84 1.12
CA GLN C 163 45.56 21.15 1.77
C GLN C 163 46.49 22.09 1.02
N LYS C 164 47.67 21.62 0.64
CA LYS C 164 48.61 22.46 -0.11
C LYS C 164 48.03 22.90 -1.45
N GLU C 165 47.19 22.05 -2.07
CA GLU C 165 46.57 22.44 -3.33
C GLU C 165 45.62 23.61 -3.14
N LEU C 166 44.93 23.67 -2.00
CA LEU C 166 44.04 24.78 -1.71
C LEU C 166 44.80 26.05 -1.31
N ILE C 167 46.02 25.91 -0.80
CA ILE C 167 46.77 27.06 -0.30
C ILE C 167 47.51 27.77 -1.43
N GLU C 168 47.80 27.07 -2.52
CA GLU C 168 48.65 27.58 -3.60
C GLU C 168 48.26 28.97 -4.06
N GLY C 169 49.09 29.96 -3.73
CA GLY C 169 48.86 31.33 -4.16
C GLY C 169 47.79 32.08 -3.40
N ALA C 170 47.34 31.55 -2.26
CA ALA C 170 46.30 32.22 -1.50
C ALA C 170 46.81 33.51 -0.88
N GLU C 171 45.90 34.46 -0.71
CA GLU C 171 46.19 35.74 -0.06
C GLU C 171 45.22 35.96 1.09
N GLY C 172 45.50 36.99 1.88
CA GLY C 172 44.67 37.30 3.04
C GLY C 172 45.00 36.42 4.23
N PHE C 173 44.29 35.30 4.36
CA PHE C 173 44.57 34.33 5.41
C PHE C 173 43.92 33.01 5.04
N ILE C 174 44.37 31.95 5.70
CA ILE C 174 43.83 30.62 5.51
C ILE C 174 42.85 30.32 6.63
N TYR C 175 41.66 29.84 6.25
CA TYR C 175 40.56 29.60 7.18
C TYR C 175 40.53 28.11 7.49
N ALA C 176 41.01 27.74 8.66
CA ALA C 176 41.04 26.34 9.07
C ALA C 176 39.70 25.94 9.66
N VAL C 177 39.04 24.97 9.03
CA VAL C 177 37.78 24.43 9.53
C VAL C 177 37.97 22.96 9.87
N ALA C 178 37.14 22.46 10.76
CA ALA C 178 37.22 21.08 11.21
C ALA C 178 35.83 20.47 11.28
N ILE C 179 35.73 19.19 10.92
CA ILE C 179 34.46 18.49 11.00
C ILE C 179 34.11 18.24 12.46
N ASN C 180 32.90 18.62 12.85
CA ASN C 180 32.38 18.42 14.22
C ASN C 180 33.28 19.21 15.17
N GLY C 181 33.69 18.65 16.30
CA GLY C 181 34.55 19.35 17.24
C GLY C 181 34.38 18.87 18.67
N ASN C 188 43.10 13.30 23.24
CA ASN C 188 42.43 12.42 22.29
C ASN C 188 42.21 13.12 20.96
N TYR C 189 40.95 13.40 20.63
CA TYR C 189 40.62 14.03 19.36
C TYR C 189 41.17 15.45 19.29
N ARG C 190 41.14 16.17 20.41
CA ARG C 190 41.57 17.56 20.41
C ARG C 190 43.09 17.71 20.34
N ALA C 191 43.84 16.67 20.72
CA ALA C 191 45.28 16.71 20.52
C ALA C 191 45.66 16.49 19.06
N ASP C 192 44.87 15.69 18.34
CA ASP C 192 45.14 15.49 16.91
C ASP C 192 44.81 16.75 16.11
N LEU C 193 43.80 17.52 16.54
CA LEU C 193 43.51 18.79 15.89
C LEU C 193 44.70 19.72 15.96
N ASP C 194 45.27 19.89 17.16
CA ASP C 194 46.40 20.80 17.33
C ASP C 194 47.60 20.38 16.48
N LYS C 195 47.77 19.07 16.27
CA LYS C 195 48.88 18.62 15.44
C LYS C 195 48.58 18.84 13.95
N HIS C 196 47.36 18.53 13.51
CA HIS C 196 46.98 18.82 12.13
C HIS C 196 46.97 20.33 11.88
N LEU C 197 46.57 21.11 12.88
CA LEU C 197 46.54 22.56 12.72
C LEU C 197 47.95 23.15 12.66
N ALA C 198 48.86 22.62 13.48
CA ALA C 198 50.24 23.10 13.46
C ALA C 198 50.97 22.70 12.19
N GLN C 199 50.59 21.56 11.60
CA GLN C 199 51.21 21.15 10.34
C GLN C 199 50.82 22.07 9.20
N LEU C 200 49.56 22.53 9.18
CA LEU C 200 49.14 23.50 8.18
C LEU C 200 49.84 24.83 8.38
N HIS C 201 50.17 25.18 9.62
CA HIS C 201 50.85 26.44 9.89
C HIS C 201 52.25 26.46 9.29
N GLN C 202 52.88 25.29 9.13
CA GLN C 202 54.23 25.22 8.57
C GLN C 202 54.22 25.46 7.07
N VAL C 203 53.48 24.64 6.32
CA VAL C 203 53.47 24.73 4.87
C VAL C 203 52.79 25.99 4.35
N ALA C 204 52.19 26.79 5.24
CA ALA C 204 51.47 27.99 4.83
C ALA C 204 52.41 29.19 4.74
N ASP C 205 52.08 30.12 3.85
CA ASP C 205 52.86 31.33 3.65
C ASP C 205 52.12 32.60 4.03
N ILE C 206 50.87 32.48 4.48
CA ILE C 206 50.11 33.62 4.99
C ILE C 206 49.51 33.21 6.33
N PRO C 207 48.99 34.15 7.13
CA PRO C 207 48.42 33.78 8.44
C PRO C 207 47.39 32.66 8.35
N VAL C 208 47.42 31.77 9.33
CA VAL C 208 46.47 30.67 9.46
C VAL C 208 45.58 30.97 10.65
N LEU C 209 44.28 31.10 10.41
CA LEU C 209 43.31 31.45 11.45
C LEU C 209 42.42 30.25 11.74
N THR C 210 42.09 30.08 13.02
CA THR C 210 41.22 28.99 13.46
C THR C 210 39.78 29.48 13.54
N GLY C 211 38.87 28.72 12.95
CA GLY C 211 37.46 29.08 13.00
C GLY C 211 36.62 28.10 13.79
N PHE C 212 37.19 27.52 14.84
CA PHE C 212 36.50 26.48 15.60
C PHE C 212 35.72 27.08 16.76
N GLY C 213 35.54 26.29 17.81
CA GLY C 213 34.87 26.75 19.01
C GLY C 213 35.76 27.61 19.88
N VAL C 214 35.50 28.91 19.88
CA VAL C 214 36.21 29.86 20.75
C VAL C 214 35.16 30.51 21.62
N SER C 215 35.07 30.06 22.88
CA SER C 215 34.11 30.60 23.83
C SER C 215 34.76 31.15 25.08
N SER C 216 36.09 31.13 25.18
CA SER C 216 36.79 31.63 26.35
C SER C 216 38.20 32.04 25.95
N GLN C 217 38.90 32.67 26.90
CA GLN C 217 40.30 33.02 26.67
C GLN C 217 41.19 31.79 26.63
N ALA C 218 40.82 30.73 27.35
CA ALA C 218 41.59 29.50 27.31
C ALA C 218 41.52 28.84 25.94
N ASP C 219 40.35 28.88 25.30
CA ASP C 219 40.24 28.36 23.94
C ASP C 219 41.05 29.20 22.96
N LEU C 220 41.06 30.51 23.16
CA LEU C 220 41.82 31.40 22.28
C LEU C 220 43.32 31.16 22.40
N GLU C 221 43.82 31.04 23.63
CA GLU C 221 45.26 30.85 23.82
C GLU C 221 45.70 29.45 23.41
N ARG C 222 44.79 28.47 23.46
CA ARG C 222 45.13 27.12 23.00
C ARG C 222 45.40 27.11 21.50
N PHE C 223 44.55 27.80 20.73
CA PHE C 223 44.70 27.81 19.28
C PHE C 223 45.84 28.71 18.80
N ASN C 224 46.23 29.71 19.59
CA ASN C 224 47.34 30.56 19.20
C ASN C 224 48.68 29.84 19.31
N ALA C 225 48.75 28.74 20.06
CA ALA C 225 49.98 27.98 20.14
C ALA C 225 50.30 27.24 18.85
N VAL C 226 49.30 27.01 18.00
CA VAL C 226 49.47 26.22 16.78
C VAL C 226 49.03 26.96 15.54
N SER C 227 48.54 28.19 15.66
CA SER C 227 48.14 28.99 14.50
C SER C 227 48.33 30.46 14.85
N ASP C 228 47.79 31.34 14.01
CA ASP C 228 48.04 32.78 14.12
C ASP C 228 46.86 33.56 14.69
N GLY C 229 45.74 32.91 14.97
CA GLY C 229 44.61 33.62 15.52
C GLY C 229 43.33 32.83 15.35
N VAL C 230 42.24 33.47 15.78
CA VAL C 230 40.94 32.82 15.84
C VAL C 230 39.89 33.71 15.19
N ILE C 231 38.81 33.07 14.74
CA ILE C 231 37.59 33.74 14.30
C ILE C 231 36.49 33.37 15.28
N VAL C 232 35.87 34.38 15.88
CA VAL C 232 34.80 34.18 16.86
C VAL C 232 33.51 34.68 16.24
N GLY C 233 32.52 33.78 16.13
CA GLY C 233 31.25 34.15 15.54
C GLY C 233 30.07 33.98 16.49
N SER C 234 29.78 32.72 16.85
CA SER C 234 28.56 32.42 17.59
C SER C 234 28.50 33.15 18.93
N LYS C 235 29.62 33.22 19.64
CA LYS C 235 29.62 33.84 20.95
C LYS C 235 29.31 35.34 20.86
N ILE C 236 29.80 36.00 19.82
CA ILE C 236 29.57 37.43 19.66
C ILE C 236 28.17 37.69 19.10
N VAL C 237 27.71 36.85 18.16
CA VAL C 237 26.38 37.04 17.58
C VAL C 237 25.31 36.82 18.65
N LYS C 238 25.43 35.74 19.42
CA LYS C 238 24.46 35.45 20.47
C LYS C 238 24.43 36.56 21.51
N ALA C 239 25.61 37.07 21.90
CA ALA C 239 25.67 38.09 22.95
C ALA C 239 25.04 39.40 22.48
N LEU C 240 25.41 39.85 21.27
CA LEU C 240 24.89 41.13 20.77
C LEU C 240 23.37 41.10 20.66
N HIS C 241 22.81 39.96 20.25
CA HIS C 241 21.36 39.87 20.07
C HIS C 241 20.63 39.74 21.40
N GLN C 242 21.14 38.88 22.30
CA GLN C 242 20.51 38.69 23.59
C GLN C 242 20.78 39.80 24.58
N GLY C 243 21.54 40.83 24.19
CA GLY C 243 21.92 41.86 25.13
C GLY C 243 22.77 41.34 26.27
N GLU C 244 23.76 40.48 25.96
CA GLU C 244 24.70 39.90 26.89
C GLU C 244 26.05 40.61 26.81
N PRO C 245 26.84 40.61 27.88
CA PRO C 245 28.15 41.28 27.83
C PRO C 245 29.12 40.50 26.94
N ILE C 246 29.91 41.25 26.18
CA ILE C 246 30.86 40.67 25.24
C ILE C 246 32.04 41.62 25.09
N GLN C 247 31.88 42.87 25.55
CA GLN C 247 32.88 43.90 25.30
C GLN C 247 34.20 43.56 25.99
N ASP C 248 34.14 43.09 27.24
CA ASP C 248 35.37 42.78 27.97
C ASP C 248 36.05 41.54 27.42
N PHE C 249 35.27 40.57 26.92
CA PHE C 249 35.85 39.37 26.32
C PHE C 249 36.68 39.72 25.09
N ILE C 250 36.27 40.73 24.34
CA ILE C 250 37.01 41.12 23.14
C ILE C 250 38.28 41.89 23.51
N ARG C 251 38.23 42.69 24.59
CA ARG C 251 39.41 43.42 25.02
C ARG C 251 40.55 42.46 25.40
N GLN C 252 40.25 41.48 26.25
CA GLN C 252 41.26 40.51 26.65
C GLN C 252 41.77 39.71 25.46
N ALA C 253 40.89 39.41 24.50
CA ALA C 253 41.29 38.66 23.32
C ALA C 253 42.27 39.46 22.47
N VAL C 254 41.98 40.76 22.27
CA VAL C 254 42.84 41.60 21.44
C VAL C 254 44.21 41.77 22.10
N ALA C 255 44.24 41.91 23.42
CA ALA C 255 45.47 42.22 24.15
C ALA C 255 46.38 41.02 24.36
N TYR C 256 46.01 39.84 23.85
CA TYR C 256 46.79 38.63 24.11
C TYR C 256 48.17 38.73 23.50
N GLN C 257 49.20 38.61 24.34
CA GLN C 257 50.59 38.64 23.90
C GLN C 257 51.06 37.20 23.67
N LYS C 258 51.42 36.89 22.43
CA LYS C 258 51.84 35.54 22.04
C LYS C 258 53.00 35.05 22.89
N GLN D 4 31.40 15.60 -22.35
CA GLN D 4 30.74 14.56 -21.57
C GLN D 4 29.50 15.10 -20.86
N GLU D 5 28.62 14.19 -20.45
CA GLU D 5 27.40 14.56 -19.74
C GLU D 5 27.17 13.55 -18.63
N PRO D 6 27.55 13.88 -17.38
CA PRO D 6 28.18 15.14 -16.98
C PRO D 6 29.67 15.19 -17.31
N ASN D 7 30.25 16.38 -17.33
CA ASN D 7 31.66 16.51 -17.66
C ASN D 7 32.53 16.23 -16.44
N LYS D 8 33.77 16.71 -16.46
CA LYS D 8 34.72 16.36 -15.40
C LYS D 8 34.30 16.93 -14.06
N ASP D 9 33.80 18.18 -14.05
CA ASP D 9 33.41 18.84 -12.81
C ASP D 9 31.94 18.63 -12.47
N GLY D 10 31.24 17.75 -13.19
CA GLY D 10 29.87 17.42 -12.88
C GLY D 10 28.82 18.31 -13.49
N PHE D 11 29.11 18.97 -14.60
CA PHE D 11 28.17 19.88 -15.24
C PHE D 11 27.46 19.18 -16.39
N TYR D 12 26.13 19.36 -16.43
CA TYR D 12 25.31 18.96 -17.57
C TYR D 12 25.05 20.23 -18.37
N GLY D 13 25.87 20.48 -19.37
CA GLY D 13 25.84 21.76 -20.02
C GLY D 13 26.33 22.82 -19.05
N LYS D 14 25.49 23.80 -18.76
CA LYS D 14 25.81 24.86 -17.82
C LYS D 14 25.44 24.52 -16.38
N PHE D 15 24.77 23.39 -16.15
CA PHE D 15 24.11 23.13 -14.88
C PHE D 15 24.76 21.96 -14.15
N GLY D 16 24.74 22.03 -12.82
CA GLY D 16 25.25 20.96 -12.00
C GLY D 16 26.42 21.34 -11.13
N GLY D 17 27.47 20.52 -11.16
CA GLY D 17 28.63 20.77 -10.34
C GLY D 17 28.51 20.20 -8.95
N ARG D 18 29.42 20.67 -8.08
CA ARG D 18 29.47 20.26 -6.68
C ARG D 18 29.79 21.50 -5.84
N PHE D 19 28.81 22.39 -5.71
CA PHE D 19 28.96 23.61 -4.92
C PHE D 19 28.71 23.26 -3.45
N VAL D 20 29.70 22.60 -2.85
CA VAL D 20 29.59 22.17 -1.46
C VAL D 20 30.81 22.65 -0.69
N PRO D 21 30.72 22.80 0.64
CA PRO D 21 31.91 23.19 1.42
C PRO D 21 33.03 22.17 1.29
N GLU D 22 34.25 22.64 1.58
CA GLU D 22 35.42 21.76 1.50
C GLU D 22 35.29 20.58 2.44
N THR D 23 34.60 20.75 3.57
CA THR D 23 34.40 19.65 4.51
C THR D 23 33.59 18.52 3.89
N LEU D 24 32.68 18.84 2.98
CA LEU D 24 31.90 17.83 2.27
C LEU D 24 32.56 17.38 0.98
N MET D 25 33.56 18.13 0.49
CA MET D 25 34.21 17.77 -0.77
C MET D 25 34.89 16.41 -0.69
N THR D 26 35.40 16.04 0.48
CA THR D 26 36.08 14.76 0.62
C THR D 26 35.13 13.59 0.38
N ALA D 27 33.90 13.71 0.89
CA ALA D 27 32.95 12.60 0.76
C ALA D 27 32.53 12.40 -0.69
N VAL D 28 32.25 13.49 -1.42
CA VAL D 28 31.77 13.32 -2.79
C VAL D 28 32.90 12.91 -3.73
N LEU D 29 34.15 13.28 -3.42
CA LEU D 29 35.27 12.78 -4.20
C LEU D 29 35.44 11.28 -4.02
N GLU D 30 35.41 10.81 -2.77
N GLU D 30 35.37 10.80 -2.78
CA GLU D 30 35.48 9.38 -2.51
CA GLU D 30 35.49 9.37 -2.54
C GLU D 30 34.32 8.64 -3.18
C GLU D 30 34.31 8.60 -3.09
N LEU D 31 33.13 9.23 -3.17
CA LEU D 31 31.96 8.57 -3.74
C LEU D 31 32.09 8.42 -5.26
N GLU D 32 32.61 9.45 -5.93
CA GLU D 32 32.81 9.34 -7.38
C GLU D 32 33.83 8.27 -7.71
N LYS D 33 34.91 8.18 -6.93
CA LYS D 33 35.93 7.17 -7.18
C LYS D 33 35.35 5.77 -6.99
N ALA D 34 34.65 5.55 -5.87
CA ALA D 34 34.05 4.24 -5.64
C ALA D 34 33.00 3.90 -6.69
N TYR D 35 32.34 4.92 -7.26
CA TYR D 35 31.32 4.66 -8.27
C TYR D 35 31.93 4.15 -9.56
N ARG D 36 33.00 4.80 -10.04
CA ARG D 36 33.66 4.34 -11.25
C ARG D 36 34.14 2.90 -11.11
N GLU D 37 34.69 2.55 -9.93
CA GLU D 37 35.17 1.20 -9.70
C GLU D 37 34.03 0.19 -9.74
N SER D 38 32.81 0.60 -9.34
CA SER D 38 31.68 -0.30 -9.43
C SER D 38 31.20 -0.46 -10.87
N GLN D 39 31.38 0.58 -11.69
CA GLN D 39 31.01 0.49 -13.10
C GLN D 39 31.99 -0.37 -13.88
N ALA D 40 33.26 -0.38 -13.49
CA ALA D 40 34.25 -1.22 -14.16
C ALA D 40 34.13 -2.69 -13.77
N ASP D 41 33.35 -3.01 -12.74
CA ASP D 41 33.21 -4.38 -12.26
C ASP D 41 31.92 -4.96 -12.82
N PRO D 42 32.00 -6.02 -13.64
CA PRO D 42 30.75 -6.64 -14.14
C PRO D 42 29.98 -7.37 -13.05
N SER D 43 30.65 -7.87 -12.01
CA SER D 43 29.95 -8.60 -10.96
C SER D 43 29.07 -7.69 -10.12
N PHE D 44 29.32 -6.39 -10.12
CA PHE D 44 28.48 -5.47 -9.36
C PHE D 44 27.11 -5.34 -10.02
N GLN D 45 27.07 -5.06 -11.32
CA GLN D 45 25.80 -4.89 -12.01
C GLN D 45 25.03 -6.21 -12.10
N GLU D 46 25.73 -7.33 -12.09
CA GLU D 46 25.05 -8.63 -12.17
C GLU D 46 24.30 -8.94 -10.88
N GLU D 47 24.96 -8.74 -9.73
CA GLU D 47 24.28 -8.96 -8.45
C GLU D 47 23.10 -8.01 -8.28
N LEU D 48 23.25 -6.77 -8.72
CA LEU D 48 22.16 -5.81 -8.62
C LEU D 48 21.01 -6.18 -9.56
N ASN D 49 21.32 -6.64 -10.77
CA ASN D 49 20.27 -7.06 -11.69
C ASN D 49 19.44 -8.20 -11.12
N GLN D 50 20.10 -9.19 -10.51
CA GLN D 50 19.38 -10.33 -9.98
C GLN D 50 18.53 -9.93 -8.78
N LEU D 51 19.05 -9.04 -7.92
CA LEU D 51 18.26 -8.57 -6.78
C LEU D 51 17.08 -7.73 -7.23
N LEU D 52 17.29 -6.84 -8.20
CA LEU D 52 16.17 -6.08 -8.76
C LEU D 52 15.12 -7.02 -9.36
N ARG D 53 15.54 -8.18 -9.85
CA ARG D 53 14.61 -9.12 -10.47
C ARG D 53 13.86 -9.93 -9.42
N GLN D 54 14.58 -10.49 -8.44
CA GLN D 54 13.98 -11.41 -7.48
C GLN D 54 13.36 -10.71 -6.27
N TYR D 55 13.88 -9.54 -5.88
CA TYR D 55 13.41 -8.84 -4.69
C TYR D 55 12.45 -7.70 -5.01
N VAL D 56 12.80 -6.83 -5.95
CA VAL D 56 11.94 -5.72 -6.31
C VAL D 56 10.85 -6.16 -7.29
N GLY D 57 11.12 -7.17 -8.10
CA GLY D 57 10.16 -7.65 -9.07
C GLY D 57 10.36 -7.13 -10.48
N ARG D 58 11.52 -6.59 -10.80
CA ARG D 58 11.80 -6.14 -12.15
C ARG D 58 11.92 -7.34 -13.08
N GLU D 59 11.52 -7.16 -14.35
CA GLU D 59 11.10 -5.86 -14.86
C GLU D 59 9.61 -5.59 -14.71
N THR D 60 9.28 -4.32 -14.46
CA THR D 60 7.89 -3.91 -14.42
C THR D 60 7.32 -3.90 -15.83
N PRO D 61 6.06 -4.31 -16.00
CA PRO D 61 5.49 -4.36 -17.36
C PRO D 61 5.26 -2.97 -17.91
N LEU D 62 5.16 -2.92 -19.24
CA LEU D 62 4.68 -1.74 -19.96
C LEU D 62 3.25 -2.05 -20.38
N TYR D 63 2.30 -1.51 -19.64
CA TYR D 63 0.88 -1.87 -19.80
C TYR D 63 0.19 -0.88 -20.73
N TYR D 64 -0.40 -1.39 -21.80
CA TYR D 64 -1.22 -0.58 -22.68
C TYR D 64 -2.54 -0.26 -21.97
N ALA D 65 -2.72 1.00 -21.58
CA ALA D 65 -3.95 1.44 -20.92
C ALA D 65 -5.05 1.54 -21.97
N LYS D 66 -5.61 0.37 -22.31
CA LYS D 66 -6.59 0.29 -23.40
C LYS D 66 -7.84 1.11 -23.08
N ASN D 67 -8.36 0.97 -21.87
CA ASN D 67 -9.56 1.72 -21.49
C ASN D 67 -9.30 3.22 -21.50
N LEU D 68 -8.21 3.65 -20.85
CA LEU D 68 -7.87 5.06 -20.83
C LEU D 68 -7.68 5.61 -22.23
N THR D 69 -7.04 4.83 -23.11
CA THR D 69 -6.84 5.26 -24.48
C THR D 69 -8.18 5.43 -25.21
N GLN D 70 -9.08 4.47 -25.06
CA GLN D 70 -10.40 4.57 -25.68
C GLN D 70 -11.23 5.70 -25.06
N HIS D 71 -11.02 5.96 -23.77
CA HIS D 71 -11.78 7.02 -23.09
C HIS D 71 -11.38 8.40 -23.61
N ILE D 72 -10.08 8.64 -23.79
CA ILE D 72 -9.63 9.94 -24.27
C ILE D 72 -9.90 10.09 -25.77
N GLY D 73 -9.90 8.99 -26.51
CA GLY D 73 -10.04 9.09 -27.96
C GLY D 73 -8.86 9.71 -28.65
N GLY D 74 -7.69 9.71 -28.01
CA GLY D 74 -6.49 10.27 -28.60
C GLY D 74 -5.40 9.23 -28.75
N ALA D 75 -4.15 9.63 -28.50
CA ALA D 75 -3.02 8.74 -28.68
C ALA D 75 -3.10 7.55 -27.73
N LYS D 76 -2.47 6.45 -28.13
CA LYS D 76 -2.38 5.29 -27.26
C LYS D 76 -1.46 5.58 -26.09
N ILE D 77 -1.88 5.18 -24.90
CA ILE D 77 -1.15 5.45 -23.67
C ILE D 77 -0.62 4.12 -23.13
N TYR D 78 0.70 4.05 -22.97
CA TYR D 78 1.35 2.90 -22.37
C TYR D 78 1.93 3.32 -21.03
N LEU D 79 1.58 2.59 -19.98
CA LEU D 79 1.99 2.92 -18.61
C LEU D 79 3.14 2.02 -18.19
N LYS D 80 4.28 2.63 -17.88
CA LYS D 80 5.41 1.92 -17.28
C LYS D 80 5.08 1.69 -15.81
N ARG D 81 4.80 0.43 -15.46
CA ARG D 81 4.17 0.11 -14.17
C ARG D 81 5.19 0.05 -13.03
N GLU D 82 5.83 1.19 -12.76
CA GLU D 82 6.72 1.27 -11.61
C GLU D 82 5.96 1.16 -10.29
N ASP D 83 4.64 1.33 -10.31
CA ASP D 83 3.84 1.14 -9.11
C ASP D 83 3.85 -0.29 -8.61
N LEU D 84 4.29 -1.24 -9.46
CA LEU D 84 4.34 -2.65 -9.09
C LEU D 84 5.67 -3.05 -8.46
N ASN D 85 6.59 -2.12 -8.28
CA ASN D 85 7.81 -2.41 -7.54
C ASN D 85 7.49 -2.76 -6.10
N HIS D 86 8.35 -3.57 -5.49
CA HIS D 86 8.37 -3.67 -4.04
C HIS D 86 8.57 -2.28 -3.46
N THR D 87 7.79 -1.95 -2.42
CA THR D 87 7.63 -0.63 -1.79
C THR D 87 6.63 0.22 -2.55
N GLY D 88 6.33 -0.12 -3.80
CA GLY D 88 5.28 0.53 -4.54
C GLY D 88 5.65 1.80 -5.27
N ALA D 89 6.94 2.09 -5.43
CA ALA D 89 7.38 3.28 -6.15
C ALA D 89 8.74 3.00 -6.76
N HIS D 90 9.27 4.00 -7.47
CA HIS D 90 10.53 3.85 -8.20
C HIS D 90 11.75 4.05 -7.30
N1 LLP D 91 6.62 9.88 -7.87
C2 LLP D 91 6.61 9.07 -6.78
C2' LLP D 91 5.68 7.90 -6.72
C3 LLP D 91 7.53 9.35 -5.66
O3 LLP D 91 7.55 8.56 -4.54
C4 LLP D 91 8.42 10.52 -5.77
C4' LLP D 91 9.38 10.83 -4.64
C5 LLP D 91 8.32 11.33 -7.02
C6 LLP D 91 7.43 10.94 -8.00
C5' LLP D 91 9.21 12.53 -7.23
OP4 LLP D 91 10.55 12.06 -7.20
P LLP D 91 11.53 12.23 -8.46
OP1 LLP D 91 12.90 12.32 -7.84
OP2 LLP D 91 11.29 10.96 -9.25
OP3 LLP D 91 11.06 13.48 -9.16
N LLP D 91 11.56 4.74 -6.19
CA LLP D 91 12.67 5.14 -5.31
CB LLP D 91 12.12 5.83 -4.07
CG LLP D 91 11.67 7.26 -4.34
CD LLP D 91 11.35 7.98 -3.04
CE LLP D 91 11.02 9.45 -3.28
NZ LLP D 91 10.09 9.59 -4.39
C LLP D 91 13.53 3.98 -4.88
O LLP D 91 14.72 4.19 -4.56
N ILE D 92 12.98 2.77 -4.88
CA ILE D 92 13.71 1.59 -4.43
C ILE D 92 14.85 1.24 -5.39
N ASN D 93 14.71 1.62 -6.67
CA ASN D 93 15.78 1.37 -7.63
C ASN D 93 17.06 2.09 -7.22
N ASN D 94 16.93 3.38 -6.86
CA ASN D 94 18.09 4.17 -6.47
C ASN D 94 18.66 3.71 -5.14
N ALA D 95 17.78 3.49 -4.15
CA ALA D 95 18.25 3.15 -2.81
C ALA D 95 18.94 1.79 -2.78
N LEU D 96 18.36 0.80 -3.47
CA LEU D 96 19.01 -0.51 -3.54
C LEU D 96 20.36 -0.42 -4.23
N GLY D 97 20.43 0.33 -5.33
CA GLY D 97 21.70 0.49 -6.01
C GLY D 97 22.73 1.18 -5.15
N GLN D 98 22.31 2.15 -4.34
CA GLN D 98 23.26 2.89 -3.52
C GLN D 98 23.66 2.13 -2.26
N VAL D 99 22.76 1.32 -1.71
CA VAL D 99 23.16 0.45 -0.60
C VAL D 99 24.17 -0.58 -1.08
N TRP D 100 23.90 -1.19 -2.24
CA TRP D 100 24.85 -2.15 -2.81
C TRP D 100 26.19 -1.50 -3.06
N LEU D 101 26.19 -0.26 -3.58
CA LEU D 101 27.44 0.49 -3.71
C LEU D 101 28.10 0.70 -2.36
N ALA D 102 27.31 0.97 -1.32
CA ALA D 102 27.87 1.17 0.01
C ALA D 102 28.51 -0.09 0.54
N LYS D 103 27.93 -1.26 0.23
CA LYS D 103 28.55 -2.52 0.64
C LYS D 103 29.88 -2.73 -0.07
N ARG D 104 29.94 -2.38 -1.35
CA ARG D 104 31.19 -2.51 -2.10
C ARG D 104 32.25 -1.56 -1.57
N MET D 105 31.85 -0.40 -1.04
CA MET D 105 32.81 0.52 -0.43
C MET D 105 33.31 0.03 0.93
N GLY D 106 32.73 -1.03 1.47
CA GLY D 106 33.09 -1.47 2.80
C GLY D 106 32.39 -0.74 3.93
N LYS D 107 31.37 0.04 3.61
CA LYS D 107 30.61 0.74 4.64
C LYS D 107 29.69 -0.24 5.37
N LYS D 108 29.24 0.19 6.56
CA LYS D 108 28.31 -0.61 7.36
C LYS D 108 27.06 0.14 7.79
N LYS D 109 27.04 1.47 7.70
CA LYS D 109 25.89 2.26 8.10
C LYS D 109 25.30 2.98 6.89
N ILE D 110 23.97 3.06 6.86
CA ILE D 110 23.23 3.76 5.82
C ILE D 110 22.44 4.88 6.48
N ILE D 111 22.51 6.09 5.93
CA ILE D 111 21.74 7.21 6.43
C ILE D 111 21.07 7.94 5.28
N ALA D 112 19.97 8.61 5.59
CA ALA D 112 19.21 9.37 4.62
C ALA D 112 18.30 10.33 5.37
N GLU D 113 17.70 11.26 4.63
CA GLU D 113 16.67 12.14 5.17
C GLU D 113 15.41 11.99 4.35
N THR D 114 14.29 12.44 4.93
CA THR D 114 13.01 12.39 4.24
C THR D 114 12.09 13.45 4.82
N GLY D 115 11.08 13.82 4.03
CA GLY D 115 10.08 14.75 4.48
C GLY D 115 8.75 14.07 4.72
N ALA D 116 8.07 13.68 3.65
CA ALA D 116 6.83 12.93 3.78
C ALA D 116 7.10 11.53 4.33
N GLY D 117 8.16 10.89 3.86
CA GLY D 117 8.54 9.59 4.37
C GLY D 117 8.87 8.57 3.30
N GLN D 118 8.62 8.92 2.04
CA GLN D 118 8.79 7.96 0.95
C GLN D 118 10.24 7.50 0.83
N HIS D 119 11.18 8.44 0.72
CA HIS D 119 12.57 8.05 0.58
C HIS D 119 13.09 7.36 1.83
N GLY D 120 12.54 7.70 3.00
CA GLY D 120 12.96 7.03 4.23
C GLY D 120 12.57 5.57 4.26
N VAL D 121 11.40 5.24 3.71
CA VAL D 121 10.94 3.85 3.66
C VAL D 121 11.75 3.07 2.64
N ALA D 122 11.98 3.66 1.45
CA ALA D 122 12.77 2.98 0.43
C ALA D 122 14.19 2.72 0.91
N THR D 123 14.81 3.72 1.53
CA THR D 123 16.16 3.55 2.07
C THR D 123 16.19 2.48 3.15
N ALA D 124 15.22 2.51 4.07
CA ALA D 124 15.18 1.52 5.14
C ALA D 124 14.93 0.12 4.59
N THR D 125 14.16 0.00 3.50
CA THR D 125 13.94 -1.29 2.88
C THR D 125 15.24 -1.83 2.29
N ALA D 126 15.98 -0.99 1.57
CA ALA D 126 17.23 -1.44 0.97
C ALA D 126 18.28 -1.76 2.01
N ALA D 127 18.24 -1.09 3.17
CA ALA D 127 19.20 -1.38 4.22
C ALA D 127 18.91 -2.72 4.89
N ALA D 128 17.63 -3.01 5.13
CA ALA D 128 17.26 -4.29 5.75
C ALA D 128 17.58 -5.46 4.83
N LEU D 129 17.48 -5.26 3.51
CA LEU D 129 17.86 -6.33 2.58
C LEU D 129 19.33 -6.68 2.72
N PHE D 130 20.19 -5.68 2.91
CA PHE D 130 21.62 -5.87 2.99
C PHE D 130 22.15 -5.92 4.42
N ASN D 131 21.25 -6.03 5.40
CA ASN D 131 21.64 -6.14 6.82
C ASN D 131 22.58 -5.00 7.23
N MET D 132 22.18 -3.78 6.92
CA MET D 132 22.97 -2.60 7.25
C MET D 132 22.21 -1.73 8.23
N GLU D 133 22.95 -1.19 9.20
CA GLU D 133 22.37 -0.23 10.13
C GLU D 133 21.84 0.97 9.37
N CYS D 134 20.63 1.41 9.72
CA CYS D 134 19.97 2.50 9.01
C CYS D 134 19.51 3.56 10.00
N THR D 135 19.79 4.81 9.66
CA THR D 135 19.31 5.96 10.43
C THR D 135 18.68 6.93 9.46
N ILE D 136 17.40 7.25 9.67
CA ILE D 136 16.67 8.20 8.84
C ILE D 136 16.47 9.47 9.64
N TYR D 137 16.89 10.60 9.08
CA TYR D 137 16.77 11.90 9.72
C TYR D 137 15.50 12.59 9.24
N MET D 138 14.65 12.99 10.19
CA MET D 138 13.43 13.73 9.91
C MET D 138 13.36 14.95 10.82
N GLY D 139 12.85 16.06 10.29
CA GLY D 139 12.49 17.17 11.15
C GLY D 139 11.43 16.74 12.15
N GLU D 140 11.51 17.29 13.37
CA GLU D 140 10.61 16.84 14.42
C GLU D 140 9.15 17.16 14.10
N GLU D 141 8.91 18.30 13.44
CA GLU D 141 7.56 18.63 13.03
C GLU D 141 7.03 17.64 11.99
N ASP D 142 7.92 17.03 11.21
CA ASP D 142 7.51 15.98 10.28
C ASP D 142 7.26 14.66 10.99
N VAL D 143 8.07 14.35 12.01
CA VAL D 143 7.85 13.13 12.79
C VAL D 143 6.47 13.17 13.44
N LYS D 144 6.07 14.33 13.95
CA LYS D 144 4.77 14.45 14.61
C LYS D 144 3.62 14.26 13.63
N ARG D 145 3.83 14.59 12.35
CA ARG D 145 2.78 14.48 11.35
C ARG D 145 2.79 13.16 10.59
N GLN D 146 3.82 12.33 10.76
CA GLN D 146 3.99 11.10 10.00
C GLN D 146 4.25 9.92 10.91
N ALA D 147 3.42 9.79 11.96
CA ALA D 147 3.62 8.71 12.92
C ALA D 147 3.52 7.34 12.28
N LEU D 148 2.75 7.21 11.20
CA LEU D 148 2.59 5.92 10.54
C LEU D 148 3.83 5.55 9.73
N ASN D 149 4.39 6.50 8.98
CA ASN D 149 5.63 6.23 8.25
C ASN D 149 6.80 6.01 9.19
N VAL D 150 6.80 6.69 10.34
CA VAL D 150 7.84 6.45 11.34
C VAL D 150 7.77 5.01 11.85
N PHE D 151 6.54 4.50 12.05
CA PHE D 151 6.38 3.11 12.45
C PHE D 151 6.83 2.16 11.34
N ARG D 152 6.55 2.51 10.09
CA ARG D 152 6.99 1.70 8.96
C ARG D 152 8.51 1.58 8.95
N MET D 153 9.21 2.71 9.07
CA MET D 153 10.67 2.68 9.02
C MET D 153 11.26 1.91 10.19
N GLU D 154 10.64 2.02 11.37
CA GLU D 154 11.09 1.23 12.51
C GLU D 154 10.75 -0.24 12.35
N LEU D 155 9.63 -0.54 11.68
CA LEU D 155 9.28 -1.93 11.38
C LEU D 155 10.35 -2.58 10.53
N LEU D 156 10.96 -1.81 9.62
CA LEU D 156 12.02 -2.29 8.75
C LEU D 156 13.40 -2.26 9.40
N GLY D 157 13.46 -2.01 10.71
CA GLY D 157 14.70 -2.05 11.45
C GLY D 157 15.48 -0.76 11.51
N ALA D 158 14.97 0.32 10.92
CA ALA D 158 15.70 1.58 10.89
C ALA D 158 15.40 2.41 12.14
N LYS D 159 16.38 3.23 12.52
CA LYS D 159 16.21 4.22 13.57
C LYS D 159 15.87 5.56 12.93
N VAL D 160 14.81 6.19 13.41
CA VAL D 160 14.41 7.51 12.95
C VAL D 160 14.89 8.54 13.98
N GLU D 161 15.75 9.46 13.54
CA GLU D 161 16.32 10.48 14.41
C GLU D 161 15.59 11.79 14.13
N ALA D 162 14.81 12.27 15.11
CA ALA D 162 14.09 13.52 14.96
C ALA D 162 15.04 14.69 15.17
N VAL D 163 14.98 15.67 14.27
CA VAL D 163 15.88 16.83 14.30
C VAL D 163 15.14 17.98 14.98
N THR D 164 15.53 18.26 16.22
CA THR D 164 14.93 19.35 17.00
C THR D 164 15.50 20.72 16.65
N ASP D 165 16.59 20.78 15.89
CA ASP D 165 17.26 22.04 15.60
C ASP D 165 16.48 22.84 14.56
N GLY D 166 16.57 24.17 14.69
CA GLY D 166 15.99 25.05 13.68
C GLY D 166 14.48 24.95 13.63
N SER D 167 13.95 25.00 12.41
CA SER D 167 12.51 24.93 12.20
C SER D 167 11.97 23.50 12.33
N ARG D 168 12.84 22.51 12.47
CA ARG D 168 12.44 21.10 12.65
C ARG D 168 11.66 20.59 11.44
N VAL D 169 12.09 20.97 10.24
CA VAL D 169 11.47 20.48 9.02
C VAL D 169 12.53 19.81 8.16
N LEU D 170 12.20 19.55 6.89
CA LEU D 170 13.10 18.81 6.01
C LEU D 170 14.41 19.55 5.80
N LYS D 171 14.37 20.89 5.75
CA LYS D 171 15.60 21.66 5.56
C LYS D 171 16.60 21.41 6.67
N ASP D 172 16.12 21.17 7.89
CA ASP D 172 17.03 20.91 9.00
C ASP D 172 17.50 19.46 9.03
N ALA D 173 16.68 18.52 8.53
CA ALA D 173 17.08 17.13 8.47
C ALA D 173 18.19 16.91 7.45
N VAL D 174 18.16 17.68 6.35
CA VAL D 174 19.22 17.56 5.33
C VAL D 174 20.58 17.92 5.94
N ASN D 175 20.65 19.03 6.67
CA ASN D 175 21.90 19.43 7.28
C ASN D 175 22.34 18.43 8.34
N ALA D 176 21.40 17.93 9.15
CA ALA D 176 21.74 16.93 10.15
C ALA D 176 22.32 15.68 9.50
N ALA D 177 21.73 15.24 8.39
CA ALA D 177 22.21 14.05 7.71
C ALA D 177 23.57 14.28 7.06
N LEU D 178 23.75 15.44 6.43
CA LEU D 178 25.04 15.73 5.80
C LEU D 178 26.14 15.86 6.84
N ARG D 179 25.86 16.47 7.98
CA ARG D 179 26.86 16.58 9.04
C ARG D 179 27.21 15.21 9.60
N SER D 180 26.22 14.32 9.71
CA SER D 180 26.51 12.96 10.16
C SER D 180 27.28 12.17 9.11
N TRP D 181 27.07 12.49 7.83
CA TRP D 181 27.80 11.79 6.77
C TRP D 181 29.29 12.12 6.82
N VAL D 182 29.62 13.41 6.91
CA VAL D 182 31.02 13.82 6.99
C VAL D 182 31.68 13.26 8.25
N ALA D 183 30.97 13.32 9.38
CA ALA D 183 31.56 12.90 10.65
C ALA D 183 31.89 11.41 10.66
N ASN D 184 31.07 10.59 10.01
CA ASN D 184 31.24 9.14 10.01
C ASN D 184 31.57 8.60 8.63
N ILE D 185 32.40 9.33 7.88
CA ILE D 185 32.62 9.00 6.47
C ILE D 185 33.24 7.62 6.31
N ASP D 186 34.04 7.17 7.29
CA ASP D 186 34.77 5.92 7.12
C ASP D 186 33.86 4.69 7.14
N ASP D 187 32.62 4.83 7.63
CA ASP D 187 31.74 3.68 7.71
C ASP D 187 30.28 4.00 7.39
N THR D 188 29.97 5.21 6.93
CA THR D 188 28.59 5.60 6.66
C THR D 188 28.49 6.16 5.25
N HIS D 189 27.44 5.76 4.54
CA HIS D 189 27.11 6.30 3.22
C HIS D 189 25.75 6.97 3.27
N TYR D 190 25.67 8.16 2.69
CA TYR D 190 24.45 8.95 2.65
C TYR D 190 23.77 8.78 1.30
N ILE D 191 22.51 8.38 1.32
CA ILE D 191 21.76 8.05 0.10
C ILE D 191 20.85 9.23 -0.22
N LEU D 192 21.26 10.02 -1.21
CA LEU D 192 20.40 11.08 -1.72
C LEU D 192 19.24 10.48 -2.50
N GLY D 193 18.04 11.02 -2.26
CA GLY D 193 16.83 10.40 -2.75
C GLY D 193 16.39 10.75 -4.15
N SER D 194 16.96 11.80 -4.75
CA SER D 194 16.49 12.31 -6.02
C SER D 194 17.70 12.69 -6.88
N ALA D 195 17.42 13.24 -8.06
CA ALA D 195 18.46 13.66 -9.01
C ALA D 195 18.98 15.06 -8.72
N LEU D 196 19.07 15.43 -7.44
CA LEU D 196 19.61 16.72 -7.02
C LEU D 196 21.00 16.52 -6.43
N GLY D 197 21.50 17.54 -5.75
CA GLY D 197 22.72 17.41 -4.97
C GLY D 197 23.98 17.55 -5.80
N PRO D 198 25.13 17.49 -5.12
CA PRO D 198 26.40 17.64 -5.82
C PRO D 198 26.76 16.40 -6.64
N HIS D 199 27.51 16.63 -7.70
CA HIS D 199 28.14 15.54 -8.43
C HIS D 199 28.89 14.64 -7.45
N PRO D 200 28.79 13.31 -7.57
CA PRO D 200 28.14 12.58 -8.66
C PRO D 200 26.72 12.08 -8.37
N PHE D 201 26.01 12.70 -7.43
CA PHE D 201 24.70 12.18 -7.08
C PHE D 201 23.71 12.22 -8.24
N PRO D 202 23.53 13.33 -8.98
CA PRO D 202 22.62 13.28 -10.14
C PRO D 202 22.97 12.20 -11.15
N GLU D 203 24.26 11.92 -11.34
CA GLU D 203 24.65 10.87 -12.29
C GLU D 203 24.35 9.49 -11.73
N ILE D 204 24.58 9.28 -10.43
CA ILE D 204 24.34 7.98 -9.82
C ILE D 204 22.84 7.68 -9.78
N VAL D 205 22.04 8.66 -9.41
CA VAL D 205 20.59 8.46 -9.34
C VAL D 205 20.02 8.20 -10.73
N ARG D 206 20.51 8.94 -11.74
CA ARG D 206 20.04 8.74 -13.11
C ARG D 206 20.30 7.31 -13.58
N ASP D 207 21.52 6.82 -13.37
CA ASP D 207 21.90 5.51 -13.88
C ASP D 207 21.10 4.39 -13.20
N PHE D 208 20.88 4.50 -11.89
CA PHE D 208 20.13 3.48 -11.18
C PHE D 208 18.65 3.51 -11.55
N GLN D 209 18.13 4.69 -11.92
CA GLN D 209 16.75 4.79 -12.38
C GLN D 209 16.60 4.58 -13.88
N SER D 210 17.71 4.46 -14.63
CA SER D 210 17.64 4.24 -16.06
C SER D 210 17.05 2.88 -16.41
N VAL D 211 16.87 1.99 -15.43
CA VAL D 211 16.16 0.73 -15.67
C VAL D 211 14.73 0.99 -16.11
N ILE D 212 14.17 2.15 -15.77
CA ILE D 212 12.83 2.50 -16.23
C ILE D 212 12.81 2.62 -17.75
N GLY D 213 13.67 3.49 -18.30
CA GLY D 213 13.61 3.77 -19.72
C GLY D 213 14.19 2.66 -20.58
N ARG D 214 15.25 2.01 -20.10
CA ARG D 214 15.85 0.92 -20.87
C ARG D 214 14.88 -0.23 -21.04
N GLU D 215 14.09 -0.53 -20.01
CA GLU D 215 13.08 -1.57 -20.12
C GLU D 215 11.93 -1.14 -21.03
N ALA D 216 11.44 0.08 -20.84
CA ALA D 216 10.34 0.57 -21.66
C ALA D 216 10.69 0.58 -23.13
N LYS D 217 11.93 0.95 -23.46
CA LYS D 217 12.36 1.01 -24.86
C LYS D 217 12.29 -0.37 -25.51
N GLN D 218 12.81 -1.39 -24.83
CA GLN D 218 12.77 -2.74 -25.37
C GLN D 218 11.37 -3.36 -25.25
N GLN D 219 10.61 -2.98 -24.23
CA GLN D 219 9.25 -3.51 -24.09
C GLN D 219 8.31 -2.92 -25.14
N TYR D 220 8.45 -1.63 -25.44
CA TYR D 220 7.59 -1.01 -26.45
C TYR D 220 7.76 -1.67 -27.81
N ARG D 221 9.00 -2.03 -28.16
CA ARG D 221 9.26 -2.68 -29.44
C ARG D 221 8.70 -4.09 -29.46
N ASP D 222 8.98 -4.88 -28.42
CA ASP D 222 8.48 -6.25 -28.38
C ASP D 222 6.97 -6.30 -28.31
N LEU D 223 6.34 -5.25 -27.77
CA LEU D 223 4.89 -5.23 -27.59
C LEU D 223 4.16 -4.73 -28.83
N THR D 224 4.57 -3.57 -29.37
CA THR D 224 3.85 -2.93 -30.45
C THR D 224 4.41 -3.23 -31.83
N GLY D 225 5.63 -3.74 -31.92
CA GLY D 225 6.29 -3.92 -33.20
C GLY D 225 6.83 -2.66 -33.83
N ARG D 226 6.54 -1.49 -33.26
CA ARG D 226 7.07 -0.23 -33.75
C ARG D 226 8.45 0.02 -33.15
N ASP D 227 9.12 1.04 -33.68
CA ASP D 227 10.50 1.31 -33.28
C ASP D 227 10.56 2.13 -31.99
N LEU D 228 9.89 3.27 -31.98
CA LEU D 228 9.96 4.20 -30.86
C LEU D 228 8.58 4.79 -30.60
N PRO D 229 8.24 5.08 -29.35
CA PRO D 229 7.03 5.84 -29.07
C PRO D 229 7.22 7.28 -29.51
N ASP D 230 6.11 8.00 -29.60
CA ASP D 230 6.17 9.38 -30.06
C ASP D 230 6.45 10.36 -28.92
N ALA D 231 6.11 10.02 -27.69
CA ALA D 231 6.31 10.93 -26.57
C ALA D 231 6.52 10.15 -25.28
N LEU D 232 7.23 10.78 -24.35
CA LEU D 232 7.44 10.26 -23.01
C LEU D 232 6.93 11.30 -22.00
N VAL D 233 6.28 10.82 -20.94
CA VAL D 233 5.73 11.71 -19.92
C VAL D 233 6.06 11.14 -18.56
N ALA D 234 6.54 12.00 -17.67
CA ALA D 234 6.84 11.64 -16.29
C ALA D 234 6.68 12.87 -15.42
N CYS D 235 6.28 12.66 -14.17
CA CYS D 235 6.22 13.76 -13.22
C CYS D 235 7.62 14.08 -12.74
N VAL D 236 7.78 15.30 -12.22
CA VAL D 236 9.09 15.84 -11.89
C VAL D 236 9.04 16.46 -10.50
N GLY D 237 9.70 15.82 -9.54
CA GLY D 237 10.04 16.47 -8.30
C GLY D 237 11.48 16.94 -8.38
N GLY D 238 12.40 16.16 -7.82
CA GLY D 238 13.80 16.38 -8.11
C GLY D 238 14.21 15.87 -9.47
N GLY D 239 13.52 14.84 -9.97
CA GLY D 239 13.68 14.40 -11.34
C GLY D 239 14.16 12.98 -11.54
N SER D 240 14.18 12.18 -10.48
CA SER D 240 14.80 10.86 -10.58
C SER D 240 14.03 9.94 -11.51
N ASN D 241 12.71 9.83 -11.35
CA ASN D 241 11.96 8.92 -12.20
C ASN D 241 11.83 9.45 -13.62
N ALA D 242 11.78 10.77 -13.80
CA ALA D 242 11.70 11.33 -15.14
C ALA D 242 13.01 11.11 -15.90
N ILE D 243 14.15 11.39 -15.26
CA ILE D 243 15.42 11.22 -15.95
C ILE D 243 15.72 9.75 -16.18
N GLY D 244 15.18 8.87 -15.34
CA GLY D 244 15.34 7.44 -15.57
C GLY D 244 14.58 6.96 -16.78
N LEU D 245 13.47 7.63 -17.12
CA LEU D 245 12.71 7.29 -18.31
C LEU D 245 13.28 7.98 -19.55
N PHE D 246 13.74 9.23 -19.39
CA PHE D 246 14.17 10.00 -20.56
C PHE D 246 15.52 9.54 -21.06
N HIS D 247 16.50 9.39 -20.16
CA HIS D 247 17.89 9.20 -20.55
C HIS D 247 18.13 8.07 -21.56
N PRO D 248 17.50 6.89 -21.45
CA PRO D 248 17.72 5.86 -22.48
C PRO D 248 17.21 6.25 -23.86
N PHE D 249 16.40 7.31 -23.98
CA PHE D 249 15.90 7.78 -25.27
C PHE D 249 16.56 9.06 -25.73
N VAL D 250 17.55 9.59 -24.99
CA VAL D 250 17.99 10.96 -25.20
C VAL D 250 18.58 11.17 -26.59
N GLU D 251 19.14 10.12 -27.20
CA GLU D 251 19.69 10.23 -28.54
C GLU D 251 18.68 9.88 -29.63
N ASP D 252 17.45 9.53 -29.28
CA ASP D 252 16.39 9.24 -30.24
C ASP D 252 15.61 10.54 -30.45
N GLU D 253 15.98 11.28 -31.49
CA GLU D 253 15.47 12.65 -31.67
C GLU D 253 13.97 12.68 -31.95
N SER D 254 13.39 11.61 -32.49
CA SER D 254 11.97 11.62 -32.80
C SER D 254 11.09 11.45 -31.57
N VAL D 255 11.66 11.09 -30.43
CA VAL D 255 10.89 10.84 -29.22
C VAL D 255 10.86 12.12 -28.39
N ALA D 256 9.67 12.71 -28.25
CA ALA D 256 9.51 13.90 -27.45
C ALA D 256 9.42 13.55 -25.97
N MET D 257 9.78 14.52 -25.12
CA MET D 257 9.85 14.31 -23.69
C MET D 257 9.12 15.42 -22.96
N TYR D 258 8.28 15.04 -22.00
CA TYR D 258 7.51 16.00 -21.22
C TYR D 258 7.65 15.69 -19.74
N GLY D 259 8.10 16.67 -18.96
CA GLY D 259 8.10 16.56 -17.52
C GLY D 259 7.03 17.43 -16.91
N THR D 260 6.15 16.85 -16.10
CA THR D 260 5.00 17.56 -15.56
C THR D 260 5.35 18.12 -14.19
N GLU D 261 5.39 19.45 -14.09
CA GLU D 261 5.70 20.13 -12.84
C GLU D 261 4.44 20.34 -12.02
N ALA D 262 4.62 20.46 -10.71
CA ALA D 262 3.51 20.72 -9.80
C ALA D 262 3.21 22.21 -9.82
N ALA D 263 2.05 22.58 -10.38
CA ALA D 263 1.62 23.96 -10.44
C ALA D 263 0.85 24.38 -9.19
N GLY D 264 0.57 23.45 -8.28
CA GLY D 264 -0.08 23.80 -7.03
C GLY D 264 -1.42 24.46 -7.25
N LEU D 265 -1.64 25.57 -6.55
CA LEU D 265 -2.87 26.35 -6.68
C LEU D 265 -2.92 27.13 -7.99
N GLY D 266 -1.82 27.23 -8.72
CA GLY D 266 -1.78 28.00 -9.94
C GLY D 266 -0.42 28.63 -10.16
N VAL D 267 0.04 28.62 -11.42
CA VAL D 267 1.40 29.06 -11.73
C VAL D 267 1.63 30.51 -11.31
N ASP D 268 0.57 31.33 -11.34
CA ASP D 268 0.69 32.74 -11.01
C ASP D 268 0.27 33.04 -9.57
N THR D 269 0.07 32.02 -8.75
CA THR D 269 -0.28 32.21 -7.35
C THR D 269 0.98 32.13 -6.49
N GLU D 270 0.78 32.23 -5.17
CA GLU D 270 1.87 32.15 -4.22
C GLU D 270 2.21 30.71 -3.82
N HIS D 271 1.39 29.74 -4.22
CA HIS D 271 1.54 28.35 -3.79
C HIS D 271 1.66 27.46 -5.02
N HIS D 272 2.89 27.23 -5.47
CA HIS D 272 3.16 26.34 -6.58
C HIS D 272 4.58 25.80 -6.45
N ALA D 273 4.93 24.89 -7.36
CA ALA D 273 6.26 24.30 -7.39
C ALA D 273 6.78 24.20 -8.82
N ALA D 274 6.37 25.12 -9.69
CA ALA D 274 6.74 25.09 -11.11
C ALA D 274 8.12 25.70 -11.28
N THR D 275 9.14 24.85 -11.10
CA THR D 275 10.52 25.30 -11.06
C THR D 275 10.95 25.88 -12.41
N LEU D 276 10.75 25.12 -13.49
CA LEU D 276 11.21 25.58 -14.80
C LEU D 276 10.26 26.57 -15.46
N THR D 277 9.05 26.72 -14.94
CA THR D 277 8.11 27.71 -15.48
C THR D 277 8.30 29.08 -14.85
N LYS D 278 8.67 29.15 -13.57
CA LYS D 278 8.77 30.41 -12.86
C LYS D 278 10.16 30.65 -12.25
N GLY D 279 11.07 29.70 -12.30
CA GLY D 279 12.37 29.84 -11.69
C GLY D 279 13.46 30.27 -12.66
N ARG D 280 14.67 30.31 -12.15
CA ARG D 280 15.85 30.72 -12.91
C ARG D 280 17.08 30.13 -12.25
N PRO D 281 18.20 30.05 -12.98
CA PRO D 281 19.37 29.34 -12.46
C PRO D 281 19.94 29.96 -11.20
N GLY D 282 20.27 29.11 -10.23
CA GLY D 282 20.92 29.49 -9.00
C GLY D 282 21.64 28.30 -8.41
N VAL D 283 22.34 28.54 -7.30
CA VAL D 283 23.15 27.52 -6.64
C VAL D 283 22.47 27.14 -5.33
N LEU D 284 22.04 25.88 -5.23
CA LEU D 284 21.36 25.38 -4.05
C LEU D 284 21.63 23.89 -3.92
N HIS D 285 21.78 23.42 -2.67
CA HIS D 285 21.99 22.01 -2.37
C HIS D 285 23.20 21.45 -3.12
N GLY D 286 24.19 22.29 -3.36
CA GLY D 286 25.41 21.84 -4.02
C GLY D 286 25.33 21.69 -5.52
N SER D 287 24.35 22.31 -6.16
CA SER D 287 24.19 22.17 -7.61
C SER D 287 23.71 23.48 -8.20
N LEU D 288 24.25 23.80 -9.39
CA LEU D 288 23.81 24.96 -10.16
C LEU D 288 22.63 24.51 -11.02
N MET D 289 21.44 25.02 -10.71
CA MET D 289 20.20 24.49 -11.27
C MET D 289 19.15 25.59 -11.26
N ASP D 290 18.06 25.34 -12.00
CA ASP D 290 16.90 26.21 -11.92
C ASP D 290 16.20 26.01 -10.58
N VAL D 291 15.76 27.12 -9.99
CA VAL D 291 15.20 27.09 -8.64
C VAL D 291 14.32 28.31 -8.46
N LEU D 292 13.21 28.13 -7.74
CA LEU D 292 12.35 29.25 -7.38
C LEU D 292 13.05 30.14 -6.37
N GLN D 293 13.18 31.42 -6.69
CA GLN D 293 13.96 32.33 -5.85
C GLN D 293 13.55 33.75 -6.14
N ASP D 294 13.77 34.64 -5.15
CA ASP D 294 13.46 36.04 -5.30
C ASP D 294 14.58 36.74 -6.07
N ALA D 295 14.47 38.06 -6.22
CA ALA D 295 15.44 38.81 -7.01
C ALA D 295 16.81 38.85 -6.36
N HIS D 296 16.91 38.58 -5.06
CA HIS D 296 18.18 38.66 -4.34
C HIS D 296 18.81 37.30 -4.11
N GLY D 297 18.23 36.23 -4.65
CA GLY D 297 18.81 34.91 -4.55
C GLY D 297 18.33 34.08 -3.38
N GLN D 298 17.26 34.48 -2.71
CA GLN D 298 16.71 33.71 -1.60
C GLN D 298 15.71 32.69 -2.12
N ILE D 299 15.80 31.46 -1.61
CA ILE D 299 15.01 30.36 -2.13
C ILE D 299 13.58 30.47 -1.63
N LEU D 300 12.63 30.37 -2.56
CA LEU D 300 11.22 30.48 -2.24
C LEU D 300 10.62 29.11 -1.91
N GLU D 301 9.60 29.12 -1.07
CA GLU D 301 8.95 27.88 -0.66
C GLU D 301 8.06 27.36 -1.78
N ALA D 302 8.08 26.04 -1.98
CA ALA D 302 7.26 25.39 -3.00
C ALA D 302 6.05 24.73 -2.36
N PHE D 303 4.94 24.73 -3.09
CA PHE D 303 3.68 24.18 -2.61
C PHE D 303 3.07 23.27 -3.66
N SER D 304 2.53 22.14 -3.19
CA SER D 304 1.85 21.19 -4.06
C SER D 304 0.95 20.32 -3.20
N ILE D 305 -0.14 19.84 -3.80
CA ILE D 305 -1.00 18.89 -3.09
C ILE D 305 -0.26 17.60 -2.81
N SER D 306 0.75 17.30 -3.62
CA SER D 306 1.58 16.11 -3.46
C SER D 306 2.88 16.51 -2.80
N ALA D 307 3.14 15.97 -1.60
CA ALA D 307 4.33 16.36 -0.84
C ALA D 307 5.61 15.98 -1.59
N GLY D 308 5.59 14.93 -2.39
CA GLY D 308 6.77 14.51 -3.10
C GLY D 308 7.19 15.39 -4.26
N LEU D 309 6.45 16.46 -4.54
N LEU D 309 6.45 16.46 -4.54
CA LEU D 309 6.77 17.34 -5.67
CA LEU D 309 6.75 17.34 -5.67
C LEU D 309 6.96 18.79 -5.24
C LEU D 309 6.91 18.80 -5.24
N ASP D 310 6.93 19.09 -3.94
CA ASP D 310 7.05 20.46 -3.45
C ASP D 310 8.50 20.91 -3.30
N TYR D 311 9.34 20.60 -4.26
CA TYR D 311 10.71 21.05 -4.10
C TYR D 311 10.96 22.30 -4.92
N PRO D 312 11.69 23.28 -4.36
CA PRO D 312 11.91 24.54 -5.09
C PRO D 312 12.84 24.39 -6.29
N GLY D 313 13.71 23.39 -6.28
CA GLY D 313 14.66 23.19 -7.34
C GLY D 313 14.33 21.99 -8.22
N ILE D 314 15.27 21.67 -9.10
CA ILE D 314 15.11 20.56 -10.03
C ILE D 314 16.51 20.08 -10.42
N GLY D 315 16.61 18.78 -10.73
CA GLY D 315 17.87 18.19 -11.09
C GLY D 315 18.60 18.96 -12.19
N PRO D 316 19.92 19.01 -12.09
CA PRO D 316 20.69 19.76 -13.10
C PRO D 316 20.53 19.22 -14.51
N GLU D 317 20.41 17.90 -14.67
CA GLU D 317 20.25 17.34 -16.00
C GLU D 317 18.93 17.76 -16.63
N HIS D 318 17.90 17.96 -15.82
CA HIS D 318 16.63 18.45 -16.35
C HIS D 318 16.74 19.91 -16.77
N SER D 319 17.45 20.73 -15.98
CA SER D 319 17.71 22.10 -16.38
C SER D 319 18.49 22.14 -17.68
N HIS D 320 19.40 21.19 -17.88
CA HIS D 320 20.13 21.09 -19.13
C HIS D 320 19.18 20.74 -20.29
N TYR D 321 18.36 19.70 -20.10
CA TYR D 321 17.37 19.34 -21.11
C TYR D 321 16.48 20.53 -21.45
N HIS D 322 16.02 21.26 -20.44
CA HIS D 322 15.17 22.43 -20.68
C HIS D 322 15.94 23.52 -21.43
N ASP D 323 17.24 23.63 -21.20
CA ASP D 323 18.03 24.68 -21.84
C ASP D 323 18.20 24.40 -23.33
N ILE D 324 18.54 23.17 -23.69
CA ILE D 324 18.82 22.81 -25.08
C ILE D 324 17.55 22.33 -25.77
N LYS D 325 16.40 22.52 -25.12
CA LYS D 325 15.08 22.25 -25.70
C LYS D 325 14.88 20.77 -26.01
N ARG D 326 15.60 19.89 -25.30
CA ARG D 326 15.41 18.45 -25.52
C ARG D 326 14.12 17.96 -24.90
N ALA D 327 13.69 18.55 -23.78
CA ALA D 327 12.47 18.16 -23.11
C ALA D 327 11.64 19.39 -22.80
N SER D 328 10.32 19.21 -22.78
CA SER D 328 9.39 20.25 -22.39
C SER D 328 8.92 20.00 -20.96
N TYR D 329 8.65 21.08 -20.25
CA TYR D 329 8.24 21.00 -18.85
C TYR D 329 6.98 21.83 -18.66
N VAL D 330 5.91 21.17 -18.24
CA VAL D 330 4.57 21.72 -18.28
C VAL D 330 4.04 21.79 -16.85
N PRO D 331 3.40 22.89 -16.45
CA PRO D 331 2.77 22.91 -15.13
C PRO D 331 1.45 22.16 -15.14
N VAL D 332 1.20 21.42 -14.06
CA VAL D 332 -0.05 20.71 -13.85
C VAL D 332 -0.55 21.06 -12.46
N THR D 333 -1.81 21.51 -12.37
CA THR D 333 -2.32 22.09 -11.15
C THR D 333 -2.76 21.02 -10.15
N ASP D 334 -3.04 21.48 -8.92
CA ASP D 334 -3.60 20.60 -7.89
C ASP D 334 -4.86 19.90 -8.37
N GLU D 335 -5.81 20.68 -8.90
CA GLU D 335 -7.09 20.11 -9.33
C GLU D 335 -6.91 19.18 -10.52
N GLU D 336 -6.03 19.55 -11.46
CA GLU D 336 -5.77 18.67 -12.59
C GLU D 336 -5.22 17.32 -12.14
N ALA D 337 -4.37 17.33 -11.11
CA ALA D 337 -3.83 16.07 -10.60
C ALA D 337 -4.90 15.27 -9.87
N LEU D 338 -5.87 15.94 -9.24
CA LEU D 338 -6.95 15.22 -8.57
C LEU D 338 -7.84 14.50 -9.58
N GLU D 339 -8.15 15.16 -10.69
CA GLU D 339 -8.93 14.50 -11.74
C GLU D 339 -8.22 13.26 -12.26
N GLY D 340 -6.91 13.36 -12.49
CA GLY D 340 -6.17 12.21 -12.98
C GLY D 340 -6.13 11.07 -11.97
N PHE D 341 -6.02 11.41 -10.68
CA PHE D 341 -6.06 10.39 -9.63
C PHE D 341 -7.37 9.60 -9.69
N GLN D 342 -8.50 10.31 -9.77
CA GLN D 342 -9.79 9.63 -9.82
C GLN D 342 -10.03 8.97 -11.17
N LEU D 343 -9.52 9.55 -12.25
CA LEU D 343 -9.77 9.01 -13.59
C LEU D 343 -9.13 7.65 -13.76
N LEU D 344 -7.84 7.54 -13.44
CA LEU D 344 -7.14 6.27 -13.62
C LEU D 344 -7.70 5.19 -12.70
N SER D 345 -8.20 5.57 -11.53
CA SER D 345 -8.72 4.59 -10.58
C SER D 345 -9.91 3.84 -11.16
N ARG D 346 -10.89 4.57 -11.71
CA ARG D 346 -12.11 3.92 -12.18
C ARG D 346 -12.03 3.45 -13.63
N VAL D 347 -11.18 4.07 -14.44
CA VAL D 347 -11.09 3.68 -15.84
C VAL D 347 -10.18 2.48 -16.03
N GLU D 348 -9.08 2.41 -15.27
CA GLU D 348 -8.12 1.33 -15.40
C GLU D 348 -7.99 0.45 -14.16
N GLY D 349 -8.57 0.84 -13.04
CA GLY D 349 -8.39 0.04 -11.84
C GLY D 349 -7.07 0.22 -11.15
N ILE D 350 -6.24 1.17 -11.58
CA ILE D 350 -4.96 1.47 -10.97
C ILE D 350 -5.09 2.76 -10.19
N ILE D 351 -4.85 2.69 -8.88
CA ILE D 351 -4.86 3.87 -8.01
C ILE D 351 -3.46 4.47 -8.02
N PRO D 352 -3.23 5.60 -8.67
CA PRO D 352 -1.88 6.15 -8.78
C PRO D 352 -1.54 7.06 -7.60
N ALA D 353 -0.25 7.22 -7.37
CA ALA D 353 0.20 8.20 -6.40
C ALA D 353 -0.18 9.61 -6.87
N LEU D 354 -0.30 10.52 -5.91
CA LEU D 354 -0.58 11.91 -6.27
C LEU D 354 0.53 12.49 -7.13
N GLU D 355 1.78 12.06 -6.91
CA GLU D 355 2.88 12.47 -7.78
C GLU D 355 2.62 12.04 -9.22
N SER D 356 2.36 10.75 -9.42
CA SER D 356 2.16 10.24 -10.77
C SER D 356 0.89 10.79 -11.40
N SER D 357 -0.08 11.22 -10.59
CA SER D 357 -1.32 11.77 -11.12
C SER D 357 -1.09 13.05 -11.90
N HIS D 358 0.00 13.77 -11.64
CA HIS D 358 0.34 14.92 -12.47
C HIS D 358 0.68 14.50 -13.89
N ALA D 359 1.38 13.36 -14.03
CA ALA D 359 1.70 12.85 -15.36
C ALA D 359 0.47 12.32 -16.07
N ILE D 360 -0.38 11.59 -15.35
CA ILE D 360 -1.64 11.10 -15.93
C ILE D 360 -2.47 12.27 -16.44
N ALA D 361 -2.57 13.33 -15.63
CA ALA D 361 -3.38 14.49 -16.00
C ALA D 361 -2.89 15.12 -17.29
N PHE D 362 -1.58 15.35 -17.40
CA PHE D 362 -1.04 15.90 -18.65
C PHE D 362 -1.09 14.86 -19.77
N ALA D 363 -1.11 13.58 -19.42
CA ALA D 363 -1.18 12.54 -20.44
C ALA D 363 -2.45 12.65 -21.26
N VAL D 364 -3.58 12.94 -20.60
CA VAL D 364 -4.84 13.08 -21.33
C VAL D 364 -4.82 14.34 -22.19
N LYS D 365 -4.09 15.37 -21.75
CA LYS D 365 -3.94 16.57 -22.58
C LYS D 365 -3.12 16.26 -23.83
N LEU D 366 -1.93 15.68 -23.64
CA LEU D 366 -1.07 15.36 -24.77
C LEU D 366 -1.72 14.35 -25.71
N ALA D 367 -2.53 13.44 -25.16
CA ALA D 367 -3.16 12.42 -25.99
C ALA D 367 -4.10 13.04 -27.02
N LYS D 368 -4.90 14.02 -26.59
CA LYS D 368 -5.78 14.71 -27.53
C LYS D 368 -4.98 15.46 -28.59
N GLU D 369 -3.80 15.98 -28.24
CA GLU D 369 -3.01 16.76 -29.17
C GLU D 369 -2.38 15.88 -30.24
N LEU D 370 -1.90 14.69 -29.87
CA LEU D 370 -1.19 13.84 -30.82
C LEU D 370 -2.14 13.05 -31.71
N GLY D 371 -3.36 12.80 -31.26
CA GLY D 371 -4.31 12.05 -32.04
C GLY D 371 -4.11 10.54 -31.93
N PRO D 372 -5.11 9.77 -32.33
CA PRO D 372 -5.04 8.31 -32.16
C PRO D 372 -4.00 7.61 -33.03
N GLU D 373 -3.21 8.35 -33.82
CA GLU D 373 -2.18 7.75 -34.65
C GLU D 373 -0.82 7.70 -33.96
N LYS D 374 -0.71 8.25 -32.75
CA LYS D 374 0.56 8.33 -32.04
C LYS D 374 0.50 7.53 -30.75
N SER D 375 1.67 7.37 -30.12
CA SER D 375 1.80 6.58 -28.91
C SER D 375 2.69 7.31 -27.92
N MET D 376 2.41 7.10 -26.63
CA MET D 376 3.21 7.69 -25.57
C MET D 376 3.47 6.66 -24.48
N ILE D 377 4.59 6.83 -23.79
CA ILE D 377 4.91 6.04 -22.61
C ILE D 377 4.88 6.98 -21.40
N VAL D 378 3.99 6.70 -20.46
CA VAL D 378 3.89 7.46 -19.22
C VAL D 378 4.51 6.63 -18.11
N CYS D 379 5.38 7.25 -17.32
CA CYS D 379 5.96 6.59 -16.16
C CYS D 379 4.98 6.71 -15.00
N LEU D 380 4.37 5.58 -14.62
CA LEU D 380 3.50 5.52 -13.45
C LEU D 380 4.38 5.27 -12.24
N SER D 381 4.89 6.35 -11.65
CA SER D 381 5.99 6.25 -10.71
C SER D 381 5.62 5.47 -9.45
N GLY D 382 4.36 5.58 -9.00
CA GLY D 382 3.97 4.91 -7.77
C GLY D 382 2.49 4.64 -7.70
N ARG D 383 2.13 3.75 -6.78
CA ARG D 383 0.75 3.48 -6.44
C ARG D 383 0.26 4.48 -5.40
N GLY D 384 -1.06 4.63 -5.32
CA GLY D 384 -1.67 5.70 -4.55
C GLY D 384 -2.21 5.34 -3.18
N ASP D 385 -1.84 4.19 -2.62
CA ASP D 385 -2.35 3.82 -1.30
C ASP D 385 -1.95 4.84 -0.25
N LYS D 386 -0.74 5.40 -0.37
CA LYS D 386 -0.27 6.41 0.58
C LYS D 386 -1.06 7.71 0.49
N ASP D 387 -1.90 7.87 -0.53
CA ASP D 387 -2.62 9.12 -0.75
C ASP D 387 -4.14 8.99 -0.61
N VAL D 388 -4.65 7.79 -0.34
CA VAL D 388 -6.09 7.60 -0.25
C VAL D 388 -6.66 8.41 0.91
N VAL D 389 -5.96 8.44 2.04
CA VAL D 389 -6.44 9.17 3.21
C VAL D 389 -6.55 10.66 2.90
N GLN D 390 -5.51 11.22 2.27
CA GLN D 390 -5.51 12.65 1.97
C GLN D 390 -6.57 12.99 0.93
N VAL D 391 -6.75 12.13 -0.08
CA VAL D 391 -7.72 12.40 -1.13
C VAL D 391 -9.14 12.28 -0.60
N LYS D 392 -9.39 11.28 0.25
CA LYS D 392 -10.72 11.10 0.82
C LYS D 392 -11.15 12.30 1.65
N ASP D 393 -10.23 12.85 2.45
CA ASP D 393 -10.54 14.05 3.23
C ASP D 393 -10.78 15.25 2.33
N ARG D 394 -9.96 15.42 1.30
CA ARG D 394 -10.09 16.57 0.42
C ARG D 394 -11.45 16.55 -0.31
N LEU D 395 -11.86 15.38 -0.80
CA LEU D 395 -13.13 15.29 -1.50
C LEU D 395 -14.31 15.39 -0.54
N GLU D 396 -14.14 14.94 0.71
CA GLU D 396 -15.22 15.06 1.69
C GLU D 396 -15.34 16.49 2.20
N ALA D 397 -14.22 17.15 2.48
CA ALA D 397 -14.27 18.54 2.91
C ALA D 397 -14.90 19.43 1.85
N ASP D 398 -14.57 19.18 0.58
CA ASP D 398 -15.14 19.98 -0.50
C ASP D 398 -16.60 19.63 -0.76
N ALA D 399 -17.04 18.43 -0.37
CA ALA D 399 -18.43 18.05 -0.59
C ALA D 399 -19.37 18.87 0.29
N ALA D 400 -19.11 18.91 1.60
CA ALA D 400 -19.95 19.67 2.50
C ALA D 400 -19.85 21.17 2.25
N LYS D 401 -18.70 21.63 1.74
CA LYS D 401 -18.49 23.05 1.47
C LYS D 401 -19.02 23.49 0.11
N LYS D 402 -19.43 22.55 -0.75
CA LYS D 402 -19.94 22.89 -2.07
C LYS D 402 -20.77 21.76 -2.64
C1 GOL E . -35.24 -29.43 -3.02
O1 GOL E . -36.28 -29.23 -3.97
C2 GOL E . -35.65 -30.55 -2.06
O2 GOL E . -34.56 -31.42 -1.85
C3 GOL E . -36.09 -29.94 -0.73
O3 GOL E . -36.36 -30.98 0.20
C1 GOL F . 35.95 28.38 0.34
O1 GOL F . 36.13 26.98 0.18
C2 GOL F . 36.78 29.13 -0.70
O2 GOL F . 37.03 28.27 -1.80
C3 GOL F . 36.00 30.34 -1.18
O3 GOL F . 35.69 31.16 -0.08
C1 GOL G . -8.40 3.33 -29.55
O1 GOL G . -9.23 2.41 -30.24
C2 GOL G . -7.62 4.17 -30.55
O2 GOL G . -7.16 5.35 -29.92
C3 GOL G . -6.44 3.36 -31.06
O3 GOL G . -5.51 4.22 -31.68
#